data_6E0G
#
_entry.id   6E0G
#
_cell.length_a   1
_cell.length_b   1
_cell.length_c   1
_cell.angle_alpha   90.000
_cell.angle_beta   90.000
_cell.angle_gamma   90.000
#
_symmetry.space_group_name_H-M   'P 1'
#
_entity_poly.entity_id   1
_entity_poly.type   'polypeptide(L)'
_entity_poly.pdbx_seq_one_letter_code
;MLRRLPTSCFLKRSQFRGFAATSPLLNLDYQMYRTATVREAAPQFSGQAVVNGAIKDINMNDYKGKYIVLFFYPMDFTFV
CPTEIIAFSDRHADFEKLNTQVVAVSCDSVYSHLAWVNTPRKKGGLGEMHIPVLADKSMEIARDYGVLIEESGIALRGLF
IIDKKGILRHSTINDLPVGRNVDEALRVLEAFQYADENGDAIPCGWKPGQPTLDTTKAGEFFEKNM
;
_entity_poly.pdbx_strand_id   J,A,B,C,D,E,F,G,H,I
#
# COMPACT_ATOMS: atom_id res chain seq x y z
N THR A 35 10.33 23.38 6.42
CA THR A 35 10.00 24.78 6.15
C THR A 35 11.25 25.56 5.81
N ALA A 36 11.74 26.39 6.74
CA ALA A 36 12.93 27.21 6.53
C ALA A 36 13.92 26.88 7.64
N THR A 37 14.74 25.87 7.40
CA THR A 37 15.83 25.55 8.31
C THR A 37 16.89 26.65 8.18
N VAL A 38 17.62 26.87 9.27
CA VAL A 38 18.65 27.91 9.27
C VAL A 38 19.79 27.52 8.35
N ARG A 39 20.50 26.44 8.65
CA ARG A 39 21.75 26.12 7.95
C ARG A 39 21.51 25.65 6.48
N GLU A 40 20.26 25.49 6.08
CA GLU A 40 19.88 25.13 4.72
C GLU A 40 19.60 26.39 3.92
N ALA A 41 19.08 26.20 2.71
CA ALA A 41 18.79 27.30 1.81
C ALA A 41 17.45 27.93 2.16
N ALA A 42 17.40 29.26 2.13
CA ALA A 42 16.15 29.95 2.40
C ALA A 42 15.16 29.70 1.27
N PRO A 43 13.88 29.54 1.57
CA PRO A 43 12.89 29.39 0.51
C PRO A 43 12.69 30.72 -0.22
N GLN A 44 12.33 30.62 -1.50
CA GLN A 44 12.16 31.78 -2.33
C GLN A 44 10.88 32.52 -1.96
N PHE A 45 10.93 33.85 -2.00
CA PHE A 45 9.73 34.64 -1.88
C PHE A 45 9.56 35.52 -3.11
N SER A 46 8.32 35.75 -3.49
CA SER A 46 7.99 36.45 -4.72
C SER A 46 6.55 36.95 -4.61
N GLY A 47 6.35 38.23 -4.81
CA GLY A 47 4.99 38.74 -4.78
C GLY A 47 4.96 40.24 -4.95
N GLN A 48 3.75 40.76 -4.94
CA GLN A 48 3.51 42.19 -5.15
C GLN A 48 3.79 42.93 -3.86
N ALA A 49 4.86 43.71 -3.84
CA ALA A 49 5.20 44.50 -2.68
C ALA A 49 4.71 45.92 -2.85
N VAL A 50 4.97 46.76 -1.86
CA VAL A 50 4.69 48.19 -1.93
C VAL A 50 6.00 48.92 -1.64
N VAL A 51 6.60 49.48 -2.67
CA VAL A 51 7.81 50.30 -2.54
C VAL A 51 7.47 51.70 -3.02
N ASN A 52 7.64 52.68 -2.13
CA ASN A 52 7.51 54.11 -2.42
C ASN A 52 6.11 54.48 -2.90
N GLY A 53 5.10 53.74 -2.45
CA GLY A 53 3.73 54.09 -2.71
C GLY A 53 3.10 53.44 -3.93
N ALA A 54 3.63 52.31 -4.39
CA ALA A 54 3.07 51.63 -5.55
C ALA A 54 3.48 50.17 -5.53
N ILE A 55 2.80 49.39 -6.35
CA ILE A 55 2.95 47.95 -6.41
C ILE A 55 4.06 47.59 -7.39
N LYS A 56 5.00 46.74 -6.98
CA LYS A 56 6.21 46.52 -7.74
C LYS A 56 6.47 45.09 -8.19
N ASP A 57 5.77 44.09 -7.63
CA ASP A 57 5.83 42.67 -8.04
C ASP A 57 7.26 42.13 -7.93
N ILE A 58 7.73 42.04 -6.69
CA ILE A 58 9.14 41.86 -6.38
C ILE A 58 9.43 40.40 -6.08
N ASN A 59 10.48 39.88 -6.71
CA ASN A 59 11.03 38.56 -6.45
C ASN A 59 12.20 38.69 -5.49
N MET A 60 12.55 37.57 -4.85
CA MET A 60 13.74 37.48 -4.02
C MET A 60 15.01 37.77 -4.82
N ASN A 61 15.02 37.33 -6.09
CA ASN A 61 16.16 37.47 -6.99
C ASN A 61 16.47 38.90 -7.36
N ASP A 62 15.56 39.84 -7.08
CA ASP A 62 15.86 41.26 -7.21
C ASP A 62 16.95 41.71 -6.26
N TYR A 63 17.15 40.99 -5.14
CA TYR A 63 18.11 41.40 -4.12
C TYR A 63 19.24 40.40 -4.00
N LYS A 64 19.62 39.78 -5.11
CA LYS A 64 20.77 38.89 -5.16
C LYS A 64 22.05 39.68 -4.92
N GLY A 65 22.96 39.10 -4.12
CA GLY A 65 24.14 39.80 -3.70
C GLY A 65 23.97 40.62 -2.44
N LYS A 66 22.79 40.57 -1.82
CA LYS A 66 22.52 41.23 -0.56
C LYS A 66 22.09 40.20 0.48
N TYR A 67 22.40 40.48 1.73
CA TYR A 67 21.68 39.85 2.82
C TYR A 67 20.22 40.28 2.75
N ILE A 68 19.32 39.37 3.11
CA ILE A 68 17.91 39.68 3.17
C ILE A 68 17.49 39.64 4.63
N VAL A 69 16.73 40.63 5.06
CA VAL A 69 16.11 40.63 6.38
C VAL A 69 14.61 40.55 6.12
N LEU A 70 14.09 39.32 6.14
CA LEU A 70 12.69 39.04 5.82
C LEU A 70 11.90 39.20 7.11
N PHE A 71 11.03 40.20 7.16
CA PHE A 71 10.50 40.72 8.42
C PHE A 71 8.98 40.60 8.43
N PHE A 72 8.50 39.49 8.95
CA PHE A 72 7.06 39.23 9.04
C PHE A 72 6.45 40.01 10.19
N TYR A 73 5.48 40.86 9.88
CA TYR A 73 4.55 41.40 10.84
C TYR A 73 3.18 40.77 10.60
N PRO A 74 2.32 40.65 11.64
CA PRO A 74 1.16 39.75 11.52
C PRO A 74 0.03 40.19 10.56
N MET A 75 -0.52 41.39 10.73
CA MET A 75 -1.55 41.88 9.82
C MET A 75 -1.56 43.40 9.80
N ASP A 76 -2.27 43.95 8.82
CA ASP A 76 -2.41 45.38 8.60
C ASP A 76 -3.48 45.99 9.48
N PHE A 77 -3.42 47.32 9.61
CA PHE A 77 -4.46 48.16 10.20
C PHE A 77 -4.78 47.81 11.63
N THR A 78 -3.81 47.28 12.36
CA THR A 78 -4.07 46.80 13.71
C THR A 78 -4.34 47.95 14.65
N PHE A 79 -4.97 47.61 15.79
CA PHE A 79 -5.31 48.63 16.78
C PHE A 79 -4.07 49.16 17.47
N VAL A 80 -3.07 48.30 17.64
CA VAL A 80 -1.79 48.75 18.17
C VAL A 80 -1.06 49.58 17.12
N CYS A 81 -0.24 50.50 17.59
CA CYS A 81 0.53 51.34 16.68
C CYS A 81 1.63 50.51 16.04
N PRO A 82 1.84 50.64 14.73
CA PRO A 82 2.88 49.84 14.06
C PRO A 82 4.28 50.29 14.40
N THR A 83 4.74 49.95 15.62
CA THR A 83 5.99 50.52 16.11
C THR A 83 7.20 49.91 15.43
N GLU A 84 7.20 48.58 15.22
CA GLU A 84 8.41 47.91 14.76
C GLU A 84 8.65 48.13 13.26
N ILE A 85 7.60 48.19 12.45
CA ILE A 85 7.80 48.43 11.02
C ILE A 85 8.14 49.88 10.71
N ILE A 86 7.58 50.83 11.46
CA ILE A 86 8.05 52.21 11.35
C ILE A 86 9.48 52.33 11.88
N ALA A 87 9.82 51.55 12.91
CA ALA A 87 11.18 51.56 13.44
C ALA A 87 12.17 50.90 12.50
N PHE A 88 11.71 50.05 11.58
CA PHE A 88 12.63 49.55 10.55
C PHE A 88 12.70 50.50 9.36
N SER A 89 11.57 51.10 8.98
CA SER A 89 11.55 51.98 7.83
C SER A 89 12.31 53.27 8.09
N ASP A 90 12.29 53.75 9.34
CA ASP A 90 13.06 54.95 9.66
C ASP A 90 14.54 54.65 9.74
N ARG A 91 14.90 53.42 10.09
CA ARG A 91 16.29 52.99 10.20
C ARG A 91 16.75 52.23 8.96
N HIS A 92 16.20 52.55 7.79
CA HIS A 92 16.52 51.82 6.58
C HIS A 92 17.92 52.12 6.07
N ALA A 93 18.49 53.27 6.45
CA ALA A 93 19.86 53.60 6.06
C ALA A 93 20.86 52.67 6.71
N ASP A 94 20.57 52.24 7.95
CA ASP A 94 21.43 51.29 8.64
C ASP A 94 21.39 49.91 8.01
N PHE A 95 20.38 49.62 7.20
CA PHE A 95 20.35 48.37 6.44
C PHE A 95 20.90 48.56 5.03
N GLU A 96 20.81 49.78 4.48
CA GLU A 96 21.48 50.04 3.21
C GLU A 96 22.99 50.06 3.37
N LYS A 97 23.48 50.44 4.55
CA LYS A 97 24.93 50.45 4.81
C LYS A 97 25.50 49.06 5.01
N LEU A 98 24.70 48.09 5.47
CA LEU A 98 25.21 46.74 5.73
C LEU A 98 24.90 45.78 4.59
N ASN A 99 24.58 46.30 3.41
CA ASN A 99 24.39 45.55 2.17
C ASN A 99 23.25 44.52 2.31
N THR A 100 22.14 44.99 2.85
CA THR A 100 21.00 44.12 3.11
C THR A 100 19.73 44.86 2.76
N GLN A 101 18.66 44.09 2.59
CA GLN A 101 17.36 44.66 2.28
C GLN A 101 16.32 44.08 3.23
N VAL A 102 15.60 44.95 3.92
CA VAL A 102 14.53 44.54 4.81
C VAL A 102 13.24 44.44 4.02
N VAL A 103 12.70 43.24 3.91
CA VAL A 103 11.48 42.97 3.17
C VAL A 103 10.40 42.68 4.19
N ALA A 104 9.60 43.68 4.55
CA ALA A 104 8.52 43.48 5.50
C ALA A 104 7.38 42.73 4.83
N VAL A 105 7.02 41.57 5.38
CA VAL A 105 6.02 40.71 4.80
C VAL A 105 4.81 40.70 5.73
N SER A 106 3.62 40.64 5.15
CA SER A 106 2.44 40.27 5.88
C SER A 106 1.60 39.38 4.98
N CYS A 107 0.66 38.66 5.56
CA CYS A 107 -0.24 37.81 4.80
C CYS A 107 -1.43 38.56 4.23
N ASP A 108 -1.38 39.87 4.22
CA ASP A 108 -2.45 40.71 3.71
C ASP A 108 -2.19 41.01 2.25
N SER A 109 -3.25 41.43 1.56
CA SER A 109 -3.14 41.73 0.15
C SER A 109 -2.50 43.09 -0.05
N VAL A 110 -1.95 43.28 -1.26
CA VAL A 110 -1.14 44.46 -1.56
C VAL A 110 -1.97 45.74 -1.60
N TYR A 111 -3.29 45.61 -1.74
CA TYR A 111 -4.15 46.79 -1.68
C TYR A 111 -4.30 47.28 -0.25
N SER A 112 -4.30 46.38 0.73
CA SER A 112 -4.29 46.81 2.13
C SER A 112 -2.95 47.40 2.52
N HIS A 113 -1.85 46.83 2.00
CA HIS A 113 -0.53 47.38 2.22
C HIS A 113 -0.40 48.78 1.66
N LEU A 114 -0.84 48.96 0.40
CA LEU A 114 -0.86 50.28 -0.20
C LEU A 114 -1.84 51.21 0.51
N ALA A 115 -2.85 50.64 1.15
CA ALA A 115 -3.84 51.44 1.86
C ALA A 115 -3.30 52.00 3.16
N TRP A 116 -2.54 51.22 3.91
CA TRP A 116 -2.09 51.73 5.20
C TRP A 116 -0.66 52.25 5.16
N VAL A 117 0.05 52.07 4.06
CA VAL A 117 1.17 52.95 3.80
C VAL A 117 0.65 54.36 3.48
N ASN A 118 -0.44 54.45 2.72
CA ASN A 118 -1.05 55.74 2.40
C ASN A 118 -1.93 56.28 3.51
N THR A 119 -2.12 55.54 4.59
CA THR A 119 -2.80 56.11 5.75
C THR A 119 -1.82 56.97 6.53
N PRO A 120 -2.20 58.21 6.89
CA PRO A 120 -1.28 59.07 7.66
C PRO A 120 -0.98 58.49 9.02
N ARG A 121 0.25 58.76 9.49
CA ARG A 121 0.80 58.08 10.65
C ARG A 121 0.11 58.48 11.95
N LYS A 122 -0.48 59.67 12.01
CA LYS A 122 -1.25 60.07 13.17
C LYS A 122 -2.61 59.39 13.25
N LYS A 123 -3.07 58.77 12.17
CA LYS A 123 -4.30 57.99 12.16
C LYS A 123 -4.05 56.51 12.35
N GLY A 124 -2.97 56.14 13.04
CA GLY A 124 -2.63 54.76 13.25
C GLY A 124 -1.96 54.08 12.09
N GLY A 125 -1.61 54.83 11.04
CA GLY A 125 -1.06 54.25 9.83
C GLY A 125 0.45 54.35 9.77
N LEU A 126 0.98 53.97 8.62
CA LEU A 126 2.43 53.93 8.45
C LEU A 126 2.98 55.29 8.06
N GLY A 127 2.44 55.90 7.01
CA GLY A 127 2.94 57.17 6.55
C GLY A 127 4.06 56.99 5.54
N GLU A 128 5.27 57.43 5.89
CA GLU A 128 6.42 57.15 5.05
C GLU A 128 6.89 55.72 5.31
N MET A 129 6.99 54.92 4.25
CA MET A 129 7.42 53.54 4.38
C MET A 129 8.52 53.29 3.36
N HIS A 130 9.72 52.96 3.84
CA HIS A 130 10.92 52.94 3.00
C HIS A 130 11.49 51.54 2.84
N ILE A 131 10.65 50.52 2.92
CA ILE A 131 11.05 49.13 2.69
C ILE A 131 9.96 48.44 1.88
N PRO A 132 10.31 47.35 1.18
CA PRO A 132 9.27 46.58 0.47
C PRO A 132 8.26 45.94 1.40
N VAL A 133 7.02 46.40 1.32
CA VAL A 133 5.92 45.85 2.13
C VAL A 133 5.32 44.72 1.29
N LEU A 134 5.84 43.52 1.45
CA LEU A 134 5.48 42.41 0.58
C LEU A 134 4.16 41.76 0.99
N ALA A 135 3.32 41.49 -0.01
CA ALA A 135 1.99 40.92 0.20
C ALA A 135 2.02 39.42 -0.02
N ASP A 136 1.92 38.67 1.06
CA ASP A 136 1.84 37.23 1.01
C ASP A 136 0.38 36.79 1.13
N LYS A 137 -0.43 37.21 0.17
CA LYS A 137 -1.87 36.99 0.29
C LYS A 137 -2.23 35.51 0.16
N SER A 138 -1.48 34.77 -0.64
CA SER A 138 -1.66 33.33 -0.72
C SER A 138 -1.04 32.59 0.44
N MET A 139 -0.29 33.30 1.31
CA MET A 139 0.36 32.78 2.52
C MET A 139 1.35 31.67 2.22
N GLU A 140 1.99 31.77 1.06
CA GLU A 140 3.03 30.83 0.62
C GLU A 140 4.40 31.18 1.15
N ILE A 141 4.67 32.47 1.35
CA ILE A 141 5.94 32.90 1.91
C ILE A 141 5.95 32.66 3.41
N ALA A 142 4.85 32.99 4.09
CA ALA A 142 4.76 32.74 5.53
C ALA A 142 4.67 31.26 5.86
N ARG A 143 4.20 30.43 4.94
CA ARG A 143 4.20 29.00 5.18
C ARG A 143 5.59 28.42 5.01
N ASP A 144 6.31 28.89 4.00
CA ASP A 144 7.67 28.43 3.73
C ASP A 144 8.65 28.90 4.78
N TYR A 145 8.37 29.99 5.46
CA TYR A 145 9.23 30.47 6.53
C TYR A 145 8.74 30.06 7.91
N GLY A 146 7.79 29.14 7.99
CA GLY A 146 7.33 28.58 9.26
C GLY A 146 6.66 29.54 10.21
N VAL A 147 6.36 30.77 9.78
CA VAL A 147 5.74 31.74 10.66
C VAL A 147 4.25 31.87 10.44
N LEU A 148 3.68 31.12 9.49
CA LEU A 148 2.25 31.20 9.23
C LEU A 148 1.49 30.56 10.38
N ILE A 149 0.55 31.31 10.94
CA ILE A 149 -0.40 30.77 11.91
C ILE A 149 -1.59 30.30 11.07
N GLU A 150 -1.63 28.99 10.80
CA GLU A 150 -2.52 28.46 9.78
C GLU A 150 -3.99 28.59 10.18
N GLU A 151 -4.26 28.56 11.47
CA GLU A 151 -5.64 28.66 11.97
C GLU A 151 -6.21 30.06 11.76
N SER A 152 -5.38 31.09 11.85
CA SER A 152 -5.85 32.46 11.73
C SER A 152 -5.36 33.16 10.47
N GLY A 153 -4.49 32.51 9.71
CA GLY A 153 -4.08 33.05 8.43
C GLY A 153 -3.15 34.21 8.48
N ILE A 154 -2.49 34.43 9.61
CA ILE A 154 -1.55 35.54 9.73
C ILE A 154 -0.17 34.98 10.00
N ALA A 155 0.84 35.85 10.00
CA ALA A 155 2.21 35.46 10.22
C ALA A 155 2.62 35.73 11.66
N LEU A 156 3.49 34.88 12.18
CA LEU A 156 4.17 35.19 13.43
C LEU A 156 5.09 36.38 13.22
N ARG A 157 5.38 37.10 14.31
CA ARG A 157 6.36 38.17 14.23
C ARG A 157 7.74 37.56 14.02
N GLY A 158 8.22 37.60 12.79
CA GLY A 158 9.40 36.85 12.42
C GLY A 158 10.44 37.75 11.80
N LEU A 159 11.70 37.38 11.96
CA LEU A 159 12.79 38.09 11.32
C LEU A 159 13.80 37.05 10.90
N PHE A 160 14.11 37.01 9.61
CA PHE A 160 14.96 35.99 9.02
C PHE A 160 16.08 36.65 8.26
N ILE A 161 17.32 36.31 8.57
CA ILE A 161 18.45 36.90 7.88
C ILE A 161 19.03 35.87 6.93
N ILE A 162 18.78 36.08 5.64
CA ILE A 162 19.25 35.24 4.55
C ILE A 162 20.63 35.74 4.12
N ASP A 163 21.60 34.83 4.05
CA ASP A 163 22.90 35.13 3.48
C ASP A 163 22.76 35.46 2.00
N LYS A 164 23.70 36.24 1.48
CA LYS A 164 23.70 36.58 0.06
C LYS A 164 24.15 35.42 -0.83
N LYS A 165 24.52 34.29 -0.26
CA LYS A 165 24.53 33.00 -0.96
C LYS A 165 23.14 32.40 -1.08
N GLY A 166 22.14 33.01 -0.46
CA GLY A 166 20.77 32.52 -0.52
C GLY A 166 20.35 31.64 0.62
N ILE A 167 21.27 31.21 1.47
CA ILE A 167 20.96 30.34 2.60
C ILE A 167 20.51 31.20 3.78
N LEU A 168 19.67 30.61 4.63
CA LEU A 168 19.25 31.29 5.84
C LEU A 168 20.40 31.24 6.84
N ARG A 169 20.43 32.18 7.78
CA ARG A 169 21.49 32.16 8.76
C ARG A 169 20.94 32.46 10.15
N HIS A 170 19.81 33.15 10.20
CA HIS A 170 19.26 33.66 11.43
C HIS A 170 17.75 33.61 11.34
N SER A 171 17.11 33.28 12.46
CA SER A 171 15.69 33.00 12.51
C SER A 171 15.20 33.48 13.86
N THR A 172 14.70 34.71 13.92
CA THR A 172 14.09 35.25 15.13
C THR A 172 12.59 35.21 14.93
N ILE A 173 11.91 34.35 15.65
CA ILE A 173 10.46 34.22 15.54
C ILE A 173 9.87 34.55 16.89
N ASN A 174 9.01 35.56 16.93
CA ASN A 174 8.27 35.92 18.12
C ASN A 174 6.82 35.50 17.96
N ASP A 175 6.19 35.15 19.07
CA ASP A 175 4.75 35.06 19.08
C ASP A 175 4.18 36.48 19.08
N LEU A 176 2.94 36.60 18.61
CA LEU A 176 2.24 37.83 18.23
C LEU A 176 2.34 39.06 19.15
N PRO A 177 2.46 38.95 20.51
CA PRO A 177 2.69 40.17 21.30
C PRO A 177 3.98 40.93 21.04
N VAL A 178 5.12 40.27 21.17
CA VAL A 178 6.40 40.95 21.35
C VAL A 178 6.99 41.31 20.00
N GLY A 179 7.21 42.59 19.77
CA GLY A 179 7.75 43.03 18.51
C GLY A 179 9.24 42.94 18.44
N ARG A 180 9.75 42.95 17.22
CA ARG A 180 11.18 42.90 16.98
C ARG A 180 11.82 44.25 17.22
N ASN A 181 13.12 44.21 17.46
CA ASN A 181 13.92 45.39 17.71
C ASN A 181 14.89 45.58 16.55
N VAL A 182 15.26 46.82 16.30
CA VAL A 182 16.10 47.10 15.15
C VAL A 182 17.59 47.03 15.47
N ASP A 183 18.00 47.37 16.70
CA ASP A 183 19.40 47.23 17.07
C ASP A 183 19.79 45.77 17.21
N GLU A 184 18.84 44.90 17.57
CA GLU A 184 19.09 43.47 17.59
C GLU A 184 19.37 42.94 16.19
N ALA A 185 18.53 43.35 15.24
CA ALA A 185 18.69 42.91 13.85
C ALA A 185 19.97 43.46 13.25
N LEU A 186 20.32 44.71 13.59
CA LEU A 186 21.55 45.29 13.09
C LEU A 186 22.78 44.61 13.68
N ARG A 187 22.74 44.26 14.97
CA ARG A 187 23.85 43.56 15.61
C ARG A 187 24.07 42.20 14.99
N VAL A 188 22.99 41.42 14.85
CA VAL A 188 23.11 40.07 14.29
C VAL A 188 23.51 40.13 12.83
N LEU A 189 22.91 41.09 12.11
CA LEU A 189 23.15 41.29 10.68
C LEU A 189 24.60 41.52 10.42
N GLU A 190 25.13 42.58 11.03
CA GLU A 190 26.53 42.92 10.92
C GLU A 190 27.33 41.67 11.18
N ALA A 191 27.30 41.23 12.43
CA ALA A 191 27.97 40.04 12.91
C ALA A 191 28.03 38.95 11.87
N PHE A 192 26.95 38.77 11.13
CA PHE A 192 26.96 37.78 10.08
C PHE A 192 27.85 38.33 9.00
N GLN A 193 27.87 39.66 8.86
CA GLN A 193 28.71 40.32 7.85
C GLN A 193 30.19 40.15 8.16
N TYR A 194 30.58 40.47 9.40
CA TYR A 194 31.96 40.28 9.84
C TYR A 194 32.39 38.83 9.84
N ALA A 195 31.49 37.90 10.15
CA ALA A 195 31.88 36.50 10.18
C ALA A 195 31.93 35.91 8.78
N ASP A 196 31.14 36.42 7.85
CA ASP A 196 31.23 35.98 6.47
C ASP A 196 32.43 36.61 5.78
N GLU A 197 32.88 37.76 6.25
CA GLU A 197 34.16 38.30 5.80
C GLU A 197 35.31 37.45 6.32
N ASN A 198 35.50 37.40 7.64
CA ASN A 198 36.65 36.74 8.23
C ASN A 198 36.37 35.31 8.68
N GLY A 199 35.48 35.14 9.66
CA GLY A 199 35.24 33.82 10.23
C GLY A 199 34.21 33.83 11.35
N THR B 35 8.89 19.84 14.65
CA THR B 35 9.91 20.01 15.67
C THR B 35 9.38 20.86 16.82
N ALA B 36 9.81 22.11 16.90
CA ALA B 36 9.41 23.03 17.96
C ALA B 36 8.81 24.27 17.30
N THR B 37 7.51 24.21 17.02
CA THR B 37 6.79 25.38 16.54
C THR B 37 6.67 26.37 17.68
N VAL B 38 6.60 27.66 17.33
CA VAL B 38 6.50 28.70 18.35
C VAL B 38 5.14 28.62 19.05
N ARG B 39 4.04 28.85 18.33
CA ARG B 39 2.74 29.00 18.96
C ARG B 39 2.18 27.66 19.54
N GLU B 40 2.87 26.56 19.33
CA GLU B 40 2.52 25.26 19.86
C GLU B 40 3.27 25.04 21.18
N ALA B 41 3.16 23.81 21.70
CA ALA B 41 3.79 23.47 22.96
C ALA B 41 5.26 23.12 22.75
N ALA B 42 6.11 23.59 23.66
CA ALA B 42 7.52 23.28 23.56
C ALA B 42 7.75 21.81 23.84
N PRO B 43 8.67 21.16 23.15
CA PRO B 43 8.98 19.76 23.46
C PRO B 43 9.73 19.67 24.79
N GLN B 44 9.55 18.54 25.45
CA GLN B 44 10.14 18.32 26.75
C GLN B 44 11.63 18.08 26.62
N PHE B 45 12.41 18.60 27.56
CA PHE B 45 13.81 18.26 27.66
C PHE B 45 14.12 17.67 29.03
N SER B 46 15.04 16.72 29.05
CA SER B 46 15.36 15.96 30.26
C SER B 46 16.73 15.35 30.07
N GLY B 47 17.63 15.60 31.03
CA GLY B 47 18.93 14.98 30.94
C GLY B 47 19.82 15.43 32.06
N GLN B 48 21.04 14.90 32.04
CA GLN B 48 22.02 15.17 33.08
C GLN B 48 22.67 16.52 32.81
N ALA B 49 22.38 17.50 33.65
CA ALA B 49 22.96 18.82 33.51
C ALA B 49 24.16 18.95 34.44
N VAL B 50 24.78 20.13 34.43
CA VAL B 50 25.84 20.47 35.37
C VAL B 50 25.43 21.76 36.06
N VAL B 51 25.03 21.65 37.32
CA VAL B 51 24.70 22.80 38.14
C VAL B 51 25.67 22.82 39.33
N ASN B 52 26.42 23.92 39.44
CA ASN B 52 27.30 24.21 40.57
C ASN B 52 28.41 23.17 40.72
N GLY B 53 28.82 22.55 39.61
CA GLY B 53 29.96 21.66 39.60
C GLY B 53 29.65 20.20 39.77
N ALA B 54 28.42 19.77 39.48
CA ALA B 54 28.07 18.36 39.62
C ALA B 54 26.87 18.05 38.74
N ILE B 55 26.64 16.76 38.56
CA ILE B 55 25.62 16.25 37.66
C ILE B 55 24.30 16.11 38.41
N LYS B 56 23.22 16.65 37.84
CA LYS B 56 21.96 16.77 38.57
C LYS B 56 20.77 16.07 37.97
N ASP B 57 20.83 15.62 36.71
CA ASP B 57 19.78 14.82 36.04
C ASP B 57 18.43 15.56 36.03
N ILE B 58 18.42 16.66 35.28
CA ILE B 58 17.37 17.67 35.39
C ILE B 58 16.33 17.48 34.28
N ASN B 59 15.06 17.49 34.67
CA ASN B 59 13.93 17.49 33.77
C ASN B 59 13.44 18.92 33.57
N MET B 60 12.69 19.12 32.49
CA MET B 60 12.02 20.39 32.24
C MET B 60 11.03 20.74 33.35
N ASN B 61 10.37 19.72 33.90
CA ASN B 61 9.36 19.85 34.94
C ASN B 61 9.92 20.36 36.26
N ASP B 62 11.25 20.36 36.44
CA ASP B 62 11.86 21.01 37.58
C ASP B 62 11.63 22.51 37.57
N TYR B 63 11.38 23.10 36.41
CA TYR B 63 11.23 24.55 36.30
C TYR B 63 9.83 24.94 35.88
N LYS B 64 8.84 24.17 36.32
CA LYS B 64 7.44 24.50 36.09
C LYS B 64 7.07 25.76 36.85
N GLY B 65 6.29 26.63 36.20
CA GLY B 65 5.98 27.93 36.76
C GLY B 65 6.99 29.01 36.42
N LYS B 66 8.01 28.68 35.62
CA LYS B 66 8.99 29.63 35.14
C LYS B 66 8.97 29.67 33.62
N TYR B 67 9.29 30.84 33.06
CA TYR B 67 9.76 30.88 31.69
C TYR B 67 11.06 30.09 31.58
N ILE B 68 11.25 29.43 30.45
CA ILE B 68 12.50 28.73 30.19
C ILE B 68 13.21 29.45 29.07
N VAL B 69 14.51 29.67 29.22
CA VAL B 69 15.35 30.17 28.15
C VAL B 69 16.31 29.05 27.80
N LEU B 70 15.93 28.25 26.82
CA LEU B 70 16.68 27.08 26.41
C LEU B 70 17.74 27.53 25.41
N PHE B 71 19.01 27.42 25.79
CA PHE B 71 20.09 28.16 25.15
C PHE B 71 21.12 27.19 24.59
N PHE B 72 20.94 26.80 23.34
CA PHE B 72 21.85 25.87 22.67
C PHE B 72 23.12 26.59 22.25
N TYR B 73 24.26 26.11 22.74
CA TYR B 73 25.55 26.41 22.18
C TYR B 73 26.09 25.16 21.49
N PRO B 74 26.96 25.29 20.46
CA PRO B 74 27.21 24.13 19.58
C PRO B 74 28.01 22.97 20.16
N MET B 75 29.20 23.22 20.70
CA MET B 75 29.97 22.15 21.33
C MET B 75 30.92 22.73 22.37
N ASP B 76 31.49 21.83 23.20
CA ASP B 76 32.41 22.17 24.27
C ASP B 76 33.83 22.35 23.76
N PHE B 77 34.64 22.99 24.60
CA PHE B 77 36.10 23.09 24.47
C PHE B 77 36.55 23.73 23.17
N THR B 78 35.73 24.62 22.61
CA THR B 78 36.01 25.18 21.31
C THR B 78 37.21 26.12 21.38
N PHE B 79 37.79 26.38 20.21
CA PHE B 79 38.97 27.23 20.13
C PHE B 79 38.60 28.69 20.40
N VAL B 80 37.39 29.08 20.01
CA VAL B 80 36.89 30.40 20.34
C VAL B 80 36.57 30.46 21.83
N CYS B 81 36.68 31.66 22.40
CA CYS B 81 36.37 31.83 23.81
C CYS B 81 34.86 31.75 24.01
N PRO B 82 34.40 31.04 25.04
CA PRO B 82 32.95 30.90 25.25
C PRO B 82 32.32 32.18 25.76
N THR B 83 32.13 33.16 24.87
CA THR B 83 31.73 34.49 25.30
C THR B 83 30.26 34.53 25.70
N GLU B 84 29.38 33.86 24.94
CA GLU B 84 27.95 34.03 25.16
C GLU B 84 27.47 33.25 26.38
N ILE B 85 28.02 32.06 26.65
CA ILE B 85 27.59 31.30 27.82
C ILE B 85 28.16 31.87 29.12
N ILE B 86 29.38 32.42 29.10
CA ILE B 86 29.85 33.18 30.24
C ILE B 86 29.04 34.46 30.41
N ALA B 87 28.64 35.07 29.30
CA ALA B 87 27.80 36.27 29.36
C ALA B 87 26.39 35.98 29.84
N PHE B 88 25.92 34.73 29.74
CA PHE B 88 24.64 34.40 30.37
C PHE B 88 24.82 34.00 31.83
N SER B 89 25.90 33.28 32.14
CA SER B 89 26.11 32.84 33.51
C SER B 89 26.44 34.00 34.44
N ASP B 90 27.11 35.03 33.92
CA ASP B 90 27.40 36.19 34.76
C ASP B 90 26.16 37.04 34.95
N ARG B 91 25.24 37.01 33.99
CA ARG B 91 24.00 37.78 34.06
C ARG B 91 22.82 36.92 34.51
N HIS B 92 23.08 35.90 35.33
CA HIS B 92 22.03 34.99 35.75
C HIS B 92 21.05 35.63 36.71
N ALA B 93 21.47 36.68 37.43
CA ALA B 93 20.56 37.39 38.32
C ALA B 93 19.44 38.08 37.54
N ASP B 94 19.76 38.58 36.35
CA ASP B 94 18.75 39.20 35.50
C ASP B 94 17.73 38.21 34.97
N PHE B 95 18.05 36.92 35.01
CA PHE B 95 17.08 35.90 34.66
C PHE B 95 16.37 35.34 35.90
N GLU B 96 17.01 35.39 37.06
CA GLU B 96 16.32 35.04 38.30
C GLU B 96 15.28 36.09 38.67
N LYS B 97 15.51 37.35 38.27
CA LYS B 97 14.55 38.41 38.56
C LYS B 97 13.32 38.36 37.65
N LEU B 98 13.44 37.80 36.44
CA LEU B 98 12.32 37.76 35.50
C LEU B 98 11.61 36.41 35.51
N ASN B 99 11.82 35.61 36.57
CA ASN B 99 11.11 34.35 36.82
C ASN B 99 11.35 33.34 35.69
N THR B 100 12.62 33.22 35.31
CA THR B 100 12.97 32.34 34.20
C THR B 100 14.25 31.60 34.54
N GLN B 101 14.50 30.53 33.80
CA GLN B 101 15.72 29.75 34.00
C GLN B 101 16.38 29.53 32.66
N VAL B 102 17.66 29.90 32.57
CA VAL B 102 18.45 29.68 31.36
C VAL B 102 19.09 28.31 31.44
N VAL B 103 18.70 27.43 30.54
CA VAL B 103 19.20 26.06 30.48
C VAL B 103 20.11 25.99 29.26
N ALA B 104 21.42 26.13 29.47
CA ALA B 104 22.36 26.04 28.37
C ALA B 104 22.52 24.58 27.95
N VAL B 105 22.23 24.28 26.69
CA VAL B 105 22.26 22.92 26.19
C VAL B 105 23.40 22.80 25.19
N SER B 106 24.05 21.65 25.19
CA SER B 106 24.92 21.27 24.09
C SER B 106 24.69 19.80 23.82
N CYS B 107 25.12 19.33 22.65
CA CYS B 107 25.01 17.91 22.32
C CYS B 107 26.17 17.09 22.84
N ASP B 108 26.95 17.64 23.76
CA ASP B 108 28.08 16.97 24.34
C ASP B 108 27.65 16.24 25.61
N SER B 109 28.48 15.30 26.02
CA SER B 109 28.15 14.52 27.20
C SER B 109 28.48 15.31 28.46
N VAL B 110 27.84 14.90 29.56
CA VAL B 110 27.89 15.66 30.81
C VAL B 110 29.26 15.62 31.45
N TYR B 111 30.10 14.67 31.06
CA TYR B 111 31.47 14.65 31.55
C TYR B 111 32.32 15.72 30.90
N SER B 112 32.05 16.03 29.62
CA SER B 112 32.73 17.16 28.99
C SER B 112 32.23 18.48 29.53
N HIS B 113 30.93 18.57 29.83
CA HIS B 113 30.36 19.77 30.45
C HIS B 113 30.98 20.01 31.82
N LEU B 114 31.03 18.96 32.64
CA LEU B 114 31.69 19.06 33.94
C LEU B 114 33.18 19.31 33.80
N ALA B 115 33.76 18.89 32.68
CA ALA B 115 35.18 19.08 32.44
C ALA B 115 35.53 20.52 32.12
N TRP B 116 34.72 21.20 31.32
CA TRP B 116 35.09 22.55 30.95
C TRP B 116 34.36 23.61 31.75
N VAL B 117 33.40 23.21 32.59
CA VAL B 117 33.06 24.08 33.71
C VAL B 117 34.20 24.10 34.71
N ASN B 118 34.83 22.94 34.95
CA ASN B 118 35.97 22.86 35.85
C ASN B 118 37.28 23.30 35.21
N THR B 119 37.29 23.62 33.94
CA THR B 119 38.48 24.21 33.34
C THR B 119 38.53 25.69 33.70
N PRO B 120 39.67 26.19 34.18
CA PRO B 120 39.76 27.61 34.54
C PRO B 120 39.60 28.52 33.33
N ARG B 121 39.02 29.69 33.57
CA ARG B 121 38.54 30.56 32.49
C ARG B 121 39.68 31.17 31.69
N LYS B 122 40.86 31.32 32.28
CA LYS B 122 42.02 31.79 31.55
C LYS B 122 42.61 30.74 30.61
N LYS B 123 42.23 29.47 30.77
CA LYS B 123 42.65 28.40 29.87
C LYS B 123 41.60 28.10 28.82
N GLY B 124 40.80 29.10 28.43
CA GLY B 124 39.75 28.91 27.46
C GLY B 124 38.50 28.25 27.97
N GLY B 125 38.39 28.05 29.30
CA GLY B 125 37.28 27.34 29.87
C GLY B 125 36.23 28.27 30.44
N LEU B 126 35.25 27.65 31.11
CA LEU B 126 34.13 28.42 31.64
C LEU B 126 34.47 29.03 32.99
N GLY B 127 34.91 28.22 33.94
CA GLY B 127 35.20 28.72 35.27
C GLY B 127 33.99 28.65 36.16
N GLU B 128 33.48 29.80 36.59
CA GLU B 128 32.21 29.83 37.32
C GLU B 128 31.07 29.73 36.31
N MET B 129 30.18 28.75 36.51
CA MET B 129 29.05 28.55 35.61
C MET B 129 27.79 28.45 36.46
N HIS B 130 26.86 29.38 36.28
CA HIS B 130 25.73 29.54 37.19
C HIS B 130 24.40 29.23 36.52
N ILE B 131 24.40 28.36 35.52
CA ILE B 131 23.18 27.90 34.85
C ILE B 131 23.30 26.41 34.58
N PRO B 132 22.16 25.71 34.41
CA PRO B 132 22.23 24.28 34.06
C PRO B 132 22.85 24.05 32.69
N VAL B 133 24.01 23.41 32.68
CA VAL B 133 24.71 23.06 31.44
C VAL B 133 24.21 21.68 31.05
N LEU B 134 23.13 21.64 30.28
CA LEU B 134 22.44 20.39 30.00
C LEU B 134 23.11 19.59 28.88
N ALA B 135 23.27 18.29 29.12
CA ALA B 135 23.94 17.39 28.18
C ALA B 135 22.92 16.67 27.32
N ASP B 136 22.86 17.04 26.05
CA ASP B 136 22.00 16.39 25.09
C ASP B 136 22.83 15.41 24.26
N LYS B 137 23.40 14.41 24.94
CA LYS B 137 24.34 13.53 24.27
C LYS B 137 23.66 12.63 23.24
N SER B 138 22.42 12.24 23.50
CA SER B 138 21.63 11.52 22.52
C SER B 138 21.06 12.41 21.44
N MET B 139 21.21 13.73 21.57
CA MET B 139 20.79 14.76 20.61
C MET B 139 19.28 14.71 20.36
N GLU B 140 18.53 14.36 21.39
CA GLU B 140 17.08 14.33 21.36
C GLU B 140 16.46 15.69 21.67
N ILE B 141 17.12 16.49 22.49
CA ILE B 141 16.62 17.83 22.79
C ILE B 141 16.91 18.76 21.62
N ALA B 142 18.12 18.68 21.06
CA ALA B 142 18.46 19.49 19.91
C ALA B 142 17.71 19.09 18.65
N ARG B 143 17.26 17.85 18.56
CA ARG B 143 16.45 17.44 17.43
C ARG B 143 15.03 17.96 17.57
N ASP B 144 14.49 17.89 18.79
CA ASP B 144 13.14 18.36 19.06
C ASP B 144 13.02 19.88 18.98
N TYR B 145 14.12 20.60 19.18
CA TYR B 145 14.11 22.04 19.05
C TYR B 145 14.62 22.52 17.70
N GLY B 146 14.77 21.62 16.73
CA GLY B 146 15.13 21.99 15.38
C GLY B 146 16.50 22.60 15.19
N VAL B 147 17.34 22.62 16.22
CA VAL B 147 18.66 23.21 16.10
C VAL B 147 19.75 22.19 15.89
N LEU B 148 19.43 20.90 15.84
CA LEU B 148 20.43 19.87 15.62
C LEU B 148 20.94 19.93 14.19
N ILE B 149 22.26 20.03 14.04
CA ILE B 149 22.90 19.90 12.74
C ILE B 149 23.22 18.41 12.62
N GLU B 150 22.36 17.68 11.89
CA GLU B 150 22.38 16.23 11.95
C GLU B 150 23.64 15.64 11.33
N GLU B 151 24.21 16.35 10.35
CA GLU B 151 25.41 15.88 9.67
C GLU B 151 26.63 15.94 10.58
N SER B 152 26.70 16.91 11.49
CA SER B 152 27.85 17.09 12.35
C SER B 152 27.55 16.81 13.81
N GLY B 153 26.29 16.56 14.15
CA GLY B 153 25.95 16.15 15.48
C GLY B 153 26.01 17.23 16.53
N ILE B 154 26.00 18.49 16.12
CA ILE B 154 26.03 19.58 17.08
C ILE B 154 24.76 20.40 16.94
N ALA B 155 24.57 21.36 17.84
CA ALA B 155 23.40 22.20 17.85
C ALA B 155 23.70 23.53 17.19
N LEU B 156 22.69 24.10 16.53
CA LEU B 156 22.76 25.49 16.11
C LEU B 156 22.76 26.39 17.34
N ARG B 157 23.33 27.58 17.20
CA ARG B 157 23.25 28.56 18.28
C ARG B 157 21.82 29.03 18.41
N GLY B 158 21.12 28.51 19.41
CA GLY B 158 19.69 28.67 19.51
C GLY B 158 19.30 29.25 20.86
N LEU B 159 18.21 30.00 20.88
CA LEU B 159 17.66 30.51 22.12
C LEU B 159 16.16 30.43 22.01
N PHE B 160 15.53 29.72 22.94
CA PHE B 160 14.09 29.45 22.88
C PHE B 160 13.47 29.88 24.19
N ILE B 161 12.45 30.72 24.12
CA ILE B 161 11.78 31.19 25.32
C ILE B 161 10.43 30.48 25.43
N ILE B 162 10.37 29.53 26.37
CA ILE B 162 9.18 28.75 26.66
C ILE B 162 8.36 29.50 27.71
N ASP B 163 7.08 29.68 27.43
CA ASP B 163 6.14 30.22 28.42
C ASP B 163 6.01 29.25 29.58
N LYS B 164 5.65 29.79 30.75
CA LYS B 164 5.44 28.95 31.93
C LYS B 164 4.14 28.17 31.87
N LYS B 165 3.33 28.33 30.83
CA LYS B 165 2.31 27.36 30.43
C LYS B 165 2.93 26.18 29.67
N GLY B 166 4.21 26.23 29.37
CA GLY B 166 4.88 25.15 28.67
C GLY B 166 4.99 25.32 27.17
N ILE B 167 4.30 26.30 26.60
CA ILE B 167 4.33 26.54 25.17
C ILE B 167 5.53 27.40 24.82
N LEU B 168 6.03 27.24 23.60
CA LEU B 168 7.12 28.07 23.11
C LEU B 168 6.56 29.45 22.77
N ARG B 169 7.40 30.46 22.79
CA ARG B 169 6.91 31.78 22.44
C ARG B 169 7.90 32.50 21.55
N HIS B 170 9.17 32.12 21.65
CA HIS B 170 10.25 32.82 21.00
C HIS B 170 11.30 31.81 20.56
N SER B 171 11.89 32.05 19.41
CA SER B 171 12.75 31.08 18.75
C SER B 171 13.82 31.91 18.02
N THR B 172 14.96 32.12 18.66
CA THR B 172 16.09 32.78 18.04
C THR B 172 17.11 31.70 17.69
N ILE B 173 17.28 31.44 16.41
CA ILE B 173 18.21 30.42 15.97
C ILE B 173 19.25 31.11 15.10
N ASN B 174 20.51 31.01 15.49
CA ASN B 174 21.63 31.51 14.73
C ASN B 174 22.39 30.34 14.10
N ASP B 175 22.95 30.57 12.93
CA ASP B 175 23.95 29.65 12.44
C ASP B 175 25.24 29.86 13.22
N LEU B 176 26.08 28.82 13.24
CA LEU B 176 27.23 28.62 14.12
C LEU B 176 28.19 29.79 14.37
N PRO B 177 28.45 30.74 13.42
CA PRO B 177 29.27 31.91 13.79
C PRO B 177 28.72 32.83 14.88
N VAL B 178 27.52 33.37 14.68
CA VAL B 178 27.08 34.54 15.42
C VAL B 178 26.46 34.12 16.74
N GLY B 179 27.03 34.61 17.84
CA GLY B 179 26.53 34.25 19.14
C GLY B 179 25.36 35.10 19.57
N ARG B 180 24.64 34.57 20.55
CA ARG B 180 23.50 35.27 21.11
C ARG B 180 23.93 36.36 22.06
N ASN B 181 23.04 37.31 22.27
CA ASN B 181 23.27 38.44 23.16
C ASN B 181 22.33 38.33 24.34
N VAL B 182 22.75 38.87 25.48
CA VAL B 182 21.98 38.71 26.70
C VAL B 182 20.94 39.82 26.87
N ASP B 183 21.23 41.04 26.42
CA ASP B 183 20.24 42.11 26.50
C ASP B 183 19.08 41.86 25.54
N GLU B 184 19.36 41.18 24.42
CA GLU B 184 18.28 40.79 23.50
C GLU B 184 17.35 39.80 24.16
N ALA B 185 17.91 38.78 24.82
CA ALA B 185 17.11 37.77 25.50
C ALA B 185 16.35 38.36 26.67
N LEU B 186 16.96 39.29 27.38
CA LEU B 186 16.27 39.95 28.49
C LEU B 186 15.14 40.84 28.01
N ARG B 187 15.34 41.56 26.89
CA ARG B 187 14.28 42.40 26.34
C ARG B 187 13.10 41.57 25.89
N VAL B 188 13.36 40.50 25.12
CA VAL B 188 12.28 39.67 24.62
C VAL B 188 11.58 38.94 25.76
N LEU B 189 12.39 38.45 26.71
CA LEU B 189 11.93 37.71 27.87
C LEU B 189 10.94 38.52 28.64
N GLU B 190 11.39 39.67 29.11
CA GLU B 190 10.55 40.60 29.85
C GLU B 190 9.27 40.78 29.06
N ALA B 191 9.39 41.44 27.92
CA ALA B 191 8.31 41.70 26.99
C ALA B 191 7.28 40.61 26.96
N PHE B 192 7.74 39.37 27.01
CA PHE B 192 6.80 38.27 27.03
C PHE B 192 6.17 38.29 28.41
N GLN B 193 6.94 38.73 29.41
CA GLN B 193 6.44 38.82 30.79
C GLN B 193 5.36 39.88 30.91
N TYR B 194 5.63 41.09 30.43
CA TYR B 194 4.65 42.17 30.42
C TYR B 194 3.43 41.86 29.57
N ALA B 195 3.60 41.15 28.46
CA ALA B 195 2.46 40.85 27.60
C ALA B 195 1.64 39.70 28.15
N ASP B 196 2.27 38.78 28.88
CA ASP B 196 1.50 37.72 29.53
C ASP B 196 0.81 38.23 30.77
N GLU B 197 1.35 39.30 31.39
CA GLU B 197 0.61 39.99 32.45
C GLU B 197 -0.60 40.71 31.87
N ASN B 198 -0.36 41.71 31.01
CA ASN B 198 -1.44 42.56 30.52
C ASN B 198 -1.97 42.14 29.16
N GLY B 199 -1.15 42.18 28.12
CA GLY B 199 -1.62 41.90 26.77
C GLY B 199 -0.53 42.03 25.72
N THR C 35 18.91 -8.87 15.90
CA THR C 35 19.42 -10.18 16.28
C THR C 35 19.68 -10.24 17.78
N ALA C 36 20.95 -10.19 18.19
CA ALA C 36 21.35 -10.24 19.60
C ALA C 36 22.19 -9.01 19.89
N THR C 37 21.50 -7.92 20.25
CA THR C 37 22.20 -6.73 20.70
C THR C 37 22.79 -7.00 22.08
N VAL C 38 23.90 -6.33 22.40
CA VAL C 38 24.55 -6.53 23.68
C VAL C 38 23.69 -6.01 24.82
N ARG C 39 23.43 -4.71 24.86
CA ARG C 39 22.78 -4.10 26.02
C ARG C 39 21.28 -4.50 26.16
N GLU C 40 20.73 -5.22 25.20
CA GLU C 40 19.37 -5.72 25.22
C GLU C 40 19.36 -7.14 25.80
N ALA C 41 18.20 -7.77 25.72
CA ALA C 41 18.02 -9.12 26.26
C ALA C 41 18.52 -10.16 25.26
N ALA C 42 19.21 -11.17 25.78
CA ALA C 42 19.70 -12.23 24.91
C ALA C 42 18.52 -13.05 24.39
N PRO C 43 18.57 -13.50 23.14
CA PRO C 43 17.51 -14.37 22.65
C PRO C 43 17.59 -15.74 23.29
N GLN C 44 16.44 -16.39 23.40
CA GLN C 44 16.36 -17.69 24.04
C GLN C 44 16.95 -18.76 23.14
N PHE C 45 17.63 -19.72 23.74
CA PHE C 45 18.05 -20.91 23.01
C PHE C 45 17.50 -22.15 23.68
N SER C 46 17.18 -23.15 22.86
CA SER C 46 16.50 -24.35 23.33
C SER C 46 16.73 -25.44 22.29
N GLY C 47 17.24 -26.58 22.71
CA GLY C 47 17.41 -27.67 21.76
C GLY C 47 18.07 -28.85 22.41
N GLN C 48 18.26 -29.89 21.62
CA GLN C 48 18.83 -31.14 22.08
C GLN C 48 20.35 -31.00 22.15
N ALA C 49 20.89 -30.99 23.36
CA ALA C 49 22.32 -30.90 23.54
C ALA C 49 22.90 -32.28 23.76
N VAL C 50 24.21 -32.35 23.96
CA VAL C 50 24.90 -33.57 24.35
C VAL C 50 25.66 -33.28 25.63
N VAL C 51 25.16 -33.80 26.75
CA VAL C 51 25.83 -33.69 28.04
C VAL C 51 26.16 -35.10 28.50
N ASN C 52 27.46 -35.35 28.72
CA ASN C 52 27.98 -36.59 29.30
C ASN C 52 27.65 -37.83 28.46
N GLY C 53 27.51 -37.63 27.16
CA GLY C 53 27.36 -38.74 26.24
C GLY C 53 25.94 -39.11 25.89
N ALA C 54 24.99 -38.19 26.04
CA ALA C 54 23.60 -38.47 25.71
C ALA C 54 22.86 -37.16 25.45
N ILE C 55 21.68 -37.30 24.86
CA ILE C 55 20.86 -36.19 24.42
C ILE C 55 19.96 -35.74 25.56
N LYS C 56 19.94 -34.44 25.84
CA LYS C 56 19.29 -33.95 27.05
C LYS C 56 18.16 -32.94 26.84
N ASP C 57 18.02 -32.35 25.65
CA ASP C 57 16.91 -31.45 25.27
C ASP C 57 16.84 -30.24 26.21
N ILE C 58 17.88 -29.42 26.10
CA ILE C 58 18.18 -28.39 27.10
C ILE C 58 17.65 -27.04 26.64
N ASN C 59 16.95 -26.35 27.53
CA ASN C 59 16.50 -24.97 27.37
C ASN C 59 17.49 -24.04 28.06
N MET C 60 17.44 -22.77 27.66
CA MET C 60 18.21 -21.72 28.31
C MET C 60 17.81 -21.57 29.78
N ASN C 61 16.52 -21.77 30.07
CA ASN C 61 15.96 -21.64 31.41
C ASN C 61 16.46 -22.68 32.39
N ASP C 62 17.12 -23.74 31.90
CA ASP C 62 17.80 -24.67 32.79
C ASP C 62 18.95 -24.02 33.53
N TYR C 63 19.51 -22.92 33.00
CA TYR C 63 20.67 -22.29 33.61
C TYR C 63 20.34 -20.89 34.09
N LYS C 64 19.11 -20.70 34.58
CA LYS C 64 18.70 -19.43 35.18
C LYS C 64 19.46 -19.22 36.49
N GLY C 65 19.89 -17.99 36.72
CA GLY C 65 20.73 -17.68 37.85
C GLY C 65 22.21 -17.85 37.57
N LYS C 66 22.59 -18.21 36.35
CA LYS C 66 23.98 -18.31 35.92
C LYS C 66 24.23 -17.35 34.77
N TYR C 67 25.47 -16.87 34.70
CA TYR C 67 25.97 -16.34 33.43
C TYR C 67 25.99 -17.47 32.41
N ILE C 68 25.71 -17.13 31.16
CA ILE C 68 25.80 -18.10 30.09
C ILE C 68 26.96 -17.69 29.18
N VAL C 69 27.78 -18.64 28.79
CA VAL C 69 28.82 -18.43 27.80
C VAL C 69 28.41 -19.28 26.60
N LEU C 70 27.71 -18.66 25.67
CA LEU C 70 27.16 -19.33 24.49
C LEU C 70 28.24 -19.34 23.42
N PHE C 71 28.75 -20.52 23.08
CA PHE C 71 30.03 -20.66 22.40
C PHE C 71 29.83 -21.39 21.07
N PHE C 72 29.60 -20.62 20.02
CA PHE C 72 29.39 -21.16 18.68
C PHE C 72 30.73 -21.59 18.08
N TYR C 73 30.83 -22.86 17.72
CA TYR C 73 31.84 -23.35 16.82
C TYR C 73 31.17 -23.74 15.49
N PRO C 74 31.88 -23.68 14.35
CA PRO C 74 31.19 -23.70 13.05
C PRO C 74 30.52 -25.01 12.64
N MET C 75 31.26 -26.12 12.61
CA MET C 75 30.67 -27.41 12.28
C MET C 75 31.47 -28.54 12.89
N ASP C 76 30.89 -29.74 12.89
CA ASP C 76 31.47 -30.96 13.43
C ASP C 76 32.43 -31.62 12.46
N PHE C 77 33.26 -32.49 13.02
CA PHE C 77 34.11 -33.44 12.27
C PHE C 77 35.09 -32.76 11.33
N THR C 78 35.50 -31.54 11.67
CA THR C 78 36.33 -30.76 10.77
C THR C 78 37.73 -31.36 10.67
N PHE C 79 38.42 -30.98 9.60
CA PHE C 79 39.77 -31.50 9.36
C PHE C 79 40.76 -30.93 10.36
N VAL C 80 40.53 -29.69 10.80
CA VAL C 80 41.33 -29.11 11.84
C VAL C 80 40.98 -29.77 13.18
N CYS C 81 41.96 -29.81 14.07
CA CYS C 81 41.72 -30.38 15.39
C CYS C 81 40.85 -29.45 16.21
N PRO C 82 39.85 -29.97 16.92
CA PRO C 82 38.95 -29.11 17.69
C PRO C 82 39.62 -28.54 18.93
N THR C 83 40.49 -27.55 18.74
CA THR C 83 41.33 -27.08 19.83
C THR C 83 40.54 -26.26 20.84
N GLU C 84 39.65 -25.37 20.38
CA GLU C 84 39.02 -24.43 21.28
C GLU C 84 37.92 -25.08 22.12
N ILE C 85 37.17 -26.03 21.56
CA ILE C 85 36.12 -26.69 22.34
C ILE C 85 36.69 -27.70 23.33
N ILE C 86 37.78 -28.39 22.98
CA ILE C 86 38.48 -29.19 23.98
C ILE C 86 39.12 -28.28 25.03
N ALA C 87 39.60 -27.11 24.62
CA ALA C 87 40.17 -26.16 25.57
C ALA C 87 39.12 -25.53 26.47
N PHE C 88 37.84 -25.53 26.08
CA PHE C 88 36.82 -25.11 27.02
C PHE C 88 36.34 -26.26 27.90
N SER C 89 36.23 -27.47 27.34
CA SER C 89 35.75 -28.60 28.10
C SER C 89 36.75 -29.03 29.16
N ASP C 90 38.05 -28.87 28.90
CA ASP C 90 39.04 -29.20 29.91
C ASP C 90 39.09 -28.15 31.00
N ARG C 91 38.74 -26.91 30.67
CA ARG C 91 38.74 -25.80 31.62
C ARG C 91 37.34 -25.51 32.14
N HIS C 92 36.49 -26.53 32.24
CA HIS C 92 35.10 -26.33 32.65
C HIS C 92 34.98 -26.01 34.13
N ALA C 93 35.97 -26.40 34.93
CA ALA C 93 35.96 -26.06 36.36
C ALA C 93 36.09 -24.56 36.57
N ASP C 94 36.87 -23.88 35.71
CA ASP C 94 37.01 -22.44 35.79
C ASP C 94 35.73 -21.70 35.42
N PHE C 95 34.80 -22.38 34.75
CA PHE C 95 33.49 -21.80 34.49
C PHE C 95 32.47 -22.23 35.55
N GLU C 96 32.66 -23.39 36.16
CA GLU C 96 31.81 -23.75 37.29
C GLU C 96 32.10 -22.89 38.52
N LYS C 97 33.33 -22.41 38.65
CA LYS C 97 33.69 -21.54 39.76
C LYS C 97 33.16 -20.12 39.60
N LEU C 98 32.94 -19.64 38.37
CA LEU C 98 32.48 -18.28 38.15
C LEU C 98 30.98 -18.21 37.91
N ASN C 99 30.24 -19.26 38.29
CA ASN C 99 28.78 -19.32 38.28
C ASN C 99 28.23 -19.12 36.85
N THR C 100 28.83 -19.86 35.91
CA THR C 100 28.46 -19.71 34.51
C THR C 100 28.44 -21.09 33.88
N GLN C 101 27.78 -21.16 32.73
CA GLN C 101 27.71 -22.41 31.98
C GLN C 101 28.08 -22.15 30.53
N VAL C 102 29.06 -22.89 30.03
CA VAL C 102 29.48 -22.79 28.63
C VAL C 102 28.64 -23.75 27.80
N VAL C 103 27.84 -23.20 26.91
CA VAL C 103 26.96 -23.97 26.05
C VAL C 103 27.56 -23.91 24.65
N ALA C 104 28.32 -24.93 24.26
CA ALA C 104 28.90 -24.97 22.92
C ALA C 104 27.82 -25.30 21.90
N VAL C 105 27.62 -24.42 20.94
CA VAL C 105 26.56 -24.57 19.95
C VAL C 105 27.22 -24.84 18.60
N SER C 106 26.58 -25.67 17.80
CA SER C 106 26.88 -25.74 16.38
C SER C 106 25.57 -25.90 15.66
N CYS C 107 25.58 -25.65 14.35
CA CYS C 107 24.39 -25.82 13.54
C CYS C 107 24.21 -27.24 13.05
N ASP C 108 24.92 -28.18 13.63
CA ASP C 108 24.85 -29.58 13.27
C ASP C 108 23.82 -30.28 14.14
N SER C 109 23.37 -31.44 13.67
CA SER C 109 22.36 -32.18 14.40
C SER C 109 22.99 -32.92 15.57
N VAL C 110 22.16 -33.27 16.54
CA VAL C 110 22.62 -33.82 17.81
C VAL C 110 23.19 -35.22 17.64
N TYR C 111 22.88 -35.90 16.55
CA TYR C 111 23.49 -37.19 16.28
C TYR C 111 24.94 -37.05 15.85
N SER C 112 25.26 -35.98 15.11
CA SER C 112 26.65 -35.71 14.79
C SER C 112 27.44 -35.25 16.01
N HIS C 113 26.80 -34.47 16.89
CA HIS C 113 27.42 -34.05 18.14
C HIS C 113 27.71 -35.25 19.03
N LEU C 114 26.73 -36.14 19.19
CA LEU C 114 26.94 -37.37 19.93
C LEU C 114 27.94 -38.28 19.23
N ALA C 115 28.08 -38.15 17.92
CA ALA C 115 29.00 -38.96 17.16
C ALA C 115 30.45 -38.56 17.36
N TRP C 116 30.73 -37.25 17.41
CA TRP C 116 32.13 -36.85 17.53
C TRP C 116 32.50 -36.48 18.95
N VAL C 117 31.55 -36.42 19.87
CA VAL C 117 31.92 -36.57 21.26
C VAL C 117 32.37 -38.02 21.52
N ASN C 118 31.68 -38.99 20.92
CA ASN C 118 32.06 -40.39 21.06
C ASN C 118 33.20 -40.80 20.14
N THR C 119 33.67 -39.92 19.29
CA THR C 119 34.88 -40.22 18.52
C THR C 119 36.09 -39.99 19.41
N PRO C 120 37.03 -40.95 19.47
CA PRO C 120 38.22 -40.77 20.32
C PRO C 120 39.09 -39.61 19.84
N ARG C 121 39.74 -38.97 20.80
CA ARG C 121 40.38 -37.68 20.56
C ARG C 121 41.62 -37.80 19.67
N LYS C 122 42.26 -38.98 19.65
CA LYS C 122 43.37 -39.20 18.75
C LYS C 122 42.94 -39.39 17.30
N LYS C 123 41.65 -39.64 17.05
CA LYS C 123 41.11 -39.73 15.70
C LYS C 123 40.48 -38.43 15.25
N GLY C 124 40.97 -37.31 15.75
CA GLY C 124 40.43 -36.01 15.39
C GLY C 124 39.15 -35.64 16.09
N GLY C 125 38.71 -36.43 17.08
CA GLY C 125 37.44 -36.21 17.73
C GLY C 125 37.59 -35.51 19.06
N LEU C 126 36.47 -35.41 19.77
CA LEU C 126 36.46 -34.68 21.03
C LEU C 126 36.93 -35.55 22.19
N GLY C 127 36.32 -36.71 22.37
CA GLY C 127 36.69 -37.57 23.48
C GLY C 127 35.86 -37.25 24.70
N GLU C 128 36.49 -36.78 25.76
CA GLU C 128 35.76 -36.30 26.93
C GLU C 128 35.24 -34.90 26.64
N MET C 129 33.93 -34.70 26.78
CA MET C 129 33.33 -33.41 26.52
C MET C 129 32.45 -33.05 27.71
N HIS C 130 32.79 -31.96 28.42
CA HIS C 130 32.19 -31.65 29.71
C HIS C 130 31.35 -30.38 29.68
N ILE C 131 30.78 -30.06 28.53
CA ILE C 131 29.88 -28.91 28.38
C ILE C 131 28.71 -29.33 27.48
N PRO C 132 27.57 -28.63 27.57
CA PRO C 132 26.46 -28.93 26.65
C PRO C 132 26.80 -28.62 25.21
N VAL C 133 26.86 -29.66 24.38
CA VAL C 133 27.13 -29.50 22.95
C VAL C 133 25.76 -29.36 22.28
N LEU C 134 25.29 -28.12 22.16
CA LEU C 134 23.93 -27.86 21.73
C LEU C 134 23.77 -27.92 20.22
N ALA C 135 22.73 -28.60 19.77
CA ALA C 135 22.46 -28.80 18.35
C ALA C 135 21.46 -27.78 17.84
N ASP C 136 21.95 -26.84 17.06
CA ASP C 136 21.11 -25.85 16.42
C ASP C 136 20.84 -26.25 14.97
N LYS C 137 20.19 -27.41 14.81
CA LYS C 137 20.03 -27.97 13.46
C LYS C 137 19.08 -27.13 12.60
N SER C 138 18.08 -26.52 13.22
CA SER C 138 17.21 -25.60 12.52
C SER C 138 17.84 -24.22 12.31
N MET C 139 19.02 -23.99 12.92
CA MET C 139 19.82 -22.76 12.81
C MET C 139 19.05 -21.54 13.29
N GLU C 140 18.20 -21.74 14.30
CA GLU C 140 17.44 -20.68 14.93
C GLU C 140 18.20 -19.98 16.04
N ILE C 141 19.09 -20.70 16.72
CA ILE C 141 19.91 -20.09 17.75
C ILE C 141 21.03 -19.28 17.12
N ALA C 142 21.67 -19.83 16.08
CA ALA C 142 22.72 -19.11 15.38
C ALA C 142 22.19 -17.93 14.59
N ARG C 143 20.93 -17.96 14.19
CA ARG C 143 20.35 -16.81 13.50
C ARG C 143 20.03 -15.71 14.50
N ASP C 144 19.50 -16.09 15.67
CA ASP C 144 19.16 -15.12 16.71
C ASP C 144 20.38 -14.51 17.35
N TYR C 145 21.53 -15.17 17.31
CA TYR C 145 22.76 -14.62 17.82
C TYR C 145 23.64 -14.01 16.76
N GLY C 146 23.11 -13.81 15.55
CA GLY C 146 23.82 -13.12 14.48
C GLY C 146 25.07 -13.79 13.98
N VAL C 147 25.36 -15.02 14.38
CA VAL C 147 26.55 -15.71 13.93
C VAL C 147 26.29 -16.70 12.81
N LEU C 148 25.04 -16.86 12.38
CA LEU C 148 24.73 -17.78 11.31
C LEU C 148 25.26 -17.25 9.98
N ILE C 149 26.06 -18.08 9.31
CA ILE C 149 26.47 -17.78 7.94
C ILE C 149 25.41 -18.43 7.06
N GLU C 150 24.47 -17.62 6.58
CA GLU C 150 23.24 -18.13 5.99
C GLU C 150 23.50 -18.84 4.68
N GLU C 151 24.54 -18.42 3.95
CA GLU C 151 24.87 -19.03 2.67
C GLU C 151 25.41 -20.45 2.83
N SER C 152 26.12 -20.74 3.92
CA SER C 152 26.72 -22.04 4.14
C SER C 152 26.10 -22.80 5.28
N GLY C 153 25.20 -22.18 6.03
CA GLY C 153 24.46 -22.89 7.04
C GLY C 153 25.22 -23.22 8.29
N ILE C 154 26.35 -22.55 8.52
CA ILE C 154 27.14 -22.81 9.72
C ILE C 154 27.20 -21.54 10.55
N ALA C 155 27.76 -21.65 11.74
CA ALA C 155 27.87 -20.52 12.66
C ALA C 155 29.26 -19.90 12.58
N LEU C 156 29.32 -18.59 12.78
CA LEU C 156 30.58 -17.94 13.02
C LEU C 156 31.15 -18.40 14.36
N ARG C 157 32.47 -18.31 14.49
CA ARG C 157 33.08 -18.60 15.79
C ARG C 157 32.71 -17.50 16.76
N GLY C 158 31.76 -17.78 17.63
CA GLY C 158 31.15 -16.76 18.44
C GLY C 158 31.22 -17.12 19.91
N LEU C 159 31.28 -16.10 20.75
CA LEU C 159 31.23 -16.30 22.19
C LEU C 159 30.42 -15.17 22.77
N PHE C 160 29.35 -15.51 23.47
CA PHE C 160 28.38 -14.54 23.97
C PHE C 160 28.22 -14.74 25.47
N ILE C 161 28.41 -13.70 26.25
CA ILE C 161 28.26 -13.81 27.70
C ILE C 161 26.96 -13.14 28.10
N ILE C 162 25.98 -13.96 28.45
CA ILE C 162 24.66 -13.54 28.89
C ILE C 162 24.70 -13.35 30.40
N ASP C 163 24.25 -12.19 30.87
CA ASP C 163 24.06 -11.95 32.29
C ASP C 163 22.99 -12.87 32.84
N LYS C 164 23.08 -13.16 34.15
CA LYS C 164 22.08 -14.00 34.79
C LYS C 164 20.75 -13.28 35.02
N LYS C 165 20.64 -12.00 34.66
CA LYS C 165 19.37 -11.35 34.40
C LYS C 165 18.81 -11.71 33.03
N GLY C 166 19.56 -12.44 32.21
CA GLY C 166 19.10 -12.84 30.90
C GLY C 166 19.53 -11.95 29.76
N ILE C 167 20.10 -10.79 30.06
CA ILE C 167 20.54 -9.85 29.03
C ILE C 167 21.94 -10.22 28.57
N LEU C 168 22.26 -9.89 27.33
CA LEU C 168 23.59 -10.10 26.81
C LEU C 168 24.51 -9.04 27.38
N ARG C 169 25.81 -9.34 27.46
CA ARG C 169 26.72 -8.33 27.99
C ARG C 169 27.98 -8.27 27.13
N HIS C 170 28.29 -9.36 26.46
CA HIS C 170 29.54 -9.52 25.75
C HIS C 170 29.30 -10.33 24.50
N SER C 171 29.99 -9.97 23.43
CA SER C 171 29.73 -10.52 22.10
C SER C 171 31.08 -10.57 21.40
N THR C 172 31.75 -11.71 21.47
CA THR C 172 32.99 -11.93 20.73
C THR C 172 32.66 -12.80 19.53
N ILE C 173 32.73 -12.23 18.34
CA ILE C 173 32.43 -12.96 17.13
C ILE C 173 33.67 -12.95 16.27
N ASN C 174 34.17 -14.14 15.95
CA ASN C 174 35.29 -14.32 15.04
C ASN C 174 34.79 -14.85 13.71
N ASP C 175 35.47 -14.48 12.65
CA ASP C 175 35.28 -15.18 11.40
C ASP C 175 36.00 -16.53 11.50
N LEU C 176 35.55 -17.48 10.68
CA LEU C 176 35.84 -18.92 10.74
C LEU C 176 37.28 -19.39 10.99
N PRO C 177 38.38 -18.67 10.55
CA PRO C 177 39.71 -19.11 10.96
C PRO C 177 40.03 -19.08 12.44
N VAL C 178 39.90 -17.92 13.07
CA VAL C 178 40.54 -17.67 14.36
C VAL C 178 39.66 -18.17 15.49
N GLY C 179 40.19 -19.09 16.29
CA GLY C 179 39.44 -19.65 17.37
C GLY C 179 39.46 -18.79 18.61
N ARG C 180 38.50 -19.05 19.48
CA ARG C 180 38.41 -18.34 20.75
C ARG C 180 39.40 -18.88 21.75
N ASN C 181 39.72 -18.05 22.73
CA ASN C 181 40.64 -18.39 23.80
C ASN C 181 39.87 -18.47 25.11
N VAL C 182 40.37 -19.30 26.02
CA VAL C 182 39.64 -19.53 27.26
C VAL C 182 40.02 -18.54 28.35
N ASP C 183 41.27 -18.07 28.38
CA ASP C 183 41.64 -17.05 29.37
C ASP C 183 40.99 -15.71 29.05
N GLU C 184 40.73 -15.45 27.77
CA GLU C 184 40.00 -14.24 27.39
C GLU C 184 38.57 -14.29 27.91
N ALA C 185 37.91 -15.44 27.72
CA ALA C 185 36.54 -15.60 28.18
C ALA C 185 36.46 -15.57 29.69
N LEU C 186 37.44 -16.15 30.37
CA LEU C 186 37.47 -16.12 31.82
C LEU C 186 37.72 -14.72 32.36
N ARG C 187 38.60 -13.94 31.71
CA ARG C 187 38.85 -12.56 32.13
C ARG C 187 37.61 -11.71 31.98
N VAL C 188 36.97 -11.78 30.80
CA VAL C 188 35.79 -10.96 30.56
C VAL C 188 34.63 -11.40 31.45
N LEU C 189 34.50 -12.72 31.60
CA LEU C 189 33.44 -13.34 32.41
C LEU C 189 33.49 -12.83 33.80
N GLU C 190 34.62 -13.07 34.46
CA GLU C 190 34.85 -12.61 35.81
C GLU C 190 34.47 -11.16 35.87
N ALA C 191 35.27 -10.33 35.21
CA ALA C 191 35.08 -8.90 35.11
C ALA C 191 33.63 -8.49 35.10
N PHE C 192 32.81 -9.25 34.39
CA PHE C 192 31.40 -8.95 34.37
C PHE C 192 30.88 -9.33 35.74
N GLN C 193 31.49 -10.35 36.35
CA GLN C 193 31.08 -10.81 37.67
C GLN C 193 31.40 -9.76 38.74
N TYR C 194 32.64 -9.26 38.75
CA TYR C 194 33.05 -8.21 39.67
C TYR C 194 32.28 -6.91 39.44
N ALA C 195 31.96 -6.58 38.20
CA ALA C 195 31.25 -5.34 37.93
C ALA C 195 29.77 -5.45 38.24
N ASP C 196 29.21 -6.64 38.13
CA ASP C 196 27.82 -6.84 38.53
C ASP C 196 27.69 -6.94 40.04
N GLU C 197 28.76 -7.36 40.72
CA GLU C 197 28.80 -7.24 42.17
C GLU C 197 28.89 -5.78 42.60
N ASN C 198 29.98 -5.11 42.26
CA ASN C 198 30.22 -3.75 42.74
C ASN C 198 29.80 -2.67 41.75
N GLY C 199 30.43 -2.61 40.59
CA GLY C 199 30.17 -1.54 39.63
C GLY C 199 31.00 -1.64 38.37
N THR D 35 -0.20 -26.31 -0.21
CA THR D 35 -1.10 -27.34 -0.70
C THR D 35 -1.26 -28.45 0.31
N ALA D 36 -0.63 -29.61 0.05
CA ALA D 36 -0.71 -30.77 0.93
C ALA D 36 0.71 -31.16 1.31
N THR D 37 1.23 -30.55 2.37
CA THR D 37 2.51 -30.94 2.92
C THR D 37 2.36 -32.30 3.59
N VAL D 38 3.44 -33.07 3.62
CA VAL D 38 3.40 -34.40 4.21
C VAL D 38 3.20 -34.31 5.71
N ARG D 39 4.16 -33.72 6.44
CA ARG D 39 4.16 -33.77 7.90
C ARG D 39 3.04 -32.89 8.53
N GLU D 40 2.30 -32.14 7.72
CA GLU D 40 1.17 -31.34 8.16
C GLU D 40 -0.12 -32.13 8.00
N ALA D 41 -1.24 -31.46 8.21
CA ALA D 41 -2.55 -32.09 8.12
C ALA D 41 -3.01 -32.18 6.67
N ALA D 42 -3.59 -33.31 6.31
CA ALA D 42 -4.10 -33.47 4.96
C ALA D 42 -5.30 -32.57 4.76
N PRO D 43 -5.45 -31.98 3.57
CA PRO D 43 -6.66 -31.18 3.31
C PRO D 43 -7.87 -32.08 3.16
N GLN D 44 -9.03 -31.52 3.50
CA GLN D 44 -10.27 -32.27 3.48
C GLN D 44 -10.71 -32.49 2.05
N PHE D 45 -11.28 -33.66 1.77
CA PHE D 45 -11.94 -33.90 0.51
C PHE D 45 -13.39 -34.31 0.75
N SER D 46 -14.26 -33.90 -0.16
CA SER D 46 -15.70 -34.08 -0.01
C SER D 46 -16.33 -33.95 -1.39
N GLY D 47 -17.09 -34.95 -1.79
CA GLY D 47 -17.77 -34.85 -3.07
C GLY D 47 -18.54 -36.11 -3.39
N GLN D 48 -19.19 -36.08 -4.53
CA GLN D 48 -20.03 -37.18 -4.98
C GLN D 48 -19.15 -38.28 -5.57
N ALA D 49 -19.06 -39.40 -4.88
CA ALA D 49 -18.28 -40.52 -5.36
C ALA D 49 -19.19 -41.52 -6.06
N VAL D 50 -18.60 -42.62 -6.53
CA VAL D 50 -19.34 -43.74 -7.08
C VAL D 50 -18.91 -44.98 -6.32
N VAL D 51 -19.79 -45.47 -5.45
CA VAL D 51 -19.57 -46.70 -4.72
C VAL D 51 -20.66 -47.68 -5.10
N ASN D 52 -20.25 -48.82 -5.65
CA ASN D 52 -21.12 -49.96 -5.97
C ASN D 52 -22.19 -49.61 -7.00
N GLY D 53 -21.88 -48.65 -7.88
CA GLY D 53 -22.75 -48.33 -8.99
C GLY D 53 -23.72 -47.20 -8.77
N ALA D 54 -23.45 -46.31 -7.81
CA ALA D 54 -24.36 -45.20 -7.54
C ALA D 54 -23.60 -44.08 -6.84
N ILE D 55 -24.23 -42.92 -6.81
CA ILE D 55 -23.62 -41.70 -6.29
C ILE D 55 -23.90 -41.60 -4.79
N LYS D 56 -22.86 -41.34 -4.00
CA LYS D 56 -22.97 -41.44 -2.55
C LYS D 56 -22.66 -40.18 -1.76
N ASP D 57 -22.05 -39.16 -2.37
CA ASP D 57 -21.79 -37.84 -1.76
C ASP D 57 -20.96 -37.97 -0.49
N ILE D 58 -19.71 -38.40 -0.68
CA ILE D 58 -18.86 -38.89 0.39
C ILE D 58 -17.91 -37.80 0.86
N ASN D 59 -17.84 -37.61 2.18
CA ASN D 59 -16.89 -36.75 2.84
C ASN D 59 -15.70 -37.58 3.33
N MET D 60 -14.59 -36.90 3.59
CA MET D 60 -13.41 -37.52 4.19
C MET D 60 -13.74 -38.09 5.57
N ASN D 61 -14.61 -37.39 6.32
CA ASN D 61 -15.00 -37.75 7.66
C ASN D 61 -15.78 -39.06 7.74
N ASP D 62 -16.27 -39.58 6.61
CA ASP D 62 -16.85 -40.91 6.57
C ASP D 62 -15.82 -41.99 6.90
N TYR D 63 -14.54 -41.71 6.70
CA TYR D 63 -13.50 -42.71 6.91
C TYR D 63 -12.56 -42.32 8.04
N LYS D 64 -13.11 -41.67 9.07
CA LYS D 64 -12.36 -41.35 10.27
C LYS D 64 -12.00 -42.62 11.02
N GLY D 65 -10.78 -42.67 11.53
CA GLY D 65 -10.27 -43.88 12.15
C GLY D 65 -9.61 -44.84 11.18
N LYS D 66 -9.53 -44.47 9.91
CA LYS D 66 -8.83 -45.25 8.89
C LYS D 66 -7.69 -44.42 8.29
N TYR D 67 -6.65 -45.12 7.87
CA TYR D 67 -5.75 -44.54 6.89
C TYR D 67 -6.52 -44.29 5.59
N ILE D 68 -6.17 -43.21 4.90
CA ILE D 68 -6.77 -42.93 3.61
C ILE D 68 -5.68 -43.08 2.55
N VAL D 69 -5.99 -43.75 1.46
CA VAL D 69 -5.13 -43.82 0.30
C VAL D 69 -5.85 -43.07 -0.81
N LEU D 70 -5.54 -41.79 -0.94
CA LEU D 70 -6.20 -40.90 -1.88
C LEU D 70 -5.48 -41.02 -3.22
N PHE D 71 -6.16 -41.56 -4.22
CA PHE D 71 -5.51 -42.11 -5.41
C PHE D 71 -6.01 -41.39 -6.66
N PHE D 72 -5.30 -40.34 -7.03
CA PHE D 72 -5.64 -39.55 -8.20
C PHE D 72 -5.23 -40.27 -9.48
N TYR D 73 -6.19 -40.53 -10.35
CA TYR D 73 -5.94 -40.88 -11.73
C TYR D 73 -6.39 -39.70 -12.61
N PRO D 74 -5.79 -39.50 -13.80
CA PRO D 74 -5.95 -38.21 -14.49
C PRO D 74 -7.33 -37.89 -15.06
N MET D 75 -7.89 -38.76 -15.91
CA MET D 75 -9.23 -38.55 -16.45
C MET D 75 -9.86 -39.87 -16.83
N ASP D 76 -11.18 -39.83 -17.08
CA ASP D 76 -12.00 -40.97 -17.45
C ASP D 76 -11.89 -41.28 -18.93
N PHE D 77 -12.30 -42.51 -19.28
CA PHE D 77 -12.54 -42.97 -20.65
C PHE D 77 -11.31 -42.89 -21.54
N THR D 78 -10.13 -42.99 -20.94
CA THR D 78 -8.89 -42.80 -21.69
C THR D 78 -8.67 -43.94 -22.67
N PHE D 79 -7.82 -43.67 -23.66
CA PHE D 79 -7.54 -44.66 -24.69
C PHE D 79 -6.71 -45.81 -24.13
N VAL D 80 -5.85 -45.51 -23.15
CA VAL D 80 -5.12 -46.55 -22.45
C VAL D 80 -6.07 -47.32 -21.54
N CYS D 81 -5.76 -48.58 -21.32
CA CYS D 81 -6.57 -49.40 -20.45
C CYS D 81 -6.37 -48.97 -19.00
N PRO D 82 -7.44 -48.85 -18.22
CA PRO D 82 -7.30 -48.40 -16.82
C PRO D 82 -6.68 -49.45 -15.93
N THR D 83 -5.36 -49.64 -16.05
CA THR D 83 -4.71 -50.78 -15.39
C THR D 83 -4.60 -50.56 -13.90
N GLU D 84 -4.22 -49.35 -13.47
CA GLU D 84 -3.90 -49.14 -12.06
C GLU D 84 -5.15 -49.07 -11.18
N ILE D 85 -6.24 -48.48 -11.67
CA ILE D 85 -7.46 -48.42 -10.87
C ILE D 85 -8.19 -49.76 -10.81
N ILE D 86 -8.16 -50.55 -11.88
CA ILE D 86 -8.63 -51.93 -11.77
C ILE D 86 -7.71 -52.74 -10.86
N ALA D 87 -6.41 -52.46 -10.89
CA ALA D 87 -5.47 -53.15 -10.03
C ALA D 87 -5.62 -52.74 -8.56
N PHE D 88 -6.22 -51.58 -8.29
CA PHE D 88 -6.54 -51.27 -6.89
C PHE D 88 -7.90 -51.83 -6.48
N SER D 89 -8.87 -51.80 -7.40
CA SER D 89 -10.20 -52.28 -7.06
C SER D 89 -10.22 -53.80 -6.89
N ASP D 90 -9.39 -54.51 -7.63
CA ASP D 90 -9.32 -55.96 -7.46
C ASP D 90 -8.59 -56.33 -6.18
N ARG D 91 -7.67 -55.48 -5.73
CA ARG D 91 -6.89 -55.70 -4.52
C ARG D 91 -7.45 -54.92 -3.34
N HIS D 92 -8.76 -54.68 -3.31
CA HIS D 92 -9.36 -53.87 -2.27
C HIS D 92 -9.39 -54.58 -0.92
N ALA D 93 -9.35 -55.91 -0.92
CA ALA D 93 -9.30 -56.67 0.33
C ALA D 93 -8.00 -56.41 1.07
N ASP D 94 -6.90 -56.23 0.34
CA ASP D 94 -5.62 -55.92 0.96
C ASP D 94 -5.59 -54.53 1.58
N PHE D 95 -6.53 -53.66 1.21
CA PHE D 95 -6.67 -52.38 1.86
C PHE D 95 -7.72 -52.42 2.97
N GLU D 96 -8.71 -53.30 2.86
CA GLU D 96 -9.64 -53.49 3.97
C GLU D 96 -8.96 -54.18 5.15
N LYS D 97 -7.94 -55.00 4.90
CA LYS D 97 -7.20 -55.66 5.96
C LYS D 97 -6.26 -54.72 6.70
N LEU D 98 -5.77 -53.66 6.05
CA LEU D 98 -4.82 -52.76 6.68
C LEU D 98 -5.49 -51.50 7.22
N ASN D 99 -6.81 -51.53 7.40
CA ASN D 99 -7.62 -50.48 8.04
C ASN D 99 -7.49 -49.15 7.27
N THR D 100 -7.65 -49.25 5.96
CA THR D 100 -7.49 -48.08 5.11
C THR D 100 -8.55 -48.11 4.02
N GLN D 101 -8.77 -46.97 3.41
CA GLN D 101 -9.73 -46.86 2.33
C GLN D 101 -9.09 -46.16 1.15
N VAL D 102 -9.13 -46.80 -0.02
CA VAL D 102 -8.60 -46.22 -1.24
C VAL D 102 -9.71 -45.41 -1.91
N VAL D 103 -9.51 -44.10 -1.99
CA VAL D 103 -10.46 -43.19 -2.58
C VAL D 103 -9.88 -42.75 -3.92
N ALA D 104 -10.29 -43.39 -5.01
CA ALA D 104 -9.81 -43.01 -6.33
C ALA D 104 -10.47 -41.70 -6.77
N VAL D 105 -9.67 -40.69 -7.04
CA VAL D 105 -10.18 -39.37 -7.38
C VAL D 105 -9.85 -39.10 -8.84
N SER D 106 -10.74 -38.41 -9.53
CA SER D 106 -10.41 -37.79 -10.79
C SER D 106 -11.11 -36.44 -10.83
N CYS D 107 -10.68 -35.57 -11.72
CA CYS D 107 -11.30 -34.26 -11.88
C CYS D 107 -12.51 -34.29 -12.78
N ASP D 108 -13.03 -35.48 -13.08
CA ASP D 108 -14.19 -35.64 -13.92
C ASP D 108 -15.45 -35.66 -13.08
N SER D 109 -16.58 -35.42 -13.72
CA SER D 109 -17.84 -35.38 -13.01
C SER D 109 -18.34 -36.78 -12.73
N VAL D 110 -19.22 -36.88 -11.73
CA VAL D 110 -19.65 -38.17 -11.20
C VAL D 110 -20.51 -38.94 -12.19
N TYR D 111 -21.06 -38.26 -13.19
CA TYR D 111 -21.80 -38.95 -14.23
C TYR D 111 -20.87 -39.68 -15.19
N SER D 112 -19.68 -39.13 -15.45
CA SER D 112 -18.68 -39.85 -16.22
C SER D 112 -18.10 -41.01 -15.44
N HIS D 113 -17.90 -40.84 -14.13
CA HIS D 113 -17.45 -41.91 -13.26
C HIS D 113 -18.44 -43.06 -13.24
N LEU D 114 -19.72 -42.73 -13.04
CA LEU D 114 -20.78 -43.73 -13.10
C LEU D 114 -20.91 -44.32 -14.49
N ALA D 115 -20.53 -43.57 -15.51
CA ALA D 115 -20.62 -44.03 -16.88
C ALA D 115 -19.57 -45.07 -17.21
N TRP D 116 -18.32 -44.89 -16.75
CA TRP D 116 -17.30 -45.84 -17.13
C TRP D 116 -17.01 -46.86 -16.05
N VAL D 117 -17.61 -46.72 -14.86
CA VAL D 117 -17.78 -47.90 -14.02
C VAL D 117 -18.80 -48.83 -14.65
N ASN D 118 -19.88 -48.28 -15.22
CA ASN D 118 -20.88 -49.09 -15.89
C ASN D 118 -20.50 -49.48 -17.31
N THR D 119 -19.37 -49.02 -17.81
CA THR D 119 -18.88 -49.53 -19.09
C THR D 119 -18.22 -50.88 -18.86
N PRO D 120 -18.55 -51.89 -19.66
CA PRO D 120 -17.94 -53.21 -19.48
C PRO D 120 -16.44 -53.18 -19.76
N ARG D 121 -15.71 -54.03 -19.03
CA ARG D 121 -14.25 -53.94 -18.96
C ARG D 121 -13.59 -54.33 -20.29
N LYS D 122 -14.24 -55.15 -21.09
CA LYS D 122 -13.71 -55.48 -22.41
C LYS D 122 -13.86 -54.34 -23.41
N LYS D 123 -14.69 -53.34 -23.11
CA LYS D 123 -14.83 -52.16 -23.95
C LYS D 123 -13.98 -50.99 -23.45
N GLY D 124 -12.86 -51.29 -22.80
CA GLY D 124 -11.98 -50.27 -22.27
C GLY D 124 -12.44 -49.66 -20.97
N GLY D 125 -13.50 -50.19 -20.35
CA GLY D 125 -14.07 -49.61 -19.16
C GLY D 125 -13.61 -50.31 -17.90
N LEU D 126 -14.23 -49.90 -16.78
CA LEU D 126 -13.82 -50.42 -15.49
C LEU D 126 -14.49 -51.75 -15.19
N GLY D 127 -15.82 -51.79 -15.27
CA GLY D 127 -16.53 -53.01 -14.95
C GLY D 127 -16.89 -53.06 -13.48
N GLU D 128 -16.34 -54.02 -12.75
CA GLU D 128 -16.51 -54.04 -11.30
C GLU D 128 -15.54 -53.05 -10.68
N MET D 129 -16.06 -52.11 -9.88
CA MET D 129 -15.24 -51.10 -9.23
C MET D 129 -15.58 -51.08 -7.75
N HIS D 130 -14.61 -51.41 -6.90
CA HIS D 130 -14.86 -51.67 -5.49
C HIS D 130 -14.22 -50.63 -4.57
N ILE D 131 -14.05 -49.41 -5.05
CA ILE D 131 -13.53 -48.30 -4.26
C ILE D 131 -14.31 -47.05 -4.60
N PRO D 132 -14.33 -46.06 -3.70
CA PRO D 132 -15.00 -44.78 -4.02
C PRO D 132 -14.32 -44.05 -5.16
N VAL D 133 -15.04 -43.92 -6.28
CA VAL D 133 -14.54 -43.18 -7.45
C VAL D 133 -15.01 -41.74 -7.26
N LEU D 134 -14.18 -40.94 -6.61
CA LEU D 134 -14.59 -39.60 -6.20
C LEU D 134 -14.48 -38.58 -7.32
N ALA D 135 -15.52 -37.77 -7.48
CA ALA D 135 -15.60 -36.77 -8.55
C ALA D 135 -15.16 -35.41 -8.03
N ASP D 136 -13.98 -34.99 -8.47
CA ASP D 136 -13.47 -33.67 -8.14
C ASP D 136 -13.73 -32.72 -9.31
N LYS D 137 -15.00 -32.51 -9.63
CA LYS D 137 -15.32 -31.76 -10.84
C LYS D 137 -14.97 -30.29 -10.71
N SER D 138 -15.07 -29.74 -9.50
CA SER D 138 -14.61 -28.38 -9.25
C SER D 138 -13.10 -28.28 -9.11
N MET D 139 -12.41 -29.42 -9.08
CA MET D 139 -10.95 -29.53 -9.01
C MET D 139 -10.38 -28.88 -7.75
N GLU D 140 -11.16 -28.95 -6.66
CA GLU D 140 -10.76 -28.44 -5.36
C GLU D 140 -9.95 -29.44 -4.56
N ILE D 141 -10.21 -30.74 -4.75
CA ILE D 141 -9.45 -31.77 -4.07
C ILE D 141 -8.09 -31.93 -4.73
N ALA D 142 -8.06 -31.94 -6.06
CA ALA D 142 -6.80 -32.03 -6.79
C ALA D 142 -5.95 -30.79 -6.65
N ARG D 143 -6.56 -29.65 -6.38
CA ARG D 143 -5.76 -28.45 -6.14
C ARG D 143 -5.16 -28.46 -4.76
N ASP D 144 -5.93 -28.91 -3.77
CA ASP D 144 -5.48 -28.99 -2.39
C ASP D 144 -4.43 -30.07 -2.20
N TYR D 145 -4.41 -31.09 -3.05
CA TYR D 145 -3.39 -32.12 -2.97
C TYR D 145 -2.25 -31.91 -3.94
N GLY D 146 -2.15 -30.72 -4.55
CA GLY D 146 -1.04 -30.36 -5.41
C GLY D 146 -0.88 -31.17 -6.68
N VAL D 147 -1.84 -32.01 -7.02
CA VAL D 147 -1.73 -32.84 -8.21
C VAL D 147 -2.52 -32.28 -9.39
N LEU D 148 -3.21 -31.16 -9.21
CA LEU D 148 -3.98 -30.57 -10.30
C LEU D 148 -3.05 -29.98 -11.34
N ILE D 149 -3.22 -30.40 -12.59
CA ILE D 149 -2.54 -29.78 -13.72
C ILE D 149 -3.48 -28.68 -14.18
N GLU D 150 -3.19 -27.44 -13.76
CA GLU D 150 -4.17 -26.35 -13.88
C GLU D 150 -4.42 -25.97 -15.32
N GLU D 151 -3.42 -26.15 -16.18
CA GLU D 151 -3.55 -25.80 -17.59
C GLU D 151 -4.50 -26.74 -18.33
N SER D 152 -4.56 -28.01 -17.93
CA SER D 152 -5.38 -29.00 -18.61
C SER D 152 -6.52 -29.50 -17.76
N GLY D 153 -6.59 -29.09 -16.50
CA GLY D 153 -7.74 -29.40 -15.68
C GLY D 153 -7.82 -30.83 -15.21
N ILE D 154 -6.72 -31.57 -15.26
CA ILE D 154 -6.73 -32.96 -14.81
C ILE D 154 -5.76 -33.10 -13.65
N ALA D 155 -5.76 -34.27 -13.03
CA ALA D 155 -4.90 -34.55 -11.88
C ALA D 155 -3.67 -35.31 -12.33
N LEU D 156 -2.56 -35.05 -11.64
CA LEU D 156 -1.39 -35.90 -11.74
C LEU D 156 -1.71 -37.28 -11.17
N ARG D 157 -0.99 -38.29 -11.65
CA ARG D 157 -1.14 -39.62 -11.06
C ARG D 157 -0.55 -39.60 -9.65
N GLY D 158 -1.41 -39.53 -8.66
CA GLY D 158 -1.00 -39.25 -7.30
C GLY D 158 -1.51 -40.31 -6.36
N LEU D 159 -0.75 -40.54 -5.30
CA LEU D 159 -1.18 -41.45 -4.25
C LEU D 159 -0.74 -40.85 -2.93
N PHE D 160 -1.69 -40.63 -2.03
CA PHE D 160 -1.45 -39.93 -0.79
C PHE D 160 -1.95 -40.78 0.35
N ILE D 161 -1.09 -41.06 1.32
CA ILE D 161 -1.49 -41.87 2.47
C ILE D 161 -1.66 -40.96 3.67
N ILE D 162 -2.91 -40.73 4.04
CA ILE D 162 -3.30 -39.92 5.18
C ILE D 162 -3.37 -40.81 6.41
N ASP D 163 -2.70 -40.39 7.48
CA ASP D 163 -2.82 -41.06 8.77
C ASP D 163 -4.25 -40.91 9.29
N LYS D 164 -4.66 -41.86 10.14
CA LYS D 164 -5.98 -41.80 10.75
C LYS D 164 -6.10 -40.75 11.84
N LYS D 165 -5.01 -40.04 12.16
CA LYS D 165 -5.07 -38.75 12.84
C LYS D 165 -5.44 -37.62 11.88
N GLY D 166 -5.54 -37.90 10.58
CA GLY D 166 -5.89 -36.90 9.60
C GLY D 166 -4.73 -36.22 8.91
N ILE D 167 -3.51 -36.45 9.38
CA ILE D 167 -2.32 -35.84 8.79
C ILE D 167 -1.86 -36.69 7.62
N LEU D 168 -1.20 -36.05 6.66
CA LEU D 168 -0.62 -36.76 5.54
C LEU D 168 0.65 -37.44 6.02
N ARG D 169 1.06 -38.52 5.35
CA ARG D 169 2.28 -39.18 5.76
C ARG D 169 3.12 -39.55 4.56
N HIS D 170 2.47 -39.71 3.41
CA HIS D 170 3.10 -40.24 2.22
C HIS D 170 2.49 -39.56 1.01
N SER D 171 3.32 -39.28 0.02
CA SER D 171 2.95 -38.45 -1.12
C SER D 171 3.70 -39.02 -2.31
N THR D 172 3.07 -39.91 -3.07
CA THR D 172 3.65 -40.43 -4.31
C THR D 172 2.93 -39.73 -5.45
N ILE D 173 3.65 -38.87 -6.16
CA ILE D 173 3.07 -38.15 -7.28
C ILE D 173 3.86 -38.53 -8.52
N ASN D 174 3.17 -39.07 -9.51
CA ASN D 174 3.74 -39.39 -10.80
C ASN D 174 3.25 -38.38 -11.83
N ASP D 175 4.09 -38.10 -12.81
CA ASP D 175 3.60 -37.43 -14.00
C ASP D 175 2.82 -38.44 -14.83
N LEU D 176 1.92 -37.91 -15.67
CA LEU D 176 0.85 -38.64 -16.37
C LEU D 176 1.14 -39.97 -17.05
N PRO D 177 2.37 -40.26 -17.59
CA PRO D 177 2.62 -41.62 -18.09
C PRO D 177 2.57 -42.75 -17.07
N VAL D 178 3.38 -42.67 -16.02
CA VAL D 178 3.71 -43.84 -15.21
C VAL D 178 2.66 -44.06 -14.14
N GLY D 179 2.02 -45.22 -14.18
CA GLY D 179 0.98 -45.51 -13.22
C GLY D 179 1.52 -46.03 -11.91
N ARG D 180 0.67 -45.94 -10.89
CA ARG D 180 1.02 -46.41 -9.56
C ARG D 180 0.90 -47.92 -9.48
N ASN D 181 1.60 -48.48 -8.51
CA ASN D 181 1.62 -49.91 -8.26
C ASN D 181 0.93 -50.18 -6.93
N VAL D 182 0.34 -51.37 -6.80
CA VAL D 182 -0.43 -51.67 -5.61
C VAL D 182 0.43 -52.30 -4.52
N ASP D 183 1.47 -53.07 -4.86
CA ASP D 183 2.34 -53.61 -3.84
C ASP D 183 3.20 -52.51 -3.20
N GLU D 184 3.49 -51.47 -3.96
CA GLU D 184 4.19 -50.32 -3.40
C GLU D 184 3.34 -49.62 -2.36
N ALA D 185 2.06 -49.39 -2.68
CA ALA D 185 1.14 -48.73 -1.76
C ALA D 185 0.88 -49.59 -0.54
N LEU D 186 0.79 -50.90 -0.73
CA LEU D 186 0.59 -51.80 0.41
C LEU D 186 1.82 -51.85 1.31
N ARG D 187 3.03 -51.84 0.73
CA ARG D 187 4.24 -51.85 1.54
C ARG D 187 4.36 -50.58 2.36
N VAL D 188 4.16 -49.42 1.72
CA VAL D 188 4.29 -48.15 2.42
C VAL D 188 3.18 -48.01 3.46
N LEU D 189 1.98 -48.42 3.07
CA LEU D 189 0.79 -48.35 3.92
C LEU D 189 1.00 -49.07 5.19
N GLU D 190 1.27 -50.37 5.07
CA GLU D 190 1.56 -51.23 6.21
C GLU D 190 2.58 -50.51 7.07
N ALA D 191 3.80 -50.43 6.55
CA ALA D 191 4.94 -49.77 7.16
C ALA D 191 4.53 -48.57 8.00
N PHE D 192 3.58 -47.80 7.50
CA PHE D 192 3.11 -46.67 8.27
C PHE D 192 2.30 -47.25 9.42
N GLN D 193 1.65 -48.38 9.16
CA GLN D 193 0.85 -49.06 10.18
C GLN D 193 1.73 -49.60 11.31
N TYR D 194 2.77 -50.34 10.96
CA TYR D 194 3.73 -50.86 11.94
C TYR D 194 4.46 -49.76 12.68
N ALA D 195 4.78 -48.65 12.00
CA ALA D 195 5.51 -47.58 12.66
C ALA D 195 4.60 -46.74 13.54
N ASP D 196 3.33 -46.63 13.20
CA ASP D 196 2.39 -45.94 14.06
C ASP D 196 2.00 -46.80 15.25
N GLU D 197 2.08 -48.13 15.10
CA GLU D 197 1.96 -49.01 16.26
C GLU D 197 3.15 -48.87 17.18
N ASN D 198 4.34 -49.24 16.70
CA ASN D 198 5.54 -49.26 17.54
C ASN D 198 6.39 -48.01 17.43
N GLY D 199 6.96 -47.73 16.27
CA GLY D 199 7.88 -46.62 16.12
C GLY D 199 8.44 -46.48 14.71
N THR E 35 -22.15 -8.24 -11.34
CA THR E 35 -23.40 -7.63 -11.75
C THR E 35 -24.59 -8.51 -11.38
N ALA E 36 -25.18 -9.18 -12.36
CA ALA E 36 -26.33 -10.05 -12.14
C ALA E 36 -25.99 -11.43 -12.67
N THR E 37 -25.38 -12.25 -11.81
CA THR E 37 -25.13 -13.63 -12.15
C THR E 37 -26.45 -14.38 -12.14
N VAL E 38 -26.54 -15.43 -12.95
CA VAL E 38 -27.77 -16.21 -13.04
C VAL E 38 -28.03 -16.95 -11.74
N ARG E 39 -27.15 -17.89 -11.37
CA ARG E 39 -27.43 -18.79 -10.26
C ARG E 39 -27.37 -18.08 -8.87
N GLU E 40 -26.99 -16.81 -8.84
CA GLU E 40 -26.98 -16.00 -7.64
C GLU E 40 -28.29 -15.24 -7.51
N ALA E 41 -28.34 -14.32 -6.54
CA ALA E 41 -29.53 -13.54 -6.27
C ALA E 41 -29.61 -12.36 -7.23
N ALA E 42 -30.80 -12.09 -7.72
CA ALA E 42 -31.00 -10.96 -8.60
C ALA E 42 -30.83 -9.67 -7.83
N PRO E 43 -30.23 -8.64 -8.42
CA PRO E 43 -30.15 -7.35 -7.74
C PRO E 43 -31.51 -6.68 -7.68
N GLN E 44 -31.69 -5.87 -6.64
CA GLN E 44 -32.97 -5.22 -6.40
C GLN E 44 -33.16 -4.08 -7.41
N PHE E 45 -34.39 -3.90 -7.86
CA PHE E 45 -34.74 -2.74 -8.65
C PHE E 45 -35.87 -1.97 -7.97
N SER E 46 -35.83 -0.66 -8.10
CA SER E 46 -36.76 0.22 -7.41
C SER E 46 -36.76 1.56 -8.12
N GLY E 47 -37.93 2.03 -8.52
CA GLY E 47 -37.99 3.33 -9.16
C GLY E 47 -39.40 3.65 -9.59
N GLN E 48 -39.54 4.84 -10.17
CA GLN E 48 -40.82 5.35 -10.61
C GLN E 48 -41.19 4.71 -11.94
N ALA E 49 -42.20 3.86 -11.92
CA ALA E 49 -42.65 3.21 -13.14
C ALA E 49 -43.86 3.96 -13.70
N VAL E 50 -44.40 3.46 -14.80
CA VAL E 50 -45.64 3.96 -15.37
C VAL E 50 -46.58 2.78 -15.51
N VAL E 51 -47.59 2.72 -14.65
CA VAL E 51 -48.63 1.70 -14.70
C VAL E 51 -49.95 2.41 -14.93
N ASN E 52 -50.62 2.06 -16.03
CA ASN E 52 -51.98 2.51 -16.37
C ASN E 52 -52.06 4.02 -16.53
N GLY E 53 -50.96 4.65 -16.93
CA GLY E 53 -50.97 6.05 -17.26
C GLY E 53 -50.56 7.00 -16.15
N ALA E 54 -49.83 6.51 -15.15
CA ALA E 54 -49.40 7.37 -14.05
C ALA E 54 -48.19 6.76 -13.38
N ILE E 55 -47.54 7.58 -12.57
CA ILE E 55 -46.28 7.24 -11.91
C ILE E 55 -46.57 6.56 -10.58
N LYS E 56 -45.94 5.41 -10.33
CA LYS E 56 -46.32 4.58 -9.20
C LYS E 56 -45.22 4.28 -8.18
N ASP E 57 -43.94 4.56 -8.50
CA ASP E 57 -42.80 4.43 -7.58
C ASP E 57 -42.68 3.02 -7.03
N ILE E 58 -42.36 2.10 -7.93
CA ILE E 58 -42.50 0.67 -7.71
C ILE E 58 -41.16 0.05 -7.30
N ASN E 59 -41.18 -0.74 -6.24
CA ASN E 59 -40.06 -1.55 -5.78
C ASN E 59 -40.22 -2.97 -6.32
N MET E 60 -39.11 -3.70 -6.33
CA MET E 60 -39.11 -5.12 -6.67
C MET E 60 -39.98 -5.91 -5.69
N ASN E 61 -39.97 -5.51 -4.42
CA ASN E 61 -40.69 -6.18 -3.33
C ASN E 61 -42.20 -6.09 -3.48
N ASP E 62 -42.71 -5.22 -4.36
CA ASP E 62 -44.13 -5.22 -4.69
C ASP E 62 -44.55 -6.51 -5.38
N TYR E 63 -43.61 -7.24 -6.00
CA TYR E 63 -43.95 -8.43 -6.75
C TYR E 63 -43.32 -9.66 -6.13
N LYS E 64 -43.21 -9.68 -4.80
CA LYS E 64 -42.74 -10.85 -4.07
C LYS E 64 -43.74 -11.99 -4.20
N GLY E 65 -43.24 -13.21 -4.39
CA GLY E 65 -44.09 -14.34 -4.66
C GLY E 65 -44.39 -14.53 -6.13
N LYS E 66 -43.84 -13.71 -7.00
CA LYS E 66 -43.97 -13.84 -8.45
C LYS E 66 -42.60 -14.02 -9.08
N TYR E 67 -42.55 -14.75 -10.19
CA TYR E 67 -41.45 -14.61 -11.12
C TYR E 67 -41.44 -13.19 -11.66
N ILE E 68 -40.25 -12.66 -11.90
CA ILE E 68 -40.12 -11.34 -12.50
C ILE E 68 -39.51 -11.54 -13.88
N VAL E 69 -40.06 -10.86 -14.88
CA VAL E 69 -39.49 -10.80 -16.21
C VAL E 69 -39.06 -9.36 -16.42
N LEU E 70 -37.80 -9.07 -16.11
CA LEU E 70 -37.26 -7.73 -16.16
C LEU E 70 -36.78 -7.49 -17.58
N PHE E 71 -37.42 -6.56 -18.28
CA PHE E 71 -37.35 -6.48 -19.73
C PHE E 71 -36.81 -5.12 -20.17
N PHE E 72 -35.51 -5.06 -20.33
CA PHE E 72 -34.84 -3.82 -20.75
C PHE E 72 -35.02 -3.59 -22.23
N TYR E 73 -35.61 -2.46 -22.58
CA TYR E 73 -35.54 -1.91 -23.91
C TYR E 73 -34.66 -0.67 -23.89
N PRO E 74 -33.99 -0.31 -25.00
CA PRO E 74 -32.88 0.66 -24.91
C PRO E 74 -33.24 2.12 -24.59
N MET E 75 -34.13 2.74 -25.36
CA MET E 75 -34.55 4.11 -25.08
C MET E 75 -35.94 4.36 -25.65
N ASP E 76 -36.54 5.47 -25.22
CA ASP E 76 -37.88 5.91 -25.62
C ASP E 76 -37.84 6.64 -26.95
N PHE E 77 -39.03 6.72 -27.56
CA PHE E 77 -39.33 7.59 -28.71
C PHE E 77 -38.48 7.27 -29.92
N THR E 78 -38.06 6.02 -30.06
CA THR E 78 -37.13 5.66 -31.12
C THR E 78 -37.82 5.72 -32.48
N PHE E 79 -36.99 5.78 -33.52
CA PHE E 79 -37.51 5.88 -34.88
C PHE E 79 -38.13 4.57 -35.31
N VAL E 80 -37.59 3.46 -34.82
CA VAL E 80 -38.20 2.16 -35.07
C VAL E 80 -39.48 2.03 -34.25
N CYS E 81 -40.41 1.24 -34.77
CA CYS E 81 -41.67 1.04 -34.06
C CYS E 81 -41.43 0.15 -32.84
N PRO E 82 -42.00 0.49 -31.70
CA PRO E 82 -41.76 -0.32 -30.49
C PRO E 82 -42.48 -1.66 -30.53
N THR E 83 -41.93 -2.60 -31.31
CA THR E 83 -42.65 -3.83 -31.59
C THR E 83 -42.64 -4.77 -30.39
N GLU E 84 -41.50 -4.89 -29.70
CA GLU E 84 -41.38 -5.91 -28.66
C GLU E 84 -42.10 -5.53 -27.38
N ILE E 85 -42.10 -4.25 -27.01
CA ILE E 85 -42.80 -3.83 -25.79
C ILE E 85 -44.32 -3.80 -25.99
N ILE E 86 -44.80 -3.43 -27.17
CA ILE E 86 -46.22 -3.60 -27.47
C ILE E 86 -46.57 -5.09 -27.54
N ALA E 87 -45.66 -5.92 -28.04
CA ALA E 87 -45.88 -7.35 -28.08
C ALA E 87 -45.84 -8.00 -26.70
N PHE E 88 -45.22 -7.36 -25.72
CA PHE E 88 -45.35 -7.87 -24.36
C PHE E 88 -46.59 -7.33 -23.65
N SER E 89 -46.93 -6.05 -23.90
CA SER E 89 -48.08 -5.46 -23.24
C SER E 89 -49.38 -6.06 -23.74
N ASP E 90 -49.43 -6.45 -25.01
CA ASP E 90 -50.65 -7.08 -25.52
C ASP E 90 -50.77 -8.50 -25.03
N ARG E 91 -49.65 -9.15 -24.75
CA ARG E 91 -49.62 -10.53 -24.25
C ARG E 91 -49.44 -10.59 -22.74
N HIS E 92 -49.93 -9.58 -22.02
CA HIS E 92 -49.73 -9.52 -20.58
C HIS E 92 -50.56 -10.55 -19.83
N ALA E 93 -51.64 -11.02 -20.42
CA ALA E 93 -52.45 -12.07 -19.80
C ALA E 93 -51.68 -13.38 -19.71
N ASP E 94 -50.84 -13.67 -20.70
CA ASP E 94 -50.01 -14.86 -20.68
C ASP E 94 -48.93 -14.79 -19.61
N PHE E 95 -48.63 -13.60 -19.10
CA PHE E 95 -47.72 -13.48 -17.96
C PHE E 95 -48.48 -13.40 -16.65
N GLU E 96 -49.72 -12.93 -16.65
CA GLU E 96 -50.54 -13.00 -15.45
C GLU E 96 -50.94 -14.43 -15.14
N LYS E 97 -51.06 -15.28 -16.16
CA LYS E 97 -51.40 -16.67 -15.95
C LYS E 97 -50.25 -17.50 -15.41
N LEU E 98 -49.00 -17.11 -15.68
CA LEU E 98 -47.84 -17.87 -15.23
C LEU E 98 -47.22 -17.31 -13.97
N ASN E 99 -47.96 -16.47 -13.23
CA ASN E 99 -47.60 -15.94 -11.91
C ASN E 99 -46.30 -15.12 -12.00
N THR E 100 -46.25 -14.24 -12.99
CA THR E 100 -45.05 -13.45 -13.21
C THR E 100 -45.46 -12.03 -13.59
N GLN E 101 -44.51 -11.12 -13.47
CA GLN E 101 -44.76 -9.73 -13.82
C GLN E 101 -43.64 -9.24 -14.74
N VAL E 102 -44.01 -8.72 -15.89
CA VAL E 102 -43.06 -8.15 -16.84
C VAL E 102 -42.85 -6.69 -16.50
N VAL E 103 -41.65 -6.35 -16.10
CA VAL E 103 -41.28 -5.00 -15.73
C VAL E 103 -40.39 -4.46 -16.84
N ALA E 104 -40.97 -3.71 -17.77
CA ALA E 104 -40.19 -3.13 -18.86
C ALA E 104 -39.38 -1.95 -18.34
N VAL E 105 -38.06 -2.02 -18.47
CA VAL E 105 -37.17 -1.01 -17.94
C VAL E 105 -36.54 -0.27 -19.11
N SER E 106 -36.32 1.03 -18.94
CA SER E 106 -35.43 1.77 -19.81
C SER E 106 -34.65 2.73 -18.93
N CYS E 107 -33.55 3.25 -19.46
CA CYS E 107 -32.75 4.23 -18.72
C CYS E 107 -33.27 5.65 -18.88
N ASP E 108 -34.48 5.81 -19.37
CA ASP E 108 -35.09 7.10 -19.57
C ASP E 108 -35.89 7.49 -18.34
N SER E 109 -36.17 8.78 -18.22
CA SER E 109 -36.90 9.27 -17.07
C SER E 109 -38.38 8.98 -17.23
N VAL E 110 -39.08 8.98 -16.09
CA VAL E 110 -40.47 8.54 -16.03
C VAL E 110 -41.41 9.51 -16.75
N TYR E 111 -40.97 10.74 -16.97
CA TYR E 111 -41.77 11.67 -17.74
C TYR E 111 -41.75 11.34 -19.22
N SER E 112 -40.62 10.83 -19.73
CA SER E 112 -40.59 10.35 -21.10
C SER E 112 -41.39 9.06 -21.27
N HIS E 113 -41.35 8.18 -20.27
CA HIS E 113 -42.16 6.97 -20.27
C HIS E 113 -43.64 7.29 -20.27
N LEU E 114 -44.05 8.20 -19.39
CA LEU E 114 -45.44 8.66 -19.38
C LEU E 114 -45.79 9.42 -20.66
N ALA E 115 -44.78 10.01 -21.31
CA ALA E 115 -45.01 10.75 -22.53
C ALA E 115 -45.29 9.85 -23.71
N TRP E 116 -44.56 8.74 -23.84
CA TRP E 116 -44.76 7.92 -25.02
C TRP E 116 -45.65 6.72 -24.75
N VAL E 117 -46.02 6.47 -23.50
CA VAL E 117 -47.23 5.69 -23.27
C VAL E 117 -48.45 6.50 -23.69
N ASN E 118 -48.45 7.80 -23.40
CA ASN E 118 -49.55 8.67 -23.81
C ASN E 118 -49.45 9.13 -25.26
N THR E 119 -48.40 8.78 -25.97
CA THR E 119 -48.37 9.04 -27.40
C THR E 119 -49.21 7.97 -28.11
N PRO E 120 -50.10 8.36 -29.02
CA PRO E 120 -50.92 7.36 -29.73
C PRO E 120 -50.07 6.47 -30.62
N ARG E 121 -50.52 5.23 -30.76
CA ARG E 121 -49.70 4.17 -31.34
C ARG E 121 -49.47 4.36 -32.83
N LYS E 122 -50.38 5.06 -33.51
CA LYS E 122 -50.17 5.37 -34.92
C LYS E 122 -49.13 6.46 -35.14
N LYS E 123 -48.76 7.20 -34.10
CA LYS E 123 -47.71 8.20 -34.17
C LYS E 123 -46.38 7.67 -33.68
N GLY E 124 -46.14 6.37 -33.82
CA GLY E 124 -44.92 5.75 -33.36
C GLY E 124 -44.85 5.50 -31.88
N GLY E 125 -45.94 5.70 -31.14
CA GLY E 125 -45.94 5.58 -29.71
C GLY E 125 -46.47 4.25 -29.24
N LEU E 126 -46.63 4.15 -27.91
CA LEU E 126 -47.06 2.90 -27.32
C LEU E 126 -48.57 2.75 -27.34
N GLY E 127 -49.29 3.75 -26.81
CA GLY E 127 -50.74 3.67 -26.76
C GLY E 127 -51.19 3.01 -25.47
N GLU E 128 -51.83 1.85 -25.57
CA GLU E 128 -52.16 1.07 -24.38
C GLU E 128 -50.92 0.33 -23.92
N MET E 129 -50.54 0.53 -22.65
CA MET E 129 -49.36 -0.12 -22.10
C MET E 129 -49.75 -0.77 -20.78
N HIS E 130 -49.66 -2.10 -20.71
CA HIS E 130 -50.23 -2.87 -19.61
C HIS E 130 -49.17 -3.54 -18.74
N ILE E 131 -47.98 -2.96 -18.68
CA ILE E 131 -46.90 -3.46 -17.82
C ILE E 131 -46.20 -2.26 -17.18
N PRO E 132 -45.52 -2.47 -16.05
CA PRO E 132 -44.75 -1.37 -15.44
C PRO E 132 -43.60 -0.92 -16.32
N VAL E 133 -43.68 0.32 -16.81
CA VAL E 133 -42.63 0.92 -17.62
C VAL E 133 -41.69 1.61 -16.65
N LEU E 134 -40.69 0.89 -16.17
CA LEU E 134 -39.84 1.37 -15.09
C LEU E 134 -38.76 2.32 -15.58
N ALA E 135 -38.58 3.44 -14.88
CA ALA E 135 -37.61 4.46 -15.24
C ALA E 135 -36.32 4.29 -14.46
N ASP E 136 -35.29 3.85 -15.15
CA ASP E 136 -33.97 3.71 -14.57
C ASP E 136 -33.12 4.92 -14.95
N LYS E 137 -33.56 6.10 -14.53
CA LYS E 137 -32.91 7.33 -14.99
C LYS E 137 -31.51 7.48 -14.42
N SER E 138 -31.29 7.00 -13.20
CA SER E 138 -29.95 6.96 -12.63
C SER E 138 -29.10 5.82 -13.16
N MET E 139 -29.70 4.92 -13.96
CA MET E 139 -29.05 3.79 -14.62
C MET E 139 -28.41 2.84 -13.63
N GLU E 140 -29.03 2.71 -12.46
CA GLU E 140 -28.61 1.79 -11.40
C GLU E 140 -29.16 0.40 -11.59
N ILE E 141 -30.35 0.27 -12.16
CA ILE E 141 -30.93 -1.04 -12.44
C ILE E 141 -30.25 -1.66 -13.64
N ALA E 142 -30.04 -0.88 -14.70
CA ALA E 142 -29.34 -1.38 -15.88
C ALA E 142 -27.88 -1.66 -15.63
N ARG E 143 -27.28 -1.01 -14.64
CA ARG E 143 -25.89 -1.33 -14.32
C ARG E 143 -25.81 -2.62 -13.52
N ASP E 144 -26.75 -2.80 -12.58
CA ASP E 144 -26.79 -4.00 -11.76
C ASP E 144 -27.19 -5.24 -12.56
N TYR E 145 -27.89 -5.07 -13.67
CA TYR E 145 -28.25 -6.19 -14.52
C TYR E 145 -27.32 -6.35 -15.71
N GLY E 146 -26.18 -5.65 -15.72
CA GLY E 146 -25.17 -5.81 -16.74
C GLY E 146 -25.56 -5.43 -18.15
N VAL E 147 -26.72 -4.80 -18.33
CA VAL E 147 -27.16 -4.42 -19.66
C VAL E 147 -26.92 -2.95 -19.97
N LEU E 148 -26.37 -2.19 -19.03
CA LEU E 148 -26.10 -0.77 -19.28
C LEU E 148 -24.96 -0.62 -20.27
N ILE E 149 -25.20 0.12 -21.33
CA ILE E 149 -24.15 0.53 -22.25
C ILE E 149 -23.64 1.86 -21.71
N GLU E 150 -22.51 1.80 -20.98
CA GLU E 150 -22.10 2.93 -20.15
C GLU E 150 -21.67 4.12 -20.99
N GLU E 151 -21.17 3.87 -22.20
CA GLU E 151 -20.72 4.94 -23.08
C GLU E 151 -21.89 5.76 -23.63
N SER E 152 -23.05 5.13 -23.84
CA SER E 152 -24.19 5.82 -24.41
C SER E 152 -25.35 5.96 -23.43
N GLY E 153 -25.24 5.37 -22.26
CA GLY E 153 -26.23 5.59 -21.22
C GLY E 153 -27.54 4.89 -21.44
N ILE E 154 -27.58 3.88 -22.30
CA ILE E 154 -28.82 3.16 -22.54
C ILE E 154 -28.62 1.71 -22.14
N ALA E 155 -29.70 0.94 -22.17
CA ALA E 155 -29.67 -0.46 -21.79
C ALA E 155 -29.59 -1.35 -23.02
N LEU E 156 -28.91 -2.47 -22.89
CA LEU E 156 -29.00 -3.52 -23.89
C LEU E 156 -30.42 -4.10 -23.88
N ARG E 157 -30.82 -4.66 -25.02
CA ARG E 157 -32.10 -5.36 -25.06
C ARG E 157 -32.00 -6.63 -24.24
N GLY E 158 -32.54 -6.59 -23.03
CA GLY E 158 -32.31 -7.62 -22.05
C GLY E 158 -33.61 -8.19 -21.54
N LEU E 159 -33.58 -9.46 -21.16
CA LEU E 159 -34.74 -10.09 -20.54
C LEU E 159 -34.21 -11.01 -19.47
N PHE E 160 -34.66 -10.79 -18.24
CA PHE E 160 -34.14 -11.50 -17.07
C PHE E 160 -35.30 -12.12 -16.32
N ILE E 161 -35.24 -13.42 -16.08
CA ILE E 161 -36.31 -14.10 -15.36
C ILE E 161 -35.82 -14.41 -13.96
N ILE E 162 -36.33 -13.65 -13.00
CA ILE E 162 -36.03 -13.80 -11.58
C ILE E 162 -37.02 -14.79 -10.98
N ASP E 163 -36.49 -15.79 -10.27
CA ASP E 163 -37.30 -16.71 -9.50
C ASP E 163 -38.01 -15.96 -8.38
N LYS E 164 -39.15 -16.49 -7.94
CA LYS E 164 -39.88 -15.89 -6.83
C LYS E 164 -39.24 -16.12 -5.48
N LYS E 165 -38.13 -16.86 -5.42
CA LYS E 165 -37.19 -16.81 -4.32
C LYS E 165 -36.27 -15.59 -4.40
N GLY E 166 -36.35 -14.81 -5.48
CA GLY E 166 -35.55 -13.63 -5.65
C GLY E 166 -34.27 -13.82 -6.44
N ILE E 167 -33.89 -15.06 -6.73
CA ILE E 167 -32.67 -15.35 -7.47
C ILE E 167 -32.96 -15.27 -8.96
N LEU E 168 -31.93 -14.93 -9.73
CA LEU E 168 -32.05 -14.91 -11.18
C LEU E 168 -32.03 -16.34 -11.69
N ARG E 169 -32.62 -16.58 -12.85
CA ARG E 169 -32.60 -17.94 -13.38
C ARG E 169 -32.29 -17.93 -14.86
N HIS E 170 -32.59 -16.82 -15.52
CA HIS E 170 -32.51 -16.71 -16.96
C HIS E 170 -32.07 -15.31 -17.32
N SER E 171 -31.25 -15.21 -18.37
CA SER E 171 -30.57 -13.97 -18.72
C SER E 171 -30.46 -13.98 -20.23
N THR E 172 -31.42 -13.36 -20.92
CA THR E 172 -31.37 -13.19 -22.36
C THR E 172 -30.97 -11.75 -22.64
N ILE E 173 -29.77 -11.55 -23.14
CA ILE E 173 -29.28 -10.21 -23.43
C ILE E 173 -29.00 -10.15 -24.92
N ASN E 174 -29.65 -9.22 -25.61
CA ASN E 174 -29.42 -8.95 -27.00
C ASN E 174 -28.66 -7.64 -27.15
N ASP E 175 -27.83 -7.55 -28.17
CA ASP E 175 -27.34 -6.26 -28.59
C ASP E 175 -28.47 -5.52 -29.30
N LEU E 176 -28.36 -4.19 -29.31
CA LEU E 176 -29.41 -3.22 -29.68
C LEU E 176 -30.28 -3.47 -30.93
N PRO E 177 -29.79 -4.12 -32.03
CA PRO E 177 -30.72 -4.46 -33.11
C PRO E 177 -31.86 -5.40 -32.79
N VAL E 178 -31.55 -6.60 -32.31
CA VAL E 178 -32.48 -7.73 -32.33
C VAL E 178 -33.38 -7.69 -31.11
N GLY E 179 -34.67 -7.58 -31.34
CA GLY E 179 -35.61 -7.51 -30.25
C GLY E 179 -35.98 -8.88 -29.70
N ARG E 180 -36.50 -8.86 -28.48
CA ARG E 180 -36.93 -10.07 -27.81
C ARG E 180 -38.27 -10.54 -28.35
N ASN E 181 -38.53 -11.82 -28.15
CA ASN E 181 -39.76 -12.46 -28.58
C ASN E 181 -40.55 -12.87 -27.35
N VAL E 182 -41.87 -12.91 -27.50
CA VAL E 182 -42.72 -13.18 -26.35
C VAL E 182 -42.97 -14.68 -26.15
N ASP E 183 -43.03 -15.46 -27.23
CA ASP E 183 -43.19 -16.91 -27.07
C ASP E 183 -41.93 -17.54 -26.50
N GLU E 184 -40.76 -16.95 -26.76
CA GLU E 184 -39.53 -17.42 -26.17
C GLU E 184 -39.54 -17.20 -24.66
N ALA E 185 -39.97 -16.01 -24.23
CA ALA E 185 -40.03 -15.69 -22.81
C ALA E 185 -41.09 -16.53 -22.11
N LEU E 186 -42.20 -16.79 -22.78
CA LEU E 186 -43.24 -17.63 -22.19
C LEU E 186 -42.80 -19.07 -22.08
N ARG E 187 -42.06 -19.59 -23.08
CA ARG E 187 -41.56 -20.97 -23.02
C ARG E 187 -40.56 -21.13 -21.89
N VAL E 188 -39.59 -20.22 -21.79
CA VAL E 188 -38.58 -20.31 -20.75
C VAL E 188 -39.19 -20.10 -19.38
N LEU E 189 -40.10 -19.14 -19.30
CA LEU E 189 -40.80 -18.77 -18.06
C LEU E 189 -41.49 -19.94 -17.48
N GLU E 190 -42.43 -20.49 -18.26
CA GLU E 190 -43.17 -21.68 -17.88
C GLU E 190 -42.17 -22.70 -17.37
N ALA E 191 -41.39 -23.23 -18.30
CA ALA E 191 -40.34 -24.20 -18.06
C ALA E 191 -39.69 -24.03 -16.72
N PHE E 192 -39.45 -22.79 -16.33
CA PHE E 192 -38.86 -22.54 -15.03
C PHE E 192 -39.95 -22.85 -14.02
N GLN E 193 -41.20 -22.60 -14.41
CA GLN E 193 -42.35 -22.87 -13.53
C GLN E 193 -42.52 -24.36 -13.29
N TYR E 194 -42.54 -25.15 -14.37
CA TYR E 194 -42.64 -26.60 -14.26
C TYR E 194 -41.45 -27.22 -13.56
N ALA E 195 -40.25 -26.67 -13.75
CA ALA E 195 -39.07 -27.24 -13.12
C ALA E 195 -38.98 -26.85 -11.65
N ASP E 196 -39.49 -25.69 -11.28
CA ASP E 196 -39.55 -25.31 -9.89
C ASP E 196 -40.65 -26.03 -9.16
N GLU E 197 -41.69 -26.44 -9.88
CA GLU E 197 -42.69 -27.35 -9.30
C GLU E 197 -42.09 -28.73 -9.07
N ASN E 198 -41.70 -29.41 -10.15
CA ASN E 198 -41.24 -30.79 -10.06
C ASN E 198 -39.73 -30.93 -9.99
N GLY E 199 -39.01 -30.53 -11.04
CA GLY E 199 -37.58 -30.74 -11.10
C GLY E 199 -36.95 -30.23 -12.39
N THR F 35 -16.48 20.29 -2.10
CA THR F 35 -16.55 21.65 -1.57
C THR F 35 -17.96 21.99 -1.11
N ALA F 36 -18.68 22.79 -1.89
CA ALA F 36 -20.04 23.21 -1.57
C ALA F 36 -20.94 22.83 -2.73
N THR F 37 -21.44 21.60 -2.70
CA THR F 37 -22.43 21.17 -3.68
C THR F 37 -23.74 21.88 -3.38
N VAL F 38 -24.54 22.10 -4.42
CA VAL F 38 -25.82 22.79 -4.25
C VAL F 38 -26.78 21.95 -3.45
N ARG F 39 -27.18 20.78 -3.96
CA ARG F 39 -28.26 20.01 -3.35
C ARG F 39 -27.86 19.36 -1.99
N GLU F 40 -26.61 19.48 -1.60
CA GLU F 40 -26.10 18.99 -0.32
C GLU F 40 -26.15 20.12 0.71
N ALA F 41 -25.57 19.86 1.88
CA ALA F 41 -25.56 20.81 2.96
C ALA F 41 -24.46 21.84 2.76
N ALA F 42 -24.78 23.09 3.05
CA ALA F 42 -23.77 24.15 2.93
C ALA F 42 -22.72 23.97 4.02
N PRO F 43 -21.45 24.24 3.72
CA PRO F 43 -20.44 24.18 4.77
C PRO F 43 -20.59 25.35 5.73
N GLN F 44 -20.16 25.11 6.96
CA GLN F 44 -20.30 26.11 8.01
C GLN F 44 -19.29 27.22 7.80
N PHE F 45 -19.70 28.45 8.09
CA PHE F 45 -18.77 29.56 8.15
C PHE F 45 -18.81 30.21 9.52
N SER F 46 -17.66 30.70 9.97
CA SER F 46 -17.51 31.23 11.31
C SER F 46 -16.28 32.11 11.33
N GLY F 47 -16.42 33.35 11.76
CA GLY F 47 -15.26 34.20 11.86
C GLY F 47 -15.63 35.58 12.31
N GLN F 48 -14.61 36.42 12.42
CA GLN F 48 -14.76 37.79 12.90
C GLN F 48 -15.29 38.66 11.76
N ALA F 49 -16.52 39.10 11.86
CA ALA F 49 -17.11 39.96 10.85
C ALA F 49 -17.01 41.41 11.30
N VAL F 50 -17.53 42.31 10.47
CA VAL F 50 -17.65 43.72 10.80
C VAL F 50 -19.12 44.10 10.62
N VAL F 51 -19.82 44.29 11.73
CA VAL F 51 -21.20 44.74 11.72
C VAL F 51 -21.25 46.06 12.47
N ASN F 52 -21.71 47.11 11.77
CA ASN F 52 -21.98 48.44 12.31
C ASN F 52 -20.72 49.09 12.89
N GLY F 53 -19.56 48.74 12.33
CA GLY F 53 -18.33 49.41 12.68
C GLY F 53 -17.50 48.75 13.77
N ALA F 54 -17.69 47.45 14.00
CA ALA F 54 -16.93 46.75 15.03
C ALA F 54 -16.92 45.26 14.73
N ILE F 55 -16.03 44.56 15.42
CA ILE F 55 -15.78 43.15 15.20
C ILE F 55 -16.72 42.33 16.08
N LYS F 56 -17.40 41.35 15.49
CA LYS F 56 -18.48 40.66 16.18
C LYS F 56 -18.32 39.15 16.34
N ASP F 57 -17.39 38.51 15.63
CA ASP F 57 -17.05 37.09 15.77
C ASP F 57 -18.27 36.19 15.53
N ILE F 58 -18.73 36.21 14.29
CA ILE F 58 -20.05 35.71 13.91
C ILE F 58 -19.94 34.30 13.35
N ASN F 59 -20.78 33.41 13.85
CA ASN F 59 -20.96 32.06 13.33
C ASN F 59 -22.16 32.03 12.39
N MET F 60 -22.20 30.99 11.54
CA MET F 60 -23.35 30.74 10.68
C MET F 60 -24.62 30.51 11.50
N ASN F 61 -24.47 29.87 12.66
CA ASN F 61 -25.57 29.51 13.54
C ASN F 61 -26.25 30.72 14.16
N ASP F 62 -25.65 31.91 14.08
CA ASP F 62 -26.33 33.14 14.47
C ASP F 62 -27.52 33.44 13.58
N TYR F 63 -27.55 32.91 12.35
CA TYR F 63 -28.61 33.21 11.41
C TYR F 63 -29.43 31.98 11.07
N LYS F 64 -29.60 31.09 12.05
CA LYS F 64 -30.45 29.92 11.90
C LYS F 64 -31.91 30.36 11.77
N GLY F 65 -32.64 29.71 10.87
CA GLY F 65 -33.98 30.12 10.55
C GLY F 65 -34.08 31.16 9.47
N LYS F 66 -32.95 31.57 8.89
CA LYS F 66 -32.91 32.49 7.77
C LYS F 66 -32.24 31.83 6.58
N TYR F 67 -32.65 32.24 5.39
CA TYR F 67 -31.81 32.04 4.22
C TYR F 67 -30.53 32.83 4.40
N ILE F 68 -29.44 32.28 3.90
CA ILE F 68 -28.16 32.99 3.93
C ILE F 68 -27.79 33.32 2.49
N VAL F 69 -27.34 34.55 2.27
CA VAL F 69 -26.78 34.96 0.99
C VAL F 69 -25.31 35.25 1.26
N LEU F 70 -24.48 34.25 1.04
CA LEU F 70 -23.05 34.31 1.32
C LEU F 70 -22.37 34.92 0.10
N PHE F 71 -21.81 36.10 0.25
CA PHE F 71 -21.48 36.97 -0.87
C PHE F 71 -19.99 37.28 -0.88
N PHE F 72 -19.23 36.46 -1.58
CA PHE F 72 -17.78 36.62 -1.68
C PHE F 72 -17.44 37.74 -2.65
N TYR F 73 -16.73 38.75 -2.16
CA TYR F 73 -16.03 39.70 -2.99
C TYR F 73 -14.53 39.44 -2.84
N PRO F 74 -13.69 39.75 -3.87
CA PRO F 74 -12.32 39.20 -3.89
C PRO F 74 -11.34 39.74 -2.85
N MET F 75 -11.15 41.06 -2.78
CA MET F 75 -10.26 41.64 -1.77
C MET F 75 -10.67 43.07 -1.46
N ASP F 76 -10.11 43.61 -0.38
CA ASP F 76 -10.37 44.96 0.11
C ASP F 76 -9.53 45.99 -0.63
N PHE F 77 -9.97 47.25 -0.51
CA PHE F 77 -9.21 48.45 -0.91
C PHE F 77 -8.84 48.47 -2.37
N THR F 78 -9.65 47.83 -3.22
CA THR F 78 -9.31 47.69 -4.61
C THR F 78 -9.39 49.03 -5.33
N PHE F 79 -8.74 49.09 -6.49
CA PHE F 79 -8.71 50.33 -7.27
C PHE F 79 -10.07 50.61 -7.89
N VAL F 80 -10.81 49.56 -8.23
CA VAL F 80 -12.17 49.72 -8.70
C VAL F 80 -13.06 50.11 -7.53
N CYS F 81 -14.12 50.85 -7.84
CA CYS F 81 -15.07 51.25 -6.81
C CYS F 81 -15.89 50.05 -6.35
N PRO F 82 -16.08 49.87 -5.05
CA PRO F 82 -16.83 48.71 -4.56
C PRO F 82 -18.32 48.82 -4.85
N THR F 83 -18.70 48.59 -6.11
CA THR F 83 -20.07 48.87 -6.51
C THR F 83 -21.04 47.83 -5.99
N GLU F 84 -20.67 46.55 -6.03
CA GLU F 84 -21.63 45.50 -5.72
C GLU F 84 -21.89 45.37 -4.23
N ILE F 85 -20.87 45.56 -3.39
CA ILE F 85 -21.08 45.46 -1.94
C ILE F 85 -21.80 46.68 -1.39
N ILE F 86 -21.55 47.88 -1.92
CA ILE F 86 -22.38 49.02 -1.58
C ILE F 86 -23.80 48.83 -2.11
N ALA F 87 -23.94 48.21 -3.28
CA ALA F 87 -25.26 47.94 -3.83
C ALA F 87 -26.00 46.86 -3.04
N PHE F 88 -25.31 46.02 -2.29
CA PHE F 88 -26.03 45.12 -1.38
C PHE F 88 -26.31 45.76 -0.04
N SER F 89 -25.38 46.57 0.47
CA SER F 89 -25.58 47.19 1.77
C SER F 89 -26.67 48.25 1.72
N ASP F 90 -26.82 48.94 0.58
CA ASP F 90 -27.89 49.91 0.47
C ASP F 90 -29.24 49.24 0.31
N ARG F 91 -29.26 48.04 -0.27
CA ARG F 91 -30.48 47.28 -0.49
C ARG F 91 -30.68 46.21 0.57
N HIS F 92 -30.19 46.44 1.79
CA HIS F 92 -30.27 45.45 2.85
C HIS F 92 -31.69 45.25 3.37
N ALA F 93 -32.55 46.25 3.20
CA ALA F 93 -33.94 46.12 3.61
C ALA F 93 -34.67 45.08 2.77
N ASP F 94 -34.32 44.98 1.49
CA ASP F 94 -34.90 43.96 0.61
C ASP F 94 -34.46 42.56 0.97
N PHE F 95 -33.39 42.42 1.74
CA PHE F 95 -33.00 41.12 2.26
C PHE F 95 -33.53 40.89 3.67
N GLU F 96 -33.76 41.94 4.43
CA GLU F 96 -34.44 41.78 5.72
C GLU F 96 -35.91 41.42 5.53
N LYS F 97 -36.52 41.85 4.43
CA LYS F 97 -37.91 41.51 4.14
C LYS F 97 -38.09 40.07 3.67
N LEU F 98 -37.07 39.46 3.06
CA LEU F 98 -37.20 38.10 2.55
C LEU F 98 -36.60 37.07 3.49
N ASN F 99 -36.40 37.44 4.77
CA ASN F 99 -35.97 36.55 5.85
C ASN F 99 -34.61 35.93 5.55
N THR F 100 -33.68 36.78 5.13
CA THR F 100 -32.36 36.31 4.74
C THR F 100 -31.32 37.29 5.24
N GLN F 101 -30.08 36.83 5.29
CA GLN F 101 -28.97 37.67 5.73
C GLN F 101 -27.85 37.58 4.72
N VAL F 102 -27.41 38.73 4.22
CA VAL F 102 -26.30 38.80 3.28
C VAL F 102 -25.01 38.92 4.08
N VAL F 103 -24.16 37.91 3.98
CA VAL F 103 -22.89 37.86 4.69
C VAL F 103 -21.80 38.08 3.64
N ALA F 104 -21.32 39.30 3.50
CA ALA F 104 -20.25 39.58 2.55
C ALA F 104 -18.93 39.06 3.09
N VAL F 105 -18.29 38.18 2.35
CA VAL F 105 -17.06 37.53 2.78
C VAL F 105 -15.93 38.03 1.91
N SER F 106 -14.75 38.18 2.49
CA SER F 106 -13.53 38.30 1.73
C SER F 106 -12.46 37.53 2.46
N CYS F 107 -11.37 37.22 1.78
CA CYS F 107 -10.25 36.51 2.40
C CYS F 107 -9.30 37.45 3.11
N ASP F 108 -9.72 38.68 3.36
CA ASP F 108 -8.91 39.66 4.04
C ASP F 108 -9.18 39.62 5.53
N SER F 109 -8.26 40.18 6.31
CA SER F 109 -8.41 40.16 7.75
C SER F 109 -9.40 41.24 8.18
N VAL F 110 -9.94 41.06 9.39
CA VAL F 110 -11.03 41.87 9.89
C VAL F 110 -10.58 43.30 10.18
N TYR F 111 -9.28 43.53 10.32
CA TYR F 111 -8.78 44.87 10.50
C TYR F 111 -8.81 45.65 9.19
N SER F 112 -8.59 44.98 8.06
CA SER F 112 -8.76 45.64 6.77
C SER F 112 -10.22 45.90 6.45
N HIS F 113 -11.10 44.97 6.85
CA HIS F 113 -12.54 45.15 6.70
C HIS F 113 -13.03 46.34 7.51
N LEU F 114 -12.62 46.40 8.78
CA LEU F 114 -12.94 47.54 9.62
C LEU F 114 -12.28 48.82 9.11
N ALA F 115 -11.17 48.68 8.41
CA ALA F 115 -10.46 49.84 7.88
C ALA F 115 -11.17 50.45 6.69
N TRP F 116 -11.71 49.65 5.78
CA TRP F 116 -12.32 50.25 4.60
C TRP F 116 -13.83 50.33 4.70
N VAL F 117 -14.43 49.76 5.75
CA VAL F 117 -15.75 50.23 6.14
C VAL F 117 -15.62 51.64 6.72
N ASN F 118 -14.58 51.89 7.51
CA ASN F 118 -14.34 53.22 8.07
C ASN F 118 -13.67 54.18 7.10
N THR F 119 -13.32 53.73 5.91
CA THR F 119 -12.86 54.67 4.89
C THR F 119 -14.06 55.36 4.26
N PRO F 120 -14.05 56.69 4.14
CA PRO F 120 -15.19 57.38 3.53
C PRO F 120 -15.37 57.02 2.06
N ARG F 121 -16.63 57.01 1.64
CA ARG F 121 -17.01 56.43 0.35
C ARG F 121 -16.48 57.24 -0.84
N LYS F 122 -16.25 58.53 -0.65
CA LYS F 122 -15.65 59.34 -1.70
C LYS F 122 -14.17 59.08 -1.89
N LYS F 123 -13.52 58.43 -0.92
CA LYS F 123 -12.12 58.03 -1.03
C LYS F 123 -11.96 56.59 -1.50
N GLY F 124 -12.91 56.09 -2.27
CA GLY F 124 -12.88 54.72 -2.74
C GLY F 124 -13.29 53.68 -1.73
N GLY F 125 -13.80 54.10 -0.57
CA GLY F 125 -14.13 53.18 0.49
C GLY F 125 -15.61 52.86 0.54
N LEU F 126 -15.99 52.12 1.59
CA LEU F 126 -17.37 51.67 1.72
C LEU F 126 -18.25 52.73 2.34
N GLY F 127 -17.87 53.25 3.49
CA GLY F 127 -18.69 54.24 4.17
C GLY F 127 -19.68 53.57 5.10
N GLU F 128 -20.97 53.71 4.82
CA GLU F 128 -21.99 52.98 5.56
C GLU F 128 -22.05 51.55 5.04
N MET F 129 -21.90 50.58 5.93
CA MET F 129 -21.92 49.18 5.53
C MET F 129 -22.89 48.45 6.46
N HIS F 130 -23.96 47.90 5.90
CA HIS F 130 -25.09 47.40 6.70
C HIS F 130 -25.25 45.88 6.58
N ILE F 131 -24.16 45.17 6.34
CA ILE F 131 -24.15 43.70 6.29
C ILE F 131 -22.90 43.19 6.98
N PRO F 132 -22.91 41.95 7.46
CA PRO F 132 -21.68 41.38 8.05
C PRO F 132 -20.56 41.22 7.04
N VAL F 133 -19.49 41.99 7.23
CA VAL F 133 -18.31 41.92 6.36
C VAL F 133 -17.39 40.87 6.99
N LEU F 134 -17.57 39.62 6.59
CA LEU F 134 -16.90 38.51 7.25
C LEU F 134 -15.46 38.32 6.77
N ALA F 135 -14.55 38.13 7.72
CA ALA F 135 -13.12 38.00 7.44
C ALA F 135 -12.73 36.53 7.38
N ASP F 136 -12.46 36.06 6.17
CA ASP F 136 -11.99 34.70 5.97
C ASP F 136 -10.46 34.71 5.79
N LYS F 137 -9.77 35.16 6.84
CA LYS F 137 -8.33 35.37 6.71
C LYS F 137 -7.57 34.05 6.57
N SER F 138 -8.05 33.00 7.20
CA SER F 138 -7.49 31.67 7.02
C SER F 138 -7.93 31.02 5.72
N MET F 139 -8.87 31.64 4.99
CA MET F 139 -9.38 31.20 3.69
C MET F 139 -10.01 29.82 3.77
N GLU F 140 -10.63 29.52 4.91
CA GLU F 140 -11.35 28.27 5.14
C GLU F 140 -12.78 28.32 4.64
N ILE F 141 -13.41 29.50 4.69
CA ILE F 141 -14.76 29.66 4.18
C ILE F 141 -14.74 29.70 2.67
N ALA F 142 -13.81 30.44 2.08
CA ALA F 142 -13.68 30.49 0.63
C ALA F 142 -13.21 29.19 0.04
N ARG F 143 -12.50 28.36 0.80
CA ARG F 143 -12.11 27.06 0.28
C ARG F 143 -13.28 26.10 0.32
N ASP F 144 -14.07 26.15 1.39
CA ASP F 144 -15.24 25.28 1.54
C ASP F 144 -16.35 25.65 0.57
N TYR F 145 -16.39 26.89 0.11
CA TYR F 145 -17.38 27.30 -0.87
C TYR F 145 -16.85 27.30 -2.29
N GLY F 146 -15.68 26.71 -2.53
CA GLY F 146 -15.13 26.54 -3.86
C GLY F 146 -14.78 27.81 -4.60
N VAL F 147 -14.82 28.97 -3.96
CA VAL F 147 -14.51 30.22 -4.62
C VAL F 147 -13.10 30.72 -4.34
N LEU F 148 -12.32 29.99 -3.54
CA LEU F 148 -10.96 30.41 -3.24
C LEU F 148 -10.08 30.23 -4.47
N ILE F 149 -9.41 31.29 -4.86
CA ILE F 149 -8.37 31.23 -5.89
C ILE F 149 -7.08 30.96 -5.13
N GLU F 150 -6.67 29.69 -5.10
CA GLU F 150 -5.64 29.25 -4.17
C GLU F 150 -4.28 29.84 -4.50
N GLU F 151 -4.04 30.13 -5.78
CA GLU F 151 -2.76 30.69 -6.21
C GLU F 151 -2.59 32.13 -5.75
N SER F 152 -3.68 32.89 -5.65
CA SER F 152 -3.60 34.30 -5.28
C SER F 152 -4.23 34.58 -3.93
N GLY F 153 -4.87 33.60 -3.31
CA GLY F 153 -5.36 33.75 -1.96
C GLY F 153 -6.58 34.61 -1.83
N ILE F 154 -7.31 34.84 -2.91
CA ILE F 154 -8.51 35.65 -2.84
C ILE F 154 -9.70 34.79 -3.24
N ALA F 155 -10.90 35.33 -3.10
CA ALA F 155 -12.13 34.62 -3.42
C ALA F 155 -12.63 35.03 -4.80
N LEU F 156 -13.25 34.09 -5.49
CA LEU F 156 -14.03 34.41 -6.67
C LEU F 156 -15.23 35.25 -6.26
N ARG F 157 -15.74 36.04 -7.20
CA ARG F 157 -16.98 36.76 -6.95
C ARG F 157 -18.12 35.78 -6.89
N GLY F 158 -18.57 35.46 -5.69
CA GLY F 158 -19.47 34.35 -5.49
C GLY F 158 -20.70 34.81 -4.73
N LEU F 159 -21.82 34.14 -5.00
CA LEU F 159 -23.04 34.39 -4.25
C LEU F 159 -23.73 33.06 -4.06
N PHE F 160 -23.97 32.69 -2.81
CA PHE F 160 -24.48 31.38 -2.44
C PHE F 160 -25.73 31.57 -1.59
N ILE F 161 -26.83 30.96 -1.99
CA ILE F 161 -28.06 31.07 -1.23
C ILE F 161 -28.30 29.76 -0.49
N ILE F 162 -28.09 29.80 0.82
CA ILE F 162 -28.27 28.67 1.72
C ILE F 162 -29.71 28.69 2.21
N ASP F 163 -30.40 27.55 2.08
CA ASP F 163 -31.72 27.37 2.67
C ASP F 163 -31.62 27.45 4.19
N LYS F 164 -32.74 27.83 4.82
CA LYS F 164 -32.78 27.89 6.28
C LYS F 164 -32.87 26.52 6.93
N LYS F 165 -32.93 25.44 6.15
CA LYS F 165 -32.57 24.11 6.60
C LYS F 165 -31.07 23.90 6.64
N GLY F 166 -30.27 24.86 6.16
CA GLY F 166 -28.84 24.76 6.17
C GLY F 166 -28.22 24.26 4.90
N ILE F 167 -29.01 23.75 3.96
CA ILE F 167 -28.52 23.23 2.70
C ILE F 167 -28.35 24.37 1.71
N LEU F 168 -27.41 24.20 0.78
CA LEU F 168 -27.22 25.18 -0.27
C LEU F 168 -28.35 25.01 -1.30
N ARG F 169 -28.66 26.06 -2.03
CA ARG F 169 -29.71 25.93 -3.03
C ARG F 169 -29.29 26.61 -4.33
N HIS F 170 -28.40 27.58 -4.22
CA HIS F 170 -28.04 28.45 -5.33
C HIS F 170 -26.58 28.81 -5.22
N SER F 171 -25.91 28.87 -6.37
CA SER F 171 -24.46 29.00 -6.42
C SER F 171 -24.17 29.84 -7.65
N THR F 172 -24.03 31.15 -7.47
CA THR F 172 -23.62 32.04 -8.55
C THR F 172 -22.16 32.40 -8.33
N ILE F 173 -21.29 31.89 -9.18
CA ILE F 173 -19.87 32.16 -9.06
C ILE F 173 -19.43 32.87 -10.33
N ASN F 174 -18.89 34.07 -10.16
CA ASN F 174 -18.30 34.84 -11.24
C ASN F 174 -16.79 34.81 -11.13
N ASP F 175 -16.13 34.85 -12.27
CA ASP F 175 -14.71 35.17 -12.26
C ASP F 175 -14.55 36.66 -11.99
N LEU F 176 -13.38 37.03 -11.48
CA LEU F 176 -13.05 38.33 -10.86
C LEU F 176 -13.51 39.63 -11.54
N PRO F 177 -13.62 39.74 -12.89
CA PRO F 177 -14.20 40.97 -13.46
C PRO F 177 -15.65 41.28 -13.08
N VAL F 178 -16.57 40.37 -13.37
CA VAL F 178 -17.99 40.70 -13.45
C VAL F 178 -18.62 40.62 -12.07
N GLY F 179 -19.16 41.73 -11.60
CA GLY F 179 -19.77 41.76 -10.30
C GLY F 179 -21.18 41.24 -10.29
N ARG F 180 -21.63 40.89 -9.09
CA ARG F 180 -22.99 40.40 -8.89
C ARG F 180 -23.99 41.54 -8.90
N ASN F 181 -25.23 41.20 -9.18
CA ASN F 181 -26.33 42.14 -9.21
C ASN F 181 -27.28 41.83 -8.07
N VAL F 182 -27.96 42.86 -7.59
CA VAL F 182 -28.82 42.69 -6.43
C VAL F 182 -30.24 42.26 -6.81
N ASP F 183 -30.76 42.71 -7.95
CA ASP F 183 -32.08 42.25 -8.38
C ASP F 183 -32.05 40.78 -8.79
N GLU F 184 -30.92 40.30 -9.27
CA GLU F 184 -30.77 38.89 -9.58
C GLU F 184 -30.85 38.05 -8.30
N ALA F 185 -30.12 38.49 -7.26
CA ALA F 185 -30.12 37.77 -5.99
C ALA F 185 -31.48 37.83 -5.32
N LEU F 186 -32.17 38.98 -5.44
CA LEU F 186 -33.50 39.09 -4.87
C LEU F 186 -34.51 38.22 -5.61
N ARG F 187 -34.41 38.13 -6.94
CA ARG F 187 -35.31 37.28 -7.71
C ARG F 187 -35.13 35.82 -7.36
N VAL F 188 -33.87 35.36 -7.35
CA VAL F 188 -33.60 33.96 -7.05
C VAL F 188 -33.96 33.63 -5.60
N LEU F 189 -33.62 34.57 -4.71
CA LEU F 189 -33.87 34.44 -3.27
C LEU F 189 -35.30 34.20 -3.02
N GLU F 190 -36.13 35.18 -3.41
CA GLU F 190 -37.56 35.09 -3.28
C GLU F 190 -38.00 33.73 -3.79
N ALA F 191 -37.89 33.56 -5.10
CA ALA F 191 -38.21 32.33 -5.81
C ALA F 191 -37.95 31.10 -4.99
N PHE F 192 -36.84 31.09 -4.27
CA PHE F 192 -36.53 29.96 -3.42
C PHE F 192 -37.52 30.04 -2.26
N GLN F 193 -37.90 31.26 -1.89
CA GLN F 193 -38.84 31.47 -0.80
C GLN F 193 -40.24 30.96 -1.17
N TYR F 194 -40.74 31.37 -2.34
CA TYR F 194 -42.03 30.90 -2.83
C TYR F 194 -42.04 29.41 -3.10
N ALA F 195 -40.93 28.84 -3.56
CA ALA F 195 -40.92 27.41 -3.85
C ALA F 195 -40.77 26.58 -2.60
N ASP F 196 -40.11 27.12 -1.57
CA ASP F 196 -40.04 26.43 -0.30
C ASP F 196 -41.35 26.55 0.47
N GLU F 197 -42.11 27.61 0.22
CA GLU F 197 -43.48 27.68 0.72
C GLU F 197 -44.37 26.66 0.03
N ASN F 198 -44.57 26.81 -1.28
CA ASN F 198 -45.51 25.97 -2.01
C ASN F 198 -44.86 24.79 -2.71
N GLY F 199 -43.99 25.04 -3.68
CA GLY F 199 -43.41 23.98 -4.48
C GLY F 199 -42.46 24.46 -5.55
N THR G 35 23.95 -3.81 10.27
CA THR G 35 24.99 -2.96 10.83
C THR G 35 26.37 -3.38 10.31
N ALA G 36 27.17 -4.04 11.16
CA ALA G 36 28.51 -4.48 10.79
C ALA G 36 28.57 -5.98 11.04
N THR G 37 28.19 -6.76 10.04
CA THR G 37 28.35 -8.20 10.10
C THR G 37 29.82 -8.53 9.97
N VAL G 38 30.23 -9.65 10.56
CA VAL G 38 31.64 -10.04 10.53
C VAL G 38 32.05 -10.42 9.11
N ARG G 39 31.47 -11.48 8.55
CA ARG G 39 31.94 -12.04 7.29
C ARG G 39 31.64 -11.11 6.07
N GLU G 40 30.92 -10.02 6.27
CA GLU G 40 30.64 -9.03 5.25
C GLU G 40 31.68 -7.92 5.30
N ALA G 41 31.44 -6.86 4.53
CA ALA G 41 32.35 -5.74 4.45
C ALA G 41 32.13 -4.79 5.60
N ALA G 42 33.21 -4.30 6.18
CA ALA G 42 33.12 -3.34 7.27
C ALA G 42 32.56 -2.03 6.75
N PRO G 43 31.72 -1.34 7.52
CA PRO G 43 31.26 -0.02 7.10
C PRO G 43 32.37 1.00 7.19
N GLN G 44 32.29 2.00 6.34
CA GLN G 44 33.31 3.03 6.26
C GLN G 44 33.22 3.95 7.47
N PHE G 45 34.36 4.38 7.98
CA PHE G 45 34.39 5.43 8.98
C PHE G 45 35.24 6.59 8.49
N SER G 46 34.83 7.80 8.88
CA SER G 46 35.45 9.02 8.39
C SER G 46 35.10 10.14 9.36
N GLY G 47 36.11 10.84 9.86
CA GLY G 47 35.83 11.95 10.73
C GLY G 47 37.09 12.57 11.25
N GLN G 48 36.91 13.61 12.06
CA GLN G 48 38.02 14.37 12.61
C GLN G 48 38.60 13.62 13.80
N ALA G 49 39.80 13.10 13.65
CA ALA G 49 40.46 12.39 14.73
C ALA G 49 41.43 13.33 15.44
N VAL G 50 42.12 12.80 16.44
CA VAL G 50 43.19 13.51 17.14
C VAL G 50 44.42 12.63 17.06
N VAL G 51 45.38 13.03 16.22
CA VAL G 51 46.66 12.36 16.10
C VAL G 51 47.74 13.35 16.48
N ASN G 52 48.51 13.00 17.53
CA ASN G 52 49.70 13.74 17.97
C ASN G 52 49.36 15.16 18.42
N GLY G 53 48.14 15.36 18.91
CA GLY G 53 47.77 16.63 19.52
C GLY G 53 47.08 17.60 18.60
N ALA G 54 46.48 17.14 17.50
CA ALA G 54 45.79 18.03 16.58
C ALA G 54 44.78 17.25 15.77
N ILE G 55 43.89 17.99 15.12
CA ILE G 55 42.76 17.43 14.38
C ILE G 55 43.19 17.14 12.95
N LYS G 56 42.90 15.92 12.47
CA LYS G 56 43.46 15.47 11.21
C LYS G 56 42.46 15.08 10.13
N ASP G 57 41.18 14.91 10.46
CA ASP G 57 40.07 14.66 9.51
C ASP G 57 40.34 13.38 8.68
N ILE G 58 40.32 12.26 9.39
CA ILE G 58 40.84 11.00 8.89
C ILE G 58 39.72 10.13 8.36
N ASN G 59 39.93 9.59 7.15
CA ASN G 59 39.07 8.60 6.54
C ASN G 59 39.64 7.21 6.78
N MET G 60 38.77 6.20 6.62
CA MET G 60 39.19 4.80 6.68
C MET G 60 40.21 4.49 5.59
N ASN G 61 40.05 5.12 4.41
CA ASN G 61 40.89 4.89 3.25
C ASN G 61 42.31 5.38 3.44
N ASP G 62 42.59 6.17 4.48
CA ASP G 62 43.96 6.50 4.84
C ASP G 62 44.75 5.28 5.28
N TYR G 63 44.08 4.22 5.72
CA TYR G 63 44.76 3.04 6.23
C TYR G 63 44.49 1.82 5.37
N LYS G 64 44.34 2.03 4.06
CA LYS G 64 44.19 0.94 3.11
C LYS G 64 45.49 0.13 3.04
N GLY G 65 45.34 -1.19 2.98
CA GLY G 65 46.49 -2.08 3.05
C GLY G 65 46.88 -2.46 4.46
N LYS G 66 46.15 -2.00 5.46
CA LYS G 66 46.36 -2.37 6.85
C LYS G 66 45.11 -3.04 7.41
N TYR G 67 45.32 -3.96 8.36
CA TYR G 67 44.24 -4.31 9.26
C TYR G 67 43.86 -3.08 10.07
N ILE G 68 42.57 -2.96 10.38
CA ILE G 68 42.10 -1.89 11.22
C ILE G 68 41.62 -2.50 12.53
N VAL G 69 41.99 -1.90 13.65
CA VAL G 69 41.46 -2.25 14.96
C VAL G 69 40.66 -1.06 15.42
N LEU G 70 39.36 -1.09 15.15
CA LEU G 70 38.45 0.00 15.45
C LEU G 70 37.97 -0.17 16.87
N PHE G 71 38.36 0.74 17.75
CA PHE G 71 38.32 0.52 19.19
C PHE G 71 37.43 1.56 19.87
N PHE G 72 36.16 1.22 20.02
CA PHE G 72 35.19 2.11 20.64
C PHE G 72 35.35 2.10 22.14
N TYR G 73 35.61 3.26 22.73
CA TYR G 73 35.44 3.51 24.14
C TYR G 73 34.23 4.43 24.32
N PRO G 74 33.53 4.36 25.49
CA PRO G 74 32.19 4.99 25.55
C PRO G 74 32.11 6.51 25.52
N MET G 75 32.82 7.20 26.43
CA MET G 75 32.83 8.65 26.42
C MET G 75 34.11 9.17 27.06
N ASP G 76 34.36 10.47 26.87
CA ASP G 76 35.52 11.18 27.38
C ASP G 76 35.33 11.60 28.82
N PHE G 77 36.47 11.91 29.46
CA PHE G 77 36.55 12.58 30.76
C PHE G 77 35.87 11.80 31.88
N THR G 78 35.81 10.48 31.75
CA THR G 78 35.06 9.68 32.71
C THR G 78 35.76 9.66 34.06
N PHE G 79 34.97 9.30 35.08
CA PHE G 79 35.50 9.28 36.45
C PHE G 79 36.47 8.13 36.63
N VAL G 80 36.25 7.02 35.92
CA VAL G 80 37.20 5.93 35.92
C VAL G 80 38.43 6.34 35.14
N CYS G 81 39.58 5.76 35.50
CA CYS G 81 40.81 6.05 34.80
C CYS G 81 40.79 5.38 33.43
N PRO G 82 41.20 6.08 32.38
CA PRO G 82 41.17 5.49 31.04
C PRO G 82 42.22 4.43 30.84
N THR G 83 42.00 3.24 31.41
CA THR G 83 43.05 2.23 31.46
C THR G 83 43.25 1.57 30.09
N GLU G 84 42.18 1.27 29.37
CA GLU G 84 42.31 0.47 28.15
C GLU G 84 42.86 1.29 26.99
N ILE G 85 42.49 2.56 26.87
CA ILE G 85 43.00 3.38 25.77
C ILE G 85 44.45 3.81 26.00
N ILE G 86 44.84 4.06 27.25
CA ILE G 86 46.27 4.24 27.54
C ILE G 86 47.02 2.93 27.32
N ALA G 87 46.40 1.80 27.64
CA ALA G 87 47.01 0.50 27.41
C ALA G 87 47.11 0.15 25.93
N PHE G 88 46.31 0.77 25.07
CA PHE G 88 46.52 0.58 23.64
C PHE G 88 47.54 1.58 23.08
N SER G 89 47.52 2.82 23.58
CA SER G 89 48.43 3.83 23.08
C SER G 89 49.87 3.55 23.49
N ASP G 90 50.06 2.94 24.66
CA ASP G 90 51.42 2.59 25.07
C ASP G 90 51.93 1.38 24.31
N ARG G 91 51.03 0.51 23.87
CA ARG G 91 51.37 -0.69 23.13
C ARG G 91 51.16 -0.51 21.63
N HIS G 92 51.32 0.71 21.13
CA HIS G 92 51.07 0.99 19.72
C HIS G 92 52.13 0.40 18.80
N ALA G 93 53.32 0.15 19.32
CA ALA G 93 54.37 -0.49 18.52
C ALA G 93 54.00 -1.91 18.16
N ASP G 94 53.31 -2.61 19.06
CA ASP G 94 52.84 -3.96 18.79
C ASP G 94 51.76 -4.01 17.72
N PHE G 95 51.12 -2.87 17.44
CA PHE G 95 50.17 -2.80 16.34
C PHE G 95 50.83 -2.26 15.07
N GLU G 96 51.89 -1.45 15.21
CA GLU G 96 52.65 -1.06 14.03
C GLU G 96 53.43 -2.24 13.45
N LYS G 97 53.82 -3.19 14.30
CA LYS G 97 54.53 -4.38 13.83
C LYS G 97 53.64 -5.38 13.12
N LEU G 98 52.34 -5.41 13.43
CA LEU G 98 51.42 -6.36 12.82
C LEU G 98 50.63 -5.76 11.68
N ASN G 99 51.09 -4.62 11.13
CA ASN G 99 50.54 -3.97 9.93
C ASN G 99 49.08 -3.59 10.14
N THR G 100 48.81 -2.97 11.28
CA THR G 100 47.45 -2.60 11.63
C THR G 100 47.46 -1.23 12.28
N GLN G 101 46.29 -0.62 12.32
CA GLN G 101 46.14 0.70 12.94
C GLN G 101 44.96 0.67 13.90
N VAL G 102 45.22 1.03 15.15
CA VAL G 102 44.17 1.11 16.16
C VAL G 102 43.55 2.50 16.12
N VAL G 103 42.28 2.55 15.76
CA VAL G 103 41.53 3.81 15.64
C VAL G 103 40.56 3.84 16.82
N ALA G 104 40.94 4.53 17.90
CA ALA G 104 40.06 4.65 19.05
C ALA G 104 38.94 5.62 18.74
N VAL G 105 37.71 5.16 18.84
CA VAL G 105 36.54 5.95 18.49
C VAL G 105 35.76 6.25 19.77
N SER G 106 35.18 7.44 19.84
CA SER G 106 34.15 7.71 20.81
C SER G 106 33.11 8.57 20.13
N CYS G 107 31.92 8.66 20.71
CA CYS G 107 30.86 9.49 20.17
C CYS G 107 30.96 10.93 20.61
N ASP G 108 32.09 11.33 21.15
CA ASP G 108 32.32 12.68 21.61
C ASP G 108 32.94 13.50 20.50
N SER G 109 32.85 14.82 20.64
CA SER G 109 33.37 15.71 19.63
C SER G 109 34.88 15.82 19.75
N VAL G 110 35.51 16.23 18.66
CA VAL G 110 36.96 16.23 18.54
C VAL G 110 37.61 17.27 19.45
N TYR G 111 36.85 18.25 19.90
CA TYR G 111 37.38 19.22 20.86
C TYR G 111 37.50 18.61 22.25
N SER G 112 36.59 17.71 22.61
CA SER G 112 36.74 16.98 23.87
C SER G 112 37.87 15.97 23.80
N HIS G 113 38.04 15.33 22.64
CA HIS G 113 39.16 14.41 22.43
C HIS G 113 40.49 15.14 22.54
N LEU G 114 40.60 16.28 21.86
CA LEU G 114 41.80 17.10 21.96
C LEU G 114 41.97 17.66 23.37
N ALA G 115 40.86 17.81 24.10
CA ALA G 115 40.91 18.34 25.45
C ALA G 115 41.46 17.35 26.44
N TRP G 116 41.09 16.07 26.34
CA TRP G 116 41.55 15.13 27.34
C TRP G 116 42.73 14.30 26.86
N VAL G 117 43.12 14.41 25.59
CA VAL G 117 44.49 14.07 25.25
C VAL G 117 45.44 15.09 25.85
N ASN G 118 45.07 16.38 25.81
CA ASN G 118 45.89 17.42 26.40
C ASN G 118 45.72 17.55 27.91
N THR G 119 44.84 16.78 28.52
CA THR G 119 44.78 16.74 29.97
C THR G 119 45.89 15.84 30.48
N PRO G 120 46.68 16.29 31.47
CA PRO G 120 47.76 15.44 31.99
C PRO G 120 47.24 14.19 32.67
N ARG G 121 48.02 13.12 32.57
CA ARG G 121 47.55 11.78 32.91
C ARG G 121 47.33 11.61 34.42
N LYS G 122 48.01 12.38 35.25
CA LYS G 122 47.78 12.36 36.68
C LYS G 122 46.48 13.05 37.08
N LYS G 123 45.89 13.84 36.19
CA LYS G 123 44.60 14.47 36.44
C LYS G 123 43.45 13.69 35.83
N GLY G 124 43.60 12.37 35.70
CA GLY G 124 42.58 11.54 35.11
C GLY G 124 42.53 11.56 33.59
N GLY G 125 43.50 12.20 32.94
CA GLY G 125 43.48 12.36 31.51
C GLY G 125 44.36 11.36 30.80
N LEU G 126 44.49 11.55 29.49
CA LEU G 126 45.24 10.61 28.67
C LEU G 126 46.74 10.90 28.70
N GLY G 127 47.12 12.14 28.40
CA GLY G 127 48.52 12.49 28.36
C GLY G 127 49.11 12.24 26.99
N GLU G 128 50.05 11.31 26.87
CA GLU G 128 50.55 10.90 25.56
C GLU G 128 49.54 9.95 24.93
N MET G 129 49.09 10.27 23.72
CA MET G 129 48.12 9.43 23.03
C MET G 129 48.64 9.19 21.61
N HIS G 130 48.91 7.92 21.28
CA HIS G 130 49.65 7.58 20.08
C HIS G 130 48.79 6.81 19.07
N ILE G 131 47.48 7.02 19.09
CA ILE G 131 46.56 6.42 18.13
C ILE G 131 45.54 7.47 17.71
N PRO G 132 44.90 7.29 16.55
CA PRO G 132 43.83 8.23 16.14
C PRO G 132 42.63 8.16 17.07
N VAL G 133 42.39 9.26 17.78
CA VAL G 133 41.23 9.36 18.67
C VAL G 133 40.10 9.94 17.84
N LEU G 134 39.33 9.06 17.20
CA LEU G 134 38.34 9.49 16.22
C LEU G 134 37.05 9.98 16.86
N ALA G 135 36.54 11.12 16.38
CA ALA G 135 35.34 11.74 16.92
C ALA G 135 34.14 11.36 16.08
N ASP G 136 33.28 10.52 16.65
CA ASP G 136 32.03 10.15 16.02
C ASP G 136 30.89 10.96 16.62
N LYS G 137 30.97 12.28 16.44
CA LYS G 137 30.01 13.15 17.11
C LYS G 137 28.61 13.01 16.54
N SER G 138 28.49 12.73 15.25
CA SER G 138 27.20 12.44 14.65
C SER G 138 26.72 11.01 14.94
N MET G 139 27.58 10.19 15.56
CA MET G 139 27.30 8.81 15.98
C MET G 139 26.91 7.93 14.80
N GLU G 140 27.52 8.20 13.64
CA GLU G 140 27.33 7.43 12.43
C GLU G 140 28.25 6.24 12.34
N ILE G 141 29.45 6.34 12.91
CA ILE G 141 30.38 5.23 12.94
C ILE G 141 29.95 4.21 13.99
N ALA G 142 29.56 4.69 15.17
CA ALA G 142 29.07 3.80 16.21
C ALA G 142 27.74 3.17 15.89
N ARG G 143 26.94 3.79 15.03
CA ARG G 143 25.70 3.17 14.61
C ARG G 143 25.95 2.09 13.58
N ASP G 144 26.88 2.36 12.65
CA ASP G 144 27.23 1.40 11.61
C ASP G 144 27.98 0.20 12.16
N TYR G 145 28.65 0.34 13.30
CA TYR G 145 29.33 -0.77 13.93
C TYR G 145 28.52 -1.40 15.04
N GLY G 146 27.24 -1.08 15.15
CA GLY G 146 26.35 -1.71 16.10
C GLY G 146 26.66 -1.51 17.57
N VAL G 147 27.59 -0.63 17.91
CA VAL G 147 27.96 -0.41 19.29
C VAL G 147 27.32 0.85 19.87
N LEU G 148 26.55 1.59 19.08
CA LEU G 148 25.90 2.79 19.59
C LEU G 148 24.80 2.43 20.56
N ILE G 149 24.86 2.99 21.76
CA ILE G 149 23.77 2.90 22.71
C ILE G 149 22.89 4.11 22.42
N GLU G 150 21.80 3.88 21.68
CA GLU G 150 21.05 4.98 21.08
C GLU G 150 20.33 5.82 22.12
N GLU G 151 19.96 5.21 23.24
CA GLU G 151 19.27 5.92 24.30
C GLU G 151 20.17 6.91 25.02
N SER G 152 21.47 6.61 25.13
CA SER G 152 22.39 7.47 25.86
C SER G 152 23.43 8.11 24.96
N GLY G 153 23.45 7.76 23.68
CA GLY G 153 24.30 8.44 22.73
C GLY G 153 25.76 8.12 22.84
N ILE G 154 26.11 7.02 23.50
CA ILE G 154 27.51 6.64 23.62
C ILE G 154 27.72 5.30 22.94
N ALA G 155 28.97 4.87 22.84
CA ALA G 155 29.32 3.62 22.19
C ALA G 155 29.54 2.53 23.24
N LEU G 156 29.19 1.30 22.88
CA LEU G 156 29.62 0.14 23.64
C LEU G 156 31.13 0.01 23.57
N ARG G 157 31.72 -0.63 24.58
CA ARG G 157 33.13 -0.94 24.51
C ARG G 157 33.37 -2.00 23.46
N GLY G 158 33.84 -1.58 22.29
CA GLY G 158 33.87 -2.43 21.13
C GLY G 158 35.27 -2.49 20.55
N LEU G 159 35.59 -3.62 19.93
CA LEU G 159 36.85 -3.77 19.23
C LEU G 159 36.57 -4.57 17.99
N PHE G 160 36.89 -4.02 16.83
CA PHE G 160 36.55 -4.60 15.54
C PHE G 160 37.82 -4.70 14.71
N ILE G 161 38.13 -5.90 14.22
CA ILE G 161 39.31 -6.09 13.40
C ILE G 161 38.89 -6.26 11.96
N ILE G 162 39.14 -5.21 11.17
CA ILE G 162 38.84 -5.16 9.75
C ILE G 162 40.04 -5.71 9.00
N ASP G 163 39.79 -6.66 8.09
CA ASP G 163 40.81 -7.14 7.17
C ASP G 163 41.24 -6.02 6.24
N LYS G 164 42.47 -6.12 5.73
CA LYS G 164 42.97 -5.13 4.78
C LYS G 164 42.36 -5.28 3.39
N LYS G 165 41.51 -6.28 3.17
CA LYS G 165 40.55 -6.27 2.07
C LYS G 165 39.33 -5.40 2.36
N GLY G 166 39.23 -4.86 3.58
CA GLY G 166 38.12 -4.01 3.95
C GLY G 166 36.99 -4.70 4.66
N ILE G 167 36.98 -6.02 4.70
CA ILE G 167 35.92 -6.78 5.35
C ILE G 167 36.21 -6.91 6.83
N LEU G 168 35.15 -7.03 7.62
CA LEU G 168 35.31 -7.25 9.05
C LEU G 168 35.72 -8.70 9.26
N ARG G 169 36.39 -8.99 10.38
CA ARG G 169 36.78 -10.36 10.63
C ARG G 169 36.52 -10.73 12.09
N HIS G 170 36.51 -9.73 12.95
CA HIS G 170 36.46 -9.92 14.39
C HIS G 170 35.65 -8.80 15.01
N SER G 171 34.87 -9.15 16.02
CA SER G 171 33.89 -8.24 16.60
C SER G 171 33.83 -8.57 18.07
N THR G 172 34.60 -7.85 18.88
CA THR G 172 34.54 -7.98 20.34
C THR G 172 33.77 -6.79 20.87
N ILE G 173 32.58 -7.04 21.38
CA ILE G 173 31.75 -5.97 21.92
C ILE G 173 31.50 -6.28 23.38
N ASN G 174 31.90 -5.36 24.24
CA ASN G 174 31.63 -5.44 25.66
C ASN G 174 30.56 -4.45 26.04
N ASP G 175 29.77 -4.79 27.04
CA ASP G 175 28.94 -3.80 27.68
C ASP G 175 29.83 -2.92 28.55
N LEU G 176 29.36 -1.70 28.82
CA LEU G 176 30.11 -0.57 29.39
C LEU G 176 31.04 -0.80 30.59
N PRO G 177 30.80 -1.76 31.54
CA PRO G 177 31.82 -2.01 32.56
C PRO G 177 33.17 -2.53 32.08
N VAL G 178 33.19 -3.65 31.36
CA VAL G 178 34.40 -4.45 31.20
C VAL G 178 35.22 -3.91 30.03
N GLY G 179 36.44 -3.50 30.30
CA GLY G 179 37.28 -2.97 29.27
C GLY G 179 37.99 -4.04 28.47
N ARG G 180 38.45 -3.64 27.30
CA ARG G 180 39.19 -4.53 26.41
C ARG G 180 40.61 -4.69 26.88
N ASN G 181 41.22 -5.79 26.44
CA ASN G 181 42.59 -6.12 26.77
C ASN G 181 43.43 -6.04 25.50
N VAL G 182 44.71 -5.74 25.67
CA VAL G 182 45.56 -5.53 24.50
C VAL G 182 46.21 -6.84 24.03
N ASP G 183 46.54 -7.76 24.94
CA ASP G 183 47.09 -9.04 24.50
C ASP G 183 46.03 -9.88 23.80
N GLU G 184 44.76 -9.71 24.15
CA GLU G 184 43.68 -10.38 23.43
C GLU G 184 43.59 -9.89 22.00
N ALA G 185 43.65 -8.56 21.82
CA ALA G 185 43.57 -7.97 20.50
C ALA G 185 44.79 -8.33 19.66
N LEU G 186 45.97 -8.38 20.30
CA LEU G 186 47.18 -8.77 19.59
C LEU G 186 47.15 -10.24 19.18
N ARG G 187 46.63 -11.12 20.04
CA ARG G 187 46.53 -12.53 19.71
C ARG G 187 45.59 -12.76 18.54
N VAL G 188 44.40 -12.16 18.61
CA VAL G 188 43.41 -12.33 17.55
C VAL G 188 43.89 -11.70 16.25
N LEU G 189 44.50 -10.51 16.38
CA LEU G 189 45.01 -9.73 15.26
C LEU G 189 45.99 -10.54 14.49
N GLU G 190 47.06 -10.94 15.16
CA GLU G 190 48.10 -11.77 14.56
C GLU G 190 47.42 -12.91 13.85
N ALA G 191 46.84 -13.81 14.65
CA ALA G 191 46.11 -14.98 14.19
C ALA G 191 45.38 -14.73 12.89
N PHE G 192 44.79 -13.57 12.75
CA PHE G 192 44.12 -13.25 11.51
C PHE G 192 45.22 -13.04 10.48
N GLN G 193 46.37 -12.52 10.94
CA GLN G 193 47.51 -12.28 10.06
C GLN G 193 48.09 -13.59 9.54
N TYR G 194 48.37 -14.53 10.44
CA TYR G 194 48.87 -15.86 10.06
C TYR G 194 47.87 -16.63 9.22
N ALA G 195 46.57 -16.49 9.48
CA ALA G 195 45.59 -17.24 8.73
C ALA G 195 45.33 -16.62 7.36
N ASP G 196 45.49 -15.30 7.24
CA ASP G 196 45.38 -14.67 5.94
C ASP G 196 46.63 -14.89 5.12
N GLU G 197 47.77 -15.12 5.77
CA GLU G 197 48.95 -15.59 5.05
C GLU G 197 48.76 -17.01 4.55
N ASN G 198 48.62 -17.96 5.46
CA ASN G 198 48.56 -19.38 5.09
C ASN G 198 47.14 -19.92 4.96
N GLY G 199 46.39 -19.94 6.05
CA GLY G 199 45.07 -20.55 6.04
C GLY G 199 44.37 -20.51 7.39
N THR H 35 7.48 -24.82 -4.77
CA THR H 35 8.65 -25.64 -4.46
C THR H 35 9.09 -26.46 -5.66
N ALA H 36 8.80 -27.76 -5.64
CA ALA H 36 9.17 -28.67 -6.74
C ALA H 36 7.90 -29.35 -7.21
N THR H 37 7.21 -28.72 -8.15
CA THR H 37 6.07 -29.35 -8.78
C THR H 37 6.57 -30.46 -9.69
N VAL H 38 5.75 -31.48 -9.89
CA VAL H 38 6.14 -32.61 -10.74
C VAL H 38 6.25 -32.17 -12.18
N ARG H 39 5.15 -31.76 -12.81
CA ARG H 39 5.13 -31.52 -14.25
C ARG H 39 5.94 -30.27 -14.68
N GLU H 40 6.47 -29.51 -13.72
CA GLU H 40 7.31 -28.37 -13.97
C GLU H 40 8.77 -28.78 -13.93
N ALA H 41 9.66 -27.80 -13.98
CA ALA H 41 11.10 -28.05 -13.98
C ALA H 41 11.59 -28.28 -12.57
N ALA H 42 12.49 -29.24 -12.41
CA ALA H 42 13.06 -29.52 -11.11
C ALA H 42 13.96 -28.37 -10.70
N PRO H 43 13.99 -27.99 -9.43
CA PRO H 43 14.93 -26.97 -8.99
C PRO H 43 16.36 -27.51 -8.98
N GLN H 44 17.29 -26.60 -9.18
CA GLN H 44 18.71 -26.96 -9.27
C GLN H 44 19.23 -27.31 -7.90
N PHE H 45 20.11 -28.31 -7.84
CA PHE H 45 20.84 -28.60 -6.62
C PHE H 45 22.34 -28.53 -6.90
N SER H 46 23.09 -28.07 -5.91
CA SER H 46 24.51 -27.83 -6.04
C SER H 46 25.12 -27.79 -4.65
N GLY H 47 26.15 -28.59 -4.43
CA GLY H 47 26.81 -28.55 -3.14
C GLY H 47 27.90 -29.58 -3.05
N GLN H 48 28.55 -29.60 -1.90
CA GLN H 48 29.67 -30.48 -1.64
C GLN H 48 29.14 -31.87 -1.30
N ALA H 49 29.35 -32.82 -2.19
CA ALA H 49 28.92 -34.19 -1.95
C ALA H 49 30.09 -35.01 -1.43
N VAL H 50 29.84 -36.29 -1.19
CA VAL H 50 30.88 -37.25 -0.84
C VAL H 50 30.79 -38.39 -1.84
N VAL H 51 31.74 -38.45 -2.76
CA VAL H 51 31.85 -39.53 -3.72
C VAL H 51 33.18 -40.23 -3.49
N ASN H 52 33.12 -41.53 -3.19
CA ASN H 52 34.28 -42.42 -3.06
C ASN H 52 35.23 -41.97 -1.95
N GLY H 53 34.70 -41.33 -0.93
CA GLY H 53 35.48 -40.99 0.25
C GLY H 53 36.09 -39.62 0.26
N ALA H 54 35.56 -38.68 -0.51
CA ALA H 54 36.12 -37.33 -0.54
C ALA H 54 35.06 -36.35 -1.04
N ILE H 55 35.34 -35.08 -0.84
CA ILE H 55 34.41 -34.00 -1.13
C ILE H 55 34.60 -33.54 -2.57
N LYS H 56 33.51 -33.44 -3.33
CA LYS H 56 33.61 -33.23 -4.76
C LYS H 56 32.94 -31.98 -5.31
N ASP H 57 32.08 -31.30 -4.54
CA ASP H 57 31.46 -30.01 -4.90
C ASP H 57 30.65 -30.12 -6.19
N ILE H 58 29.58 -30.91 -6.11
CA ILE H 58 28.86 -31.41 -7.27
C ILE H 58 27.64 -30.55 -7.56
N ASN H 59 27.49 -30.15 -8.81
CA ASN H 59 26.31 -29.47 -9.32
C ASN H 59 25.39 -30.50 -9.98
N MET H 60 24.12 -30.11 -10.15
CA MET H 60 23.14 -30.91 -10.88
C MET H 60 23.58 -31.09 -12.33
N ASN H 61 24.20 -30.05 -12.91
CA ASN H 61 24.64 -30.04 -14.30
C ASN H 61 25.75 -31.03 -14.60
N ASP H 62 26.39 -31.60 -13.57
CA ASP H 62 27.31 -32.70 -13.77
C ASP H 62 26.62 -33.93 -14.32
N TYR H 63 25.30 -34.07 -14.12
CA TYR H 63 24.58 -35.26 -14.52
C TYR H 63 23.55 -34.94 -15.60
N LYS H 64 23.86 -33.98 -16.46
CA LYS H 64 23.02 -33.65 -17.60
C LYS H 64 23.01 -34.81 -18.58
N GLY H 65 21.82 -35.11 -19.14
CA GLY H 65 21.65 -36.27 -19.97
C GLY H 65 21.32 -37.54 -19.22
N LYS H 66 21.16 -37.46 -17.90
CA LYS H 66 20.74 -38.57 -17.07
C LYS H 66 19.45 -38.21 -16.35
N TYR H 67 18.63 -39.24 -16.09
CA TYR H 67 17.63 -39.13 -15.04
C TYR H 67 18.35 -38.92 -13.71
N ILE H 68 17.74 -38.14 -12.84
CA ILE H 68 18.27 -37.95 -11.50
C ILE H 68 17.30 -38.59 -10.52
N VAL H 69 17.81 -39.34 -9.56
CA VAL H 69 17.03 -39.86 -8.46
C VAL H 69 17.56 -39.16 -7.21
N LEU H 70 16.91 -38.07 -6.84
CA LEU H 70 17.32 -37.23 -5.74
C LEU H 70 16.71 -37.79 -4.47
N PHE H 71 17.53 -38.31 -3.57
CA PHE H 71 17.10 -39.22 -2.53
C PHE H 71 17.41 -38.65 -1.15
N PHE H 72 16.45 -37.92 -0.59
CA PHE H 72 16.60 -37.29 0.71
C PHE H 72 16.43 -38.33 1.81
N TYR H 73 17.46 -38.48 2.63
CA TYR H 73 17.35 -39.13 3.92
C TYR H 73 17.48 -38.07 5.02
N PRO H 74 16.89 -38.26 6.21
CA PRO H 74 16.71 -37.13 7.14
C PRO H 74 17.96 -36.56 7.80
N MET H 75 18.76 -37.39 8.48
CA MET H 75 19.99 -36.91 9.08
C MET H 75 20.99 -38.07 9.22
N ASP H 76 22.24 -37.70 9.51
CA ASP H 76 23.36 -38.63 9.68
C ASP H 76 23.38 -39.23 11.07
N PHE H 77 24.13 -40.33 11.18
CA PHE H 77 24.52 -40.96 12.45
C PHE H 77 23.35 -41.38 13.30
N THR H 78 22.22 -41.70 12.68
CA THR H 78 21.01 -42.00 13.42
C THR H 78 21.14 -43.32 14.16
N PHE H 79 20.27 -43.50 15.15
CA PHE H 79 20.30 -44.70 15.97
C PHE H 79 19.80 -45.90 15.19
N VAL H 80 18.87 -45.67 14.26
CA VAL H 80 18.43 -46.72 13.36
C VAL H 80 19.53 -47.02 12.35
N CYS H 81 19.57 -48.25 11.88
CA CYS H 81 20.56 -48.63 10.89
C CYS H 81 20.20 -48.01 9.54
N PRO H 82 21.17 -47.45 8.82
CA PRO H 82 20.88 -46.80 7.54
C PRO H 82 20.54 -47.80 6.45
N THR H 83 19.33 -48.37 6.50
CA THR H 83 19.02 -49.49 5.62
C THR H 83 18.79 -49.04 4.19
N GLU H 84 18.10 -47.91 3.99
CA GLU H 84 17.68 -47.54 2.64
C GLU H 84 18.84 -46.96 1.82
N ILE H 85 19.74 -46.20 2.44
CA ILE H 85 20.86 -45.65 1.70
C ILE H 85 21.93 -46.70 1.39
N ILE H 86 22.15 -47.66 2.30
CA ILE H 86 22.99 -48.82 1.95
C ILE H 86 22.30 -49.66 0.88
N ALA H 87 20.97 -49.77 0.94
CA ALA H 87 20.24 -50.51 -0.08
C ALA H 87 20.22 -49.80 -1.43
N PHE H 88 20.47 -48.49 -1.48
CA PHE H 88 20.66 -47.85 -2.77
C PHE H 88 22.10 -47.92 -3.24
N SER H 89 23.06 -47.80 -2.32
CA SER H 89 24.46 -47.82 -2.70
C SER H 89 24.90 -49.21 -3.16
N ASP H 90 24.30 -50.26 -2.59
CA ASP H 90 24.64 -51.60 -3.03
C ASP H 90 24.00 -51.92 -4.38
N ARG H 91 22.86 -51.29 -4.68
CA ARG H 91 22.14 -51.48 -5.93
C ARG H 91 22.42 -50.37 -6.92
N HIS H 92 23.62 -49.77 -6.88
CA HIS H 92 23.95 -48.65 -7.74
C HIS H 92 24.14 -49.05 -9.18
N ALA H 93 24.46 -50.33 -9.44
CA ALA H 93 24.58 -50.82 -10.80
C ALA H 93 23.25 -50.79 -11.52
N ASP H 94 22.17 -51.07 -10.80
CA ASP H 94 20.82 -51.00 -11.38
C ASP H 94 20.41 -49.59 -11.73
N PHE H 95 21.07 -48.58 -11.18
CA PHE H 95 20.83 -47.21 -11.57
C PHE H 95 21.83 -46.75 -12.63
N GLU H 96 23.02 -47.33 -12.67
CA GLU H 96 23.93 -47.05 -13.77
C GLU H 96 23.43 -47.65 -15.08
N LYS H 97 22.69 -48.76 -15.01
CA LYS H 97 22.14 -49.38 -16.20
C LYS H 97 20.94 -48.62 -16.77
N LEU H 98 20.20 -47.88 -15.95
CA LEU H 98 19.02 -47.17 -16.42
C LEU H 98 19.29 -45.70 -16.69
N ASN H 99 20.58 -45.33 -16.84
CA ASN H 99 21.04 -43.99 -17.25
C ASN H 99 20.58 -42.92 -16.26
N THR H 100 20.79 -43.22 -14.98
CA THR H 100 20.34 -42.32 -13.93
C THR H 100 21.41 -42.27 -12.84
N GLN H 101 21.31 -41.24 -12.02
CA GLN H 101 22.24 -41.07 -10.91
C GLN H 101 21.46 -40.81 -9.64
N VAL H 102 21.71 -41.62 -8.62
CA VAL H 102 21.07 -41.45 -7.31
C VAL H 102 21.93 -40.51 -6.48
N VAL H 103 21.39 -39.36 -6.15
CA VAL H 103 22.07 -38.34 -5.37
C VAL H 103 21.42 -38.34 -3.99
N ALA H 104 22.03 -39.03 -3.03
CA ALA H 104 21.50 -39.05 -1.67
C ALA H 104 21.79 -37.73 -0.99
N VAL H 105 20.75 -37.04 -0.55
CA VAL H 105 20.88 -35.72 0.05
C VAL H 105 20.53 -35.83 1.52
N SER H 106 21.22 -35.07 2.35
CA SER H 106 20.77 -34.81 3.70
C SER H 106 21.06 -33.35 4.00
N CYS H 107 20.43 -32.82 5.04
CA CYS H 107 20.68 -31.45 5.46
C CYS H 107 21.88 -31.32 6.37
N ASP H 108 22.71 -32.33 6.45
CA ASP H 108 23.89 -32.33 7.27
C ASP H 108 25.08 -31.84 6.47
N SER H 109 26.12 -31.43 7.18
CA SER H 109 27.31 -30.90 6.53
C SER H 109 28.16 -32.03 5.99
N VAL H 110 29.00 -31.69 5.02
CA VAL H 110 29.76 -32.69 4.26
C VAL H 110 30.82 -33.36 5.11
N TYR H 111 31.19 -32.76 6.23
CA TYR H 111 32.12 -33.41 7.14
C TYR H 111 31.46 -34.53 7.92
N SER H 112 30.17 -34.38 8.25
CA SER H 112 29.44 -35.49 8.85
C SER H 112 29.17 -36.60 7.85
N HIS H 113 28.90 -36.24 6.59
CA HIS H 113 28.74 -37.22 5.52
C HIS H 113 30.01 -38.01 5.31
N LEU H 114 31.14 -37.31 5.21
CA LEU H 114 32.43 -37.98 5.10
C LEU H 114 32.76 -38.76 6.36
N ALA H 115 32.21 -38.36 7.49
CA ALA H 115 32.46 -39.03 8.75
C ALA H 115 31.76 -40.35 8.85
N TRP H 116 30.50 -40.43 8.41
CA TRP H 116 29.79 -41.69 8.56
C TRP H 116 29.77 -42.53 7.31
N VAL H 117 30.26 -42.00 6.19
CA VAL H 117 30.73 -42.91 5.15
C VAL H 117 31.99 -43.63 5.62
N ASN H 118 32.88 -42.91 6.30
CA ASN H 118 34.09 -43.52 6.83
C ASN H 118 33.87 -44.27 8.15
N THR H 119 32.67 -44.24 8.69
CA THR H 119 32.38 -45.09 9.83
C THR H 119 32.11 -46.51 9.35
N PRO H 120 32.73 -47.52 9.94
CA PRO H 120 32.50 -48.90 9.51
C PRO H 120 31.06 -49.34 9.75
N ARG H 121 30.57 -50.20 8.85
CA ARG H 121 29.15 -50.51 8.77
C ARG H 121 28.65 -51.31 9.97
N LYS H 122 29.53 -52.05 10.63
CA LYS H 122 29.16 -52.76 11.85
C LYS H 122 29.01 -51.83 13.05
N LYS H 123 29.52 -50.60 12.97
CA LYS H 123 29.35 -49.61 14.02
C LYS H 123 28.20 -48.66 13.72
N GLY H 124 27.19 -49.13 13.00
CA GLY H 124 26.05 -48.30 12.65
C GLY H 124 26.29 -47.35 11.50
N GLY H 125 27.42 -47.44 10.82
CA GLY H 125 27.78 -46.52 9.77
C GLY H 125 27.50 -47.06 8.38
N LEU H 126 27.95 -46.30 7.39
CA LEU H 126 27.66 -46.66 6.01
C LEU H 126 28.67 -47.66 5.47
N GLY H 127 29.95 -47.36 5.58
CA GLY H 127 30.97 -48.24 5.06
C GLY H 127 31.29 -47.91 3.61
N GLU H 128 31.00 -48.84 2.70
CA GLU H 128 31.12 -48.54 1.28
C GLU H 128 29.89 -47.75 0.83
N MET H 129 30.12 -46.58 0.23
CA MET H 129 29.03 -45.72 -0.23
C MET H 129 29.31 -45.34 -1.67
N HIS H 130 28.44 -45.75 -2.59
CA HIS H 130 28.72 -45.67 -4.01
C HIS H 130 27.79 -44.69 -4.74
N ILE H 131 27.31 -43.68 -4.03
CA ILE H 131 26.47 -42.63 -4.62
C ILE H 131 26.89 -41.29 -4.03
N PRO H 132 26.60 -40.18 -4.72
CA PRO H 132 26.91 -38.86 -4.15
C PRO H 132 26.10 -38.56 -2.91
N VAL H 133 26.77 -38.46 -1.77
CA VAL H 133 26.12 -38.12 -0.50
C VAL H 133 26.17 -36.60 -0.39
N LEU H 134 25.14 -35.94 -0.91
CA LEU H 134 25.15 -34.49 -1.05
C LEU H 134 24.79 -33.78 0.25
N ALA H 135 25.57 -32.76 0.59
CA ALA H 135 25.40 -32.00 1.82
C ALA H 135 24.59 -30.74 1.56
N ASP H 136 23.36 -30.74 2.03
CA ASP H 136 22.49 -29.58 1.95
C ASP H 136 22.50 -28.83 3.29
N LYS H 137 23.69 -28.35 3.67
CA LYS H 137 23.83 -27.78 5.01
C LYS H 137 23.08 -26.46 5.15
N SER H 138 22.98 -25.69 4.07
CA SER H 138 22.16 -24.49 4.06
C SER H 138 20.67 -24.78 3.91
N MET H 139 20.32 -26.05 3.65
CA MET H 139 18.95 -26.55 3.52
C MET H 139 18.19 -25.85 2.39
N GLU H 140 18.92 -25.49 1.34
CA GLU H 140 18.36 -24.88 0.14
C GLU H 140 17.84 -25.90 -0.85
N ILE H 141 18.46 -27.08 -0.90
CA ILE H 141 17.98 -28.13 -1.78
C ILE H 141 16.74 -28.78 -1.20
N ALA H 142 16.75 -29.06 0.10
CA ALA H 142 15.59 -29.63 0.76
C ALA H 142 14.43 -28.67 0.84
N ARG H 143 14.69 -27.37 0.82
CA ARG H 143 13.59 -26.41 0.80
C ARG H 143 12.97 -26.33 -0.60
N ASP H 144 13.82 -26.35 -1.63
CA ASP H 144 13.35 -26.30 -3.00
C ASP H 144 12.64 -27.57 -3.43
N TYR H 145 12.92 -28.69 -2.79
CA TYR H 145 12.24 -29.93 -3.08
C TYR H 145 11.10 -30.23 -2.12
N GLY H 146 10.70 -29.26 -1.29
CA GLY H 146 9.56 -29.39 -0.41
C GLY H 146 9.66 -30.43 0.67
N VAL H 147 10.83 -31.03 0.87
CA VAL H 147 10.99 -32.05 1.89
C VAL H 147 11.62 -31.53 3.16
N LEU H 148 11.98 -30.25 3.22
CA LEU H 148 12.58 -29.69 4.42
C LEU H 148 11.56 -29.59 5.53
N ILE H 149 11.87 -30.18 6.68
CA ILE H 149 11.07 -29.98 7.89
C ILE H 149 11.70 -28.78 8.58
N GLU H 150 11.06 -27.61 8.39
CA GLU H 150 11.70 -26.34 8.72
C GLU H 150 11.88 -26.17 10.23
N GLU H 151 11.00 -26.78 11.01
CA GLU H 151 11.06 -26.68 12.46
C GLU H 151 12.26 -27.45 13.04
N SER H 152 12.65 -28.55 12.41
CA SER H 152 13.73 -29.38 12.92
C SER H 152 14.94 -29.38 12.01
N GLY H 153 14.86 -28.74 10.85
CA GLY H 153 16.02 -28.57 10.01
C GLY H 153 16.47 -29.80 9.29
N ILE H 154 15.64 -30.82 9.17
CA ILE H 154 16.01 -32.03 8.48
C ILE H 154 15.10 -32.21 7.28
N ALA H 155 15.39 -33.21 6.45
CA ALA H 155 14.61 -33.48 5.25
C ALA H 155 13.64 -34.62 5.51
N LEU H 156 12.49 -34.56 4.85
CA LEU H 156 11.61 -35.71 4.78
C LEU H 156 12.28 -36.81 3.96
N ARG H 157 11.88 -38.05 4.21
CA ARG H 157 12.37 -39.14 3.38
C ARG H 157 11.75 -39.02 2.00
N GLY H 158 12.54 -38.53 1.06
CA GLY H 158 12.02 -38.13 -0.23
C GLY H 158 12.77 -38.81 -1.35
N LEU H 159 12.09 -39.04 -2.46
CA LEU H 159 12.72 -39.58 -3.65
C LEU H 159 12.09 -38.89 -4.83
N PHE H 160 12.92 -38.25 -5.64
CA PHE H 160 12.46 -37.41 -6.75
C PHE H 160 13.15 -37.87 -8.02
N ILE H 161 12.37 -38.19 -9.05
CA ILE H 161 12.94 -38.63 -10.31
C ILE H 161 12.82 -37.50 -11.32
N ILE H 162 13.95 -36.86 -11.60
CA ILE H 162 14.07 -35.77 -12.55
C ILE H 162 14.35 -36.36 -13.93
N ASP H 163 13.55 -35.95 -14.92
CA ASP H 163 13.81 -36.30 -16.31
C ASP H 163 15.13 -35.67 -16.76
N LYS H 164 15.76 -36.30 -17.77
CA LYS H 164 17.00 -35.76 -18.31
C LYS H 164 16.79 -34.53 -19.19
N LYS H 165 15.55 -34.10 -19.40
CA LYS H 165 15.23 -32.74 -19.81
C LYS H 165 15.29 -31.75 -18.65
N GLY H 166 15.50 -32.23 -17.43
CA GLY H 166 15.60 -31.38 -16.27
C GLY H 166 14.31 -31.20 -15.49
N ILE H 167 13.19 -31.65 -16.02
CA ILE H 167 11.90 -31.52 -15.36
C ILE H 167 11.71 -32.67 -14.39
N LEU H 168 10.94 -32.43 -13.33
CA LEU H 168 10.61 -33.48 -12.38
C LEU H 168 9.55 -34.38 -13.01
N ARG H 169 9.48 -35.62 -12.57
CA ARG H 169 8.48 -36.51 -13.13
C ARG H 169 7.81 -37.31 -12.03
N HIS H 170 8.52 -37.51 -10.93
CA HIS H 170 8.09 -38.40 -9.86
C HIS H 170 8.52 -37.81 -8.53
N SER H 171 7.68 -37.98 -7.53
CA SER H 171 7.84 -37.31 -6.25
C SER H 171 7.31 -38.27 -5.21
N THR H 172 8.17 -39.08 -4.62
CA THR H 172 7.80 -39.96 -3.51
C THR H 172 8.33 -39.33 -2.24
N ILE H 173 7.43 -38.85 -1.41
CA ILE H 173 7.81 -38.21 -0.16
C ILE H 173 7.20 -39.02 0.97
N ASN H 174 8.04 -39.53 1.86
CA ASN H 174 7.61 -40.22 3.06
C ASN H 174 7.83 -39.34 4.27
N ASP H 175 6.98 -39.49 5.26
CA ASP H 175 7.30 -38.94 6.57
C ASP H 175 8.35 -39.84 7.20
N LEU H 176 9.10 -39.25 8.15
CA LEU H 176 10.34 -39.76 8.73
C LEU H 176 10.44 -41.24 9.15
N PRO H 177 9.36 -41.95 9.58
CA PRO H 177 9.51 -43.40 9.81
C PRO H 177 9.84 -44.25 8.60
N VAL H 178 9.02 -44.20 7.56
CA VAL H 178 9.00 -45.25 6.55
C VAL H 178 10.04 -44.96 5.48
N GLY H 179 10.97 -45.88 5.30
CA GLY H 179 12.02 -45.69 4.34
C GLY H 179 11.61 -46.08 2.95
N ARG H 180 12.37 -45.58 1.98
CA ARG H 180 12.13 -45.87 0.58
C ARG H 180 12.66 -47.24 0.22
N ASN H 181 12.11 -47.78 -0.86
CA ASN H 181 12.48 -49.08 -1.38
C ASN H 181 13.18 -48.90 -2.72
N VAL H 182 14.07 -49.83 -3.04
CA VAL H 182 14.86 -49.68 -4.26
C VAL H 182 14.17 -50.29 -5.47
N ASP H 183 13.41 -51.38 -5.31
CA ASP H 183 12.68 -51.93 -6.44
C ASP H 183 11.54 -51.02 -6.86
N GLU H 184 10.98 -50.25 -5.94
CA GLU H 184 9.98 -49.26 -6.29
C GLU H 184 10.57 -48.17 -7.16
N ALA H 185 11.75 -47.67 -6.76
CA ALA H 185 12.42 -46.61 -7.52
C ALA H 185 12.87 -47.11 -8.87
N LEU H 186 13.33 -48.37 -8.94
CA LEU H 186 13.74 -48.94 -10.21
C LEU H 186 12.55 -49.16 -11.14
N ARG H 187 11.40 -49.60 -10.60
CA ARG H 187 10.21 -49.78 -11.42
C ARG H 187 9.73 -48.47 -11.99
N VAL H 188 9.61 -47.44 -11.14
CA VAL H 188 9.12 -46.15 -11.60
C VAL H 188 10.11 -45.52 -12.56
N LEU H 189 11.40 -45.64 -12.23
CA LEU H 189 12.51 -45.08 -13.02
C LEU H 189 12.45 -45.59 -14.40
N GLU H 190 12.56 -46.91 -14.55
CA GLU H 190 12.48 -47.58 -15.83
C GLU H 190 11.28 -47.02 -16.56
N ALA H 191 10.10 -47.38 -16.06
CA ALA H 191 8.81 -46.95 -16.57
C ALA H 191 8.85 -45.56 -17.15
N PHE H 192 9.56 -44.67 -16.50
CA PHE H 192 9.68 -43.32 -17.03
C PHE H 192 10.59 -43.44 -18.24
N GLN H 193 11.53 -44.38 -18.19
CA GLN H 193 12.46 -44.59 -19.30
C GLN H 193 11.73 -45.12 -20.53
N TYR H 194 10.94 -46.19 -20.35
CA TYR H 194 10.15 -46.75 -21.44
C TYR H 194 9.11 -45.78 -21.96
N ALA H 195 8.52 -44.96 -21.10
CA ALA H 195 7.50 -44.02 -21.57
C ALA H 195 8.11 -42.80 -22.25
N ASP H 196 9.32 -42.42 -21.86
CA ASP H 196 10.01 -41.35 -22.56
C ASP H 196 10.59 -41.83 -23.87
N GLU H 197 10.88 -43.13 -23.98
CA GLU H 197 11.21 -43.71 -25.28
C GLU H 197 9.99 -43.73 -26.19
N ASN H 198 8.96 -44.49 -25.82
CA ASN H 198 7.79 -44.69 -26.68
C ASN H 198 6.63 -43.76 -26.36
N GLY H 199 6.05 -43.88 -25.18
CA GLY H 199 4.86 -43.11 -24.84
C GLY H 199 4.33 -43.40 -23.45
N THR I 35 -16.18 -10.54 -17.83
CA THR I 35 -16.32 -11.83 -18.47
C THR I 35 -16.60 -11.69 -19.95
N ALA I 36 -17.85 -11.92 -20.37
CA ALA I 36 -18.25 -11.82 -21.77
C ALA I 36 -19.40 -10.84 -21.86
N THR I 37 -19.08 -9.56 -21.99
CA THR I 37 -20.08 -8.55 -22.23
C THR I 37 -20.62 -8.72 -23.65
N VAL I 38 -21.87 -8.33 -23.86
CA VAL I 38 -22.49 -8.47 -25.17
C VAL I 38 -21.83 -7.53 -26.18
N ARG I 39 -21.94 -6.22 -25.97
CA ARG I 39 -21.52 -5.25 -26.99
C ARG I 39 -19.99 -5.18 -27.16
N GLU I 40 -19.23 -5.88 -26.33
CA GLU I 40 -17.79 -5.97 -26.42
C GLU I 40 -17.40 -7.20 -27.25
N ALA I 41 -16.10 -7.49 -27.26
CA ALA I 41 -15.57 -8.61 -28.03
C ALA I 41 -15.74 -9.91 -27.26
N ALA I 42 -16.12 -10.96 -27.97
CA ALA I 42 -16.27 -12.25 -27.33
C ALA I 42 -14.90 -12.80 -26.94
N PRO I 43 -14.78 -13.46 -25.79
CA PRO I 43 -13.50 -14.08 -25.45
C PRO I 43 -13.22 -15.29 -26.34
N GLN I 44 -11.94 -15.55 -26.53
CA GLN I 44 -11.51 -16.63 -27.40
C GLN I 44 -11.76 -17.97 -26.73
N PHE I 45 -12.17 -18.96 -27.51
CA PHE I 45 -12.22 -20.33 -27.02
C PHE I 45 -11.36 -21.21 -27.90
N SER I 46 -10.75 -22.22 -27.27
CA SER I 46 -9.78 -23.09 -27.94
C SER I 46 -9.66 -24.36 -27.12
N GLY I 47 -9.85 -25.50 -27.77
CA GLY I 47 -9.68 -26.74 -27.04
C GLY I 47 -10.01 -27.94 -27.92
N GLN I 48 -9.87 -29.10 -27.33
CA GLN I 48 -10.09 -30.37 -28.02
C GLN I 48 -11.58 -30.64 -28.10
N ALA I 49 -12.14 -30.56 -29.30
CA ALA I 49 -13.55 -30.84 -29.50
C ALA I 49 -13.73 -32.26 -29.99
N VAL I 50 -14.97 -32.65 -30.23
CA VAL I 50 -15.30 -33.93 -30.84
C VAL I 50 -16.16 -33.63 -32.07
N VAL I 51 -15.56 -33.78 -33.25
CA VAL I 51 -16.27 -33.62 -34.52
C VAL I 51 -16.21 -34.95 -35.24
N ASN I 52 -17.38 -35.51 -35.53
CA ASN I 52 -17.56 -36.72 -36.34
C ASN I 52 -16.88 -37.94 -35.74
N GLY I 53 -16.77 -37.97 -34.41
CA GLY I 53 -16.28 -39.14 -33.72
C GLY I 53 -14.80 -39.15 -33.41
N ALA I 54 -14.15 -37.98 -33.36
CA ALA I 54 -12.73 -37.93 -33.06
C ALA I 54 -12.37 -36.54 -32.55
N ILE I 55 -11.18 -36.45 -31.97
CA ILE I 55 -10.71 -35.25 -31.30
C ILE I 55 -9.99 -34.37 -32.32
N LYS I 56 -10.34 -33.08 -32.36
CA LYS I 56 -9.89 -32.21 -33.44
C LYS I 56 -9.08 -30.99 -33.01
N ASP I 57 -9.07 -30.62 -31.73
CA ASP I 57 -8.25 -29.53 -31.16
C ASP I 57 -8.55 -28.20 -31.86
N ILE I 58 -9.78 -27.72 -31.63
CA ILE I 58 -10.37 -26.65 -32.42
C ILE I 58 -10.23 -25.32 -31.72
N ASN I 59 -9.77 -24.32 -32.45
CA ASN I 59 -9.73 -22.93 -32.02
C ASN I 59 -10.95 -22.19 -32.55
N MET I 60 -11.24 -21.05 -31.91
CA MET I 60 -12.30 -20.16 -32.39
C MET I 60 -12.01 -19.65 -33.80
N ASN I 61 -10.72 -19.41 -34.09
CA ASN I 61 -10.25 -18.88 -35.36
C ASN I 61 -10.47 -19.83 -36.53
N ASP I 62 -10.79 -21.10 -36.27
CA ASP I 62 -11.22 -22.00 -37.32
C ASP I 62 -12.53 -21.57 -37.96
N TYR I 63 -13.35 -20.80 -37.25
CA TYR I 63 -14.65 -20.40 -37.75
C TYR I 63 -14.75 -18.90 -37.97
N LYS I 64 -13.63 -18.29 -38.37
CA LYS I 64 -13.61 -16.88 -38.73
C LYS I 64 -14.43 -16.65 -39.99
N GLY I 65 -15.19 -15.56 -39.99
CA GLY I 65 -16.14 -15.30 -41.07
C GLY I 65 -17.49 -15.92 -40.87
N LYS I 66 -17.71 -16.59 -39.74
CA LYS I 66 -19.01 -17.15 -39.38
C LYS I 66 -19.49 -16.52 -38.07
N TYR I 67 -20.81 -16.43 -37.94
CA TYR I 67 -21.39 -16.30 -36.61
C TYR I 67 -21.07 -17.56 -35.81
N ILE I 68 -20.87 -17.41 -34.51
CA ILE I 68 -20.65 -18.54 -33.64
C ILE I 68 -21.84 -18.63 -32.71
N VAL I 69 -22.36 -19.84 -32.52
CA VAL I 69 -23.38 -20.11 -31.52
C VAL I 69 -22.73 -21.02 -30.50
N LEU I 70 -22.19 -20.42 -29.44
CA LEU I 70 -21.45 -21.11 -28.41
C LEU I 70 -22.45 -21.62 -27.39
N PHE I 71 -22.60 -22.93 -27.29
CA PHE I 71 -23.76 -23.55 -26.66
C PHE I 71 -23.33 -24.42 -25.48
N PHE I 72 -23.30 -23.84 -24.30
CA PHE I 72 -22.91 -24.53 -23.09
C PHE I 72 -24.04 -25.41 -22.61
N TYR I 73 -23.78 -26.71 -22.50
CA TYR I 73 -24.59 -27.62 -21.72
C TYR I 73 -23.80 -28.04 -20.48
N PRO I 74 -24.47 -28.39 -19.35
CA PRO I 74 -23.75 -28.46 -18.07
C PRO I 74 -22.73 -29.59 -17.89
N MET I 75 -23.13 -30.84 -18.08
CA MET I 75 -22.20 -31.95 -17.97
C MET I 75 -22.68 -33.13 -18.81
N ASP I 76 -21.77 -34.10 -19.02
CA ASP I 76 -22.01 -35.31 -19.80
C ASP I 76 -22.72 -36.37 -18.98
N PHE I 77 -23.30 -37.33 -19.70
CA PHE I 77 -23.83 -38.60 -19.18
C PHE I 77 -24.93 -38.40 -18.14
N THR I 78 -25.67 -37.31 -18.26
CA THR I 78 -26.67 -36.97 -17.25
C THR I 78 -27.83 -37.94 -17.30
N PHE I 79 -28.57 -37.98 -16.19
CA PHE I 79 -29.71 -38.89 -16.09
C PHE I 79 -30.85 -38.44 -16.98
N VAL I 80 -30.99 -37.13 -17.17
CA VAL I 80 -31.96 -36.62 -18.12
C VAL I 80 -31.47 -36.89 -19.54
N CYS I 81 -32.42 -37.03 -20.46
CA CYS I 81 -32.08 -37.26 -21.85
C CYS I 81 -31.52 -35.99 -22.47
N PRO I 82 -30.44 -36.07 -23.22
CA PRO I 82 -29.84 -34.87 -23.81
C PRO I 82 -30.68 -34.29 -24.94
N THR I 83 -31.78 -33.63 -24.58
CA THR I 83 -32.75 -33.22 -25.60
C THR I 83 -32.25 -32.05 -26.42
N GLU I 84 -31.63 -31.05 -25.77
CA GLU I 84 -31.31 -29.81 -26.48
C GLU I 84 -30.10 -29.97 -27.40
N ILE I 85 -29.10 -30.76 -27.00
CA ILE I 85 -27.94 -30.95 -27.86
C ILE I 85 -28.23 -31.87 -29.04
N ILE I 86 -29.07 -32.89 -28.85
CA ILE I 86 -29.56 -33.65 -29.99
C ILE I 86 -30.44 -32.79 -30.87
N ALA I 87 -31.22 -31.89 -30.26
CA ALA I 87 -32.06 -30.97 -31.04
C ALA I 87 -31.26 -29.93 -31.78
N PHE I 88 -30.03 -29.65 -31.36
CA PHE I 88 -29.18 -28.78 -32.19
C PHE I 88 -28.42 -29.57 -33.24
N SER I 89 -27.97 -30.78 -32.91
CA SER I 89 -27.22 -31.58 -33.86
C SER I 89 -28.09 -32.06 -35.01
N ASP I 90 -29.37 -32.32 -34.75
CA ASP I 90 -30.26 -32.74 -35.83
C ASP I 90 -30.63 -31.55 -36.71
N ARG I 91 -30.64 -30.35 -36.15
CA ARG I 91 -30.96 -29.13 -36.87
C ARG I 91 -29.72 -28.37 -37.31
N HIS I 92 -28.61 -29.07 -37.56
CA HIS I 92 -27.36 -28.42 -37.90
C HIS I 92 -27.38 -27.80 -39.29
N ALA I 93 -28.24 -28.30 -40.18
CA ALA I 93 -28.37 -27.72 -41.52
C ALA I 93 -28.93 -26.30 -41.45
N ASP I 94 -29.83 -26.04 -40.50
CA ASP I 94 -30.37 -24.71 -40.31
C ASP I 94 -29.33 -23.73 -39.78
N PHE I 95 -28.23 -24.22 -39.23
CA PHE I 95 -27.13 -23.35 -38.84
C PHE I 95 -26.06 -23.28 -39.92
N GLU I 96 -25.94 -24.32 -40.76
CA GLU I 96 -25.05 -24.22 -41.91
C GLU I 96 -25.61 -23.26 -42.96
N LYS I 97 -26.93 -23.12 -43.02
CA LYS I 97 -27.55 -22.20 -43.96
C LYS I 97 -27.43 -20.74 -43.54
N LEU I 98 -27.32 -20.46 -42.24
CA LEU I 98 -27.23 -19.09 -41.76
C LEU I 98 -25.82 -18.65 -41.47
N ASN I 99 -24.82 -19.37 -42.02
CA ASN I 99 -23.40 -19.01 -41.98
C ASN I 99 -22.89 -18.94 -40.53
N THR I 100 -23.24 -19.96 -39.75
CA THR I 100 -22.88 -19.99 -38.35
C THR I 100 -22.47 -21.39 -37.97
N GLN I 101 -21.77 -21.50 -36.85
CA GLN I 101 -21.34 -22.79 -36.34
C GLN I 101 -21.72 -22.92 -34.88
N VAL I 102 -22.45 -23.97 -34.55
CA VAL I 102 -22.83 -24.25 -33.17
C VAL I 102 -21.73 -25.08 -32.51
N VAL I 103 -21.10 -24.51 -31.52
CA VAL I 103 -20.00 -25.14 -30.79
C VAL I 103 -20.56 -25.51 -29.42
N ALA I 104 -20.99 -26.75 -29.25
CA ALA I 104 -21.50 -27.19 -27.95
C ALA I 104 -20.34 -27.40 -26.98
N VAL I 105 -20.36 -26.69 -25.88
CA VAL I 105 -19.28 -26.72 -24.90
C VAL I 105 -19.79 -27.39 -23.64
N SER I 106 -18.93 -28.15 -22.99
CA SER I 106 -19.16 -28.56 -21.61
C SER I 106 -17.83 -28.49 -20.90
N CYS I 107 -17.87 -28.49 -19.57
CA CYS I 107 -16.65 -28.47 -18.78
C CYS I 107 -16.07 -29.84 -18.55
N ASP I 108 -16.51 -30.83 -19.32
CA ASP I 108 -16.04 -32.19 -19.22
C ASP I 108 -14.89 -32.40 -20.18
N SER I 109 -14.11 -33.45 -19.93
CA SER I 109 -12.97 -33.74 -20.75
C SER I 109 -13.40 -34.41 -22.06
N VAL I 110 -12.53 -34.31 -23.05
CA VAL I 110 -12.85 -34.73 -24.41
C VAL I 110 -13.01 -36.24 -24.53
N TYR I 111 -12.49 -36.99 -23.56
CA TYR I 111 -12.71 -38.43 -23.56
C TYR I 111 -14.12 -38.78 -23.13
N SER I 112 -14.71 -38.00 -22.23
CA SER I 112 -16.12 -38.19 -21.89
C SER I 112 -17.03 -37.75 -23.03
N HIS I 113 -16.66 -36.67 -23.72
CA HIS I 113 -17.40 -36.23 -24.90
C HIS I 113 -17.38 -37.27 -26.00
N LEU I 114 -16.19 -37.81 -26.28
CA LEU I 114 -16.08 -38.89 -27.25
C LEU I 114 -16.77 -40.16 -26.76
N ALA I 115 -16.89 -40.31 -25.45
CA ALA I 115 -17.52 -41.48 -24.87
C ALA I 115 -19.03 -41.45 -25.04
N TRP I 116 -19.67 -40.30 -24.85
CA TRP I 116 -21.12 -40.29 -24.92
C TRP I 116 -21.63 -39.79 -26.25
N VAL I 117 -20.76 -39.30 -27.13
CA VAL I 117 -21.11 -39.28 -28.55
C VAL I 117 -21.15 -40.72 -29.06
N ASN I 118 -20.20 -41.55 -28.64
CA ASN I 118 -20.18 -42.95 -29.04
C ASN I 118 -21.13 -43.83 -28.24
N THR I 119 -21.81 -43.29 -27.25
CA THR I 119 -22.86 -44.05 -26.59
C THR I 119 -24.11 -44.02 -27.45
N PRO I 120 -24.76 -45.16 -27.71
CA PRO I 120 -25.96 -45.17 -28.53
C PRO I 120 -27.10 -44.41 -27.87
N ARG I 121 -27.94 -43.81 -28.71
CA ARG I 121 -28.92 -42.82 -28.25
C ARG I 121 -30.04 -43.44 -27.44
N LYS I 122 -30.33 -44.73 -27.64
CA LYS I 122 -31.30 -45.42 -26.82
C LYS I 122 -30.79 -45.75 -25.42
N LYS I 123 -29.48 -45.67 -25.19
CA LYS I 123 -28.89 -45.86 -23.87
C LYS I 123 -28.64 -44.53 -23.16
N GLY I 124 -29.43 -43.51 -23.46
CA GLY I 124 -29.27 -42.21 -22.87
C GLY I 124 -28.16 -41.37 -23.45
N GLY I 125 -27.54 -41.81 -24.55
CA GLY I 125 -26.41 -41.14 -25.13
C GLY I 125 -26.79 -40.26 -26.31
N LEU I 126 -25.77 -39.74 -26.96
CA LEU I 126 -25.99 -38.81 -28.06
C LEU I 126 -26.23 -39.54 -29.37
N GLY I 127 -25.33 -40.44 -29.75
CA GLY I 127 -25.48 -41.14 -31.00
C GLY I 127 -24.80 -40.39 -32.14
N GLU I 128 -25.59 -39.93 -33.10
CA GLU I 128 -25.04 -39.05 -34.14
C GLU I 128 -24.92 -37.65 -33.59
N MET I 129 -23.73 -37.07 -33.66
CA MET I 129 -23.51 -35.71 -33.15
C MET I 129 -22.79 -34.92 -34.24
N HIS I 130 -23.45 -33.86 -34.73
CA HIS I 130 -23.00 -33.17 -35.92
C HIS I 130 -22.54 -31.74 -35.64
N ILE I 131 -22.05 -31.49 -34.44
CA ILE I 131 -21.50 -30.18 -34.06
C ILE I 131 -20.24 -30.42 -33.23
N PRO I 132 -19.35 -29.42 -33.15
CA PRO I 132 -18.16 -29.56 -32.28
C PRO I 132 -18.53 -29.63 -30.82
N VAL I 133 -18.28 -30.77 -30.20
CA VAL I 133 -18.53 -30.97 -28.77
C VAL I 133 -17.24 -30.57 -28.06
N LEU I 134 -17.13 -29.30 -27.71
CA LEU I 134 -15.88 -28.75 -27.19
C LEU I 134 -15.67 -29.05 -25.72
N ALA I 135 -14.47 -29.48 -25.37
CA ALA I 135 -14.11 -29.87 -24.01
C ALA I 135 -13.42 -28.71 -23.30
N ASP I 136 -14.12 -28.11 -22.36
CA ASP I 136 -13.58 -27.05 -21.53
C ASP I 136 -13.17 -27.63 -20.19
N LYS I 137 -12.21 -28.56 -20.22
CA LYS I 137 -11.87 -29.28 -19.00
C LYS I 137 -11.17 -28.40 -17.98
N SER I 138 -10.39 -27.43 -18.45
CA SER I 138 -9.80 -26.44 -17.56
C SER I 138 -10.78 -25.36 -17.12
N MET I 139 -11.98 -25.36 -17.70
CA MET I 139 -13.09 -24.44 -17.39
C MET I 139 -12.71 -23.00 -17.61
N GLU I 140 -11.87 -22.76 -18.62
CA GLU I 140 -11.45 -21.43 -19.04
C GLU I 140 -12.42 -20.78 -20.01
N ILE I 141 -13.08 -21.58 -20.83
CA ILE I 141 -14.07 -21.05 -21.75
C ILE I 141 -15.36 -20.71 -21.00
N ALA I 142 -15.79 -21.60 -20.11
CA ALA I 142 -16.98 -21.34 -19.30
C ALA I 142 -16.77 -20.23 -18.30
N ARG I 143 -15.54 -19.97 -17.89
CA ARG I 143 -15.29 -18.86 -16.99
C ARG I 143 -15.31 -17.55 -17.75
N ASP I 144 -14.74 -17.54 -18.96
CA ASP I 144 -14.70 -16.34 -19.79
C ASP I 144 -16.07 -15.98 -20.33
N TYR I 145 -16.98 -16.94 -20.44
CA TYR I 145 -18.34 -16.67 -20.88
C TYR I 145 -19.32 -16.54 -19.74
N GLY I 146 -18.83 -16.43 -18.50
CA GLY I 146 -19.67 -16.18 -17.35
C GLY I 146 -20.67 -17.25 -17.00
N VAL I 147 -20.61 -18.41 -17.63
CA VAL I 147 -21.56 -19.47 -17.35
C VAL I 147 -21.00 -20.54 -16.43
N LEU I 148 -19.74 -20.42 -16.00
CA LEU I 148 -19.16 -21.40 -15.11
C LEU I 148 -19.78 -21.30 -13.73
N ILE I 149 -20.29 -22.42 -13.22
CA ILE I 149 -20.73 -22.51 -11.84
C ILE I 149 -19.50 -22.99 -11.07
N GLU I 150 -18.82 -22.04 -10.42
CA GLU I 150 -17.47 -22.29 -9.91
C GLU I 150 -17.48 -23.27 -8.76
N GLU I 151 -18.58 -23.32 -8.00
CA GLU I 151 -18.69 -24.21 -6.86
C GLU I 151 -18.82 -25.67 -7.29
N SER I 152 -19.44 -25.93 -8.43
CA SER I 152 -19.67 -27.29 -8.89
C SER I 152 -18.90 -27.62 -10.15
N GLY I 153 -18.22 -26.64 -10.75
CA GLY I 153 -17.34 -26.93 -11.86
C GLY I 153 -18.03 -27.22 -13.16
N ILE I 154 -19.30 -26.86 -13.30
CA ILE I 154 -20.02 -27.11 -14.53
C ILE I 154 -20.45 -25.78 -15.12
N ALA I 155 -21.01 -25.81 -16.32
CA ALA I 155 -21.44 -24.61 -17.01
C ALA I 155 -22.94 -24.44 -16.86
N LEU I 156 -23.37 -23.18 -16.81
CA LEU I 156 -24.78 -22.87 -16.96
C LEU I 156 -25.23 -23.21 -18.37
N ARG I 157 -26.53 -23.49 -18.52
CA ARG I 157 -27.07 -23.68 -19.86
C ARG I 157 -27.06 -22.37 -20.60
N GLY I 158 -26.09 -22.20 -21.48
CA GLY I 158 -25.81 -20.91 -22.08
C GLY I 158 -25.82 -21.00 -23.59
N LEU I 159 -26.19 -19.90 -24.23
CA LEU I 159 -26.13 -19.81 -25.68
C LEU I 159 -25.68 -18.42 -26.02
N PHE I 160 -24.58 -18.31 -26.75
CA PHE I 160 -23.94 -17.03 -27.04
C PHE I 160 -23.77 -16.90 -28.54
N ILE I 161 -24.27 -15.83 -29.11
CA ILE I 161 -24.15 -15.62 -30.55
C ILE I 161 -23.09 -14.55 -30.80
N ILE I 162 -21.93 -14.99 -31.27
CA ILE I 162 -20.80 -14.14 -31.59
C ILE I 162 -20.93 -13.70 -33.04
N ASP I 163 -20.83 -12.40 -33.28
CA ASP I 163 -20.77 -11.85 -34.62
C ASP I 163 -19.49 -12.33 -35.31
N LYS I 164 -19.53 -12.38 -36.65
CA LYS I 164 -18.36 -12.77 -37.42
C LYS I 164 -17.29 -11.69 -37.47
N LYS I 165 -17.53 -10.52 -36.88
CA LYS I 165 -16.47 -9.60 -36.48
C LYS I 165 -15.80 -10.02 -35.19
N GLY I 166 -16.29 -11.07 -34.54
CA GLY I 166 -15.70 -11.57 -33.31
C GLY I 166 -16.34 -11.05 -32.04
N ILE I 167 -17.21 -10.06 -32.12
CA ILE I 167 -17.87 -9.49 -30.95
C ILE I 167 -19.10 -10.32 -30.60
N LEU I 168 -19.45 -10.31 -29.33
CA LEU I 168 -20.66 -10.99 -28.89
C LEU I 168 -21.86 -10.14 -29.28
N ARG I 169 -23.01 -10.77 -29.44
CA ARG I 169 -24.19 -9.98 -29.79
C ARG I 169 -25.39 -10.43 -28.97
N HIS I 170 -25.36 -11.67 -28.52
CA HIS I 170 -26.50 -12.30 -27.88
C HIS I 170 -26.01 -13.23 -26.80
N SER I 171 -26.74 -13.27 -25.70
CA SER I 171 -26.30 -13.96 -24.49
C SER I 171 -27.55 -14.51 -23.84
N THR I 172 -27.88 -15.77 -24.12
CA THR I 172 -28.99 -16.45 -23.47
C THR I 172 -28.40 -17.41 -22.45
N ILE I 173 -28.58 -17.10 -21.17
CA ILE I 173 -28.05 -17.93 -20.12
C ILE I 173 -29.23 -18.43 -19.31
N ASN I 174 -29.37 -19.75 -19.22
CA ASN I 174 -30.37 -20.39 -18.39
C ASN I 174 -29.70 -21.00 -17.17
N ASP I 175 -30.43 -21.03 -16.06
CA ASP I 175 -30.01 -21.88 -14.97
C ASP I 175 -30.33 -23.32 -15.33
N LEU I 176 -29.61 -24.26 -14.69
CA LEU I 176 -29.49 -25.67 -15.03
C LEU I 176 -30.75 -26.47 -15.39
N PRO I 177 -31.98 -26.19 -14.85
CA PRO I 177 -33.16 -26.91 -15.36
C PRO I 177 -33.52 -26.69 -16.82
N VAL I 178 -33.74 -25.44 -17.23
CA VAL I 178 -34.45 -25.14 -18.46
C VAL I 178 -33.51 -25.16 -19.65
N GLY I 179 -33.78 -26.03 -20.60
CA GLY I 179 -32.92 -26.15 -21.76
C GLY I 179 -33.24 -25.13 -22.82
N ARG I 180 -32.26 -24.92 -23.70
CA ARG I 180 -32.41 -24.00 -24.81
C ARG I 180 -33.25 -24.60 -25.92
N ASN I 181 -33.80 -23.73 -26.73
CA ASN I 181 -34.63 -24.11 -27.86
C ASN I 181 -33.90 -23.74 -29.14
N VAL I 182 -34.18 -24.49 -30.21
CA VAL I 182 -33.46 -24.28 -31.46
C VAL I 182 -34.13 -23.24 -32.35
N ASP I 183 -35.46 -23.14 -32.33
CA ASP I 183 -36.12 -22.10 -33.12
C ASP I 183 -35.87 -20.72 -32.54
N GLU I 184 -35.66 -20.63 -31.22
CA GLU I 184 -35.28 -19.37 -30.61
C GLU I 184 -33.91 -18.92 -31.09
N ALA I 185 -32.95 -19.84 -31.11
CA ALA I 185 -31.59 -19.53 -31.56
C ALA I 185 -31.56 -19.21 -33.03
N LEU I 186 -32.38 -19.90 -33.83
CA LEU I 186 -32.45 -19.61 -35.26
C LEU I 186 -33.10 -18.26 -35.53
N ARG I 187 -34.13 -17.90 -34.76
CA ARG I 187 -34.77 -16.59 -34.94
C ARG I 187 -33.82 -15.46 -34.59
N VAL I 188 -33.15 -15.57 -33.44
CA VAL I 188 -32.24 -14.51 -33.02
C VAL I 188 -31.03 -14.44 -33.95
N LEU I 189 -30.53 -15.62 -34.34
CA LEU I 189 -29.38 -15.76 -35.21
C LEU I 189 -29.61 -15.04 -36.49
N GLU I 190 -30.64 -15.46 -37.21
CA GLU I 190 -31.04 -14.85 -38.46
C GLU I 190 -31.06 -13.35 -38.24
N ALA I 191 -32.06 -12.91 -37.47
CA ALA I 191 -32.27 -11.53 -37.09
C ALA I 191 -30.99 -10.75 -36.97
N PHE I 192 -29.97 -11.36 -36.40
CA PHE I 192 -28.69 -10.70 -36.28
C PHE I 192 -28.14 -10.65 -37.70
N GLN I 193 -28.45 -11.67 -38.49
CA GLN I 193 -27.98 -11.75 -39.87
C GLN I 193 -28.60 -10.65 -40.73
N TYR I 194 -29.93 -10.53 -40.68
CA TYR I 194 -30.64 -9.47 -41.40
C TYR I 194 -30.26 -8.08 -40.91
N ALA I 195 -30.00 -7.90 -39.62
CA ALA I 195 -29.67 -6.59 -39.12
C ALA I 195 -28.23 -6.22 -39.40
N ASP I 196 -27.34 -7.21 -39.50
CA ASP I 196 -25.97 -6.94 -39.90
C ASP I 196 -25.87 -6.71 -41.40
N GLU I 197 -26.80 -7.28 -42.17
CA GLU I 197 -26.91 -6.92 -43.58
C GLU I 197 -27.41 -5.49 -43.73
N ASN I 198 -28.64 -5.22 -43.29
CA ASN I 198 -29.26 -3.92 -43.52
C ASN I 198 -29.13 -2.96 -42.34
N GLY I 199 -29.71 -3.30 -41.19
CA GLY I 199 -29.73 -2.39 -40.06
C GLY I 199 -30.48 -2.95 -38.85
N THR J 35 -14.47 18.96 -11.01
CA THR J 35 -15.54 19.03 -12.00
C THR J 35 -15.31 20.19 -12.96
N ALA J 36 -16.08 21.27 -12.80
CA ALA J 36 -15.98 22.45 -13.66
C ALA J 36 -15.72 23.66 -12.76
N THR J 37 -14.45 23.91 -12.48
CA THR J 37 -14.07 25.12 -11.76
C THR J 37 -14.26 26.31 -12.68
N VAL J 38 -14.55 27.47 -12.10
CA VAL J 38 -14.76 28.67 -12.90
C VAL J 38 -13.48 29.12 -13.58
N ARG J 39 -12.46 29.49 -12.80
CA ARG J 39 -11.26 30.12 -13.36
C ARG J 39 -10.38 29.13 -14.17
N GLU J 40 -10.73 27.85 -14.19
CA GLU J 40 -10.05 26.83 -14.96
C GLU J 40 -10.75 26.66 -16.31
N ALA J 41 -10.33 25.64 -17.05
CA ALA J 41 -10.88 25.37 -18.37
C ALA J 41 -12.18 24.60 -18.25
N ALA J 42 -13.15 24.97 -19.07
CA ALA J 42 -14.43 24.27 -19.07
C ALA J 42 -14.24 22.87 -19.64
N PRO J 43 -14.92 21.87 -19.09
CA PRO J 43 -14.85 20.54 -19.68
C PRO J 43 -15.58 20.48 -21.01
N GLN J 44 -15.12 19.60 -21.87
CA GLN J 44 -15.66 19.47 -23.21
C GLN J 44 -17.03 18.81 -23.15
N PHE J 45 -17.95 19.26 -23.99
CA PHE J 45 -19.20 18.56 -24.18
C PHE J 45 -19.37 18.18 -25.64
N SER J 46 -20.01 17.03 -25.87
CA SER J 46 -20.14 16.46 -27.20
C SER J 46 -21.28 15.46 -27.18
N GLY J 47 -22.24 15.63 -28.07
CA GLY J 47 -23.32 14.66 -28.13
C GLY J 47 -24.34 15.05 -29.17
N GLN J 48 -25.36 14.22 -29.27
CA GLN J 48 -26.41 14.39 -30.26
C GLN J 48 -27.40 15.44 -29.75
N ALA J 49 -27.42 16.59 -30.39
CA ALA J 49 -28.34 17.65 -30.01
C ALA J 49 -29.56 17.61 -30.92
N VAL J 50 -30.48 18.54 -30.70
CA VAL J 50 -31.63 18.74 -31.57
C VAL J 50 -31.61 20.20 -32.00
N VAL J 51 -31.25 20.45 -33.25
CA VAL J 51 -31.28 21.79 -33.84
C VAL J 51 -32.25 21.75 -35.00
N ASN J 52 -33.27 22.60 -34.93
CA ASN J 52 -34.25 22.83 -35.99
C ASN J 52 -35.02 21.58 -36.36
N GLY J 53 -35.20 20.68 -35.40
CA GLY J 53 -36.05 19.52 -35.59
C GLY J 53 -35.36 18.26 -36.03
N ALA J 54 -34.06 18.14 -35.80
CA ALA J 54 -33.33 16.94 -36.19
C ALA J 54 -32.06 16.82 -35.36
N ILE J 55 -31.47 15.63 -35.43
CA ILE J 55 -30.32 15.27 -34.62
C ILE J 55 -29.05 15.65 -35.36
N LYS J 56 -28.13 16.35 -34.67
CA LYS J 56 -26.99 16.95 -35.35
C LYS J 56 -25.62 16.51 -34.87
N ASP J 57 -25.51 15.84 -33.71
CA ASP J 57 -24.26 15.25 -33.19
C ASP J 57 -23.17 16.32 -33.01
N ILE J 58 -23.44 17.22 -32.07
CA ILE J 58 -22.72 18.48 -31.94
C ILE J 58 -21.64 18.38 -30.88
N ASN J 59 -20.43 18.81 -31.23
CA ASN J 59 -19.31 18.96 -30.33
C ASN J 59 -19.24 20.41 -29.85
N MET J 60 -18.53 20.60 -28.74
CA MET J 60 -18.22 21.94 -28.23
C MET J 60 -17.42 22.75 -29.23
N ASN J 61 -16.52 22.07 -29.95
CA ASN J 61 -15.62 22.69 -30.93
C ASN J 61 -16.35 23.26 -32.14
N ASP J 62 -17.62 22.91 -32.34
CA ASP J 62 -18.43 23.58 -33.36
C ASP J 62 -18.63 25.05 -33.05
N TYR J 63 -18.51 25.46 -31.79
CA TYR J 63 -18.78 26.84 -31.40
C TYR J 63 -17.51 27.52 -30.88
N LYS J 64 -16.37 27.15 -31.44
CA LYS J 64 -15.10 27.82 -31.13
C LYS J 64 -15.12 29.26 -31.63
N GLY J 65 -14.60 30.16 -30.81
CA GLY J 65 -14.69 31.57 -31.10
C GLY J 65 -15.93 32.24 -30.58
N LYS J 66 -16.80 31.50 -29.89
CA LYS J 66 -17.99 32.03 -29.25
C LYS J 66 -17.93 31.78 -27.75
N TYR J 67 -18.54 32.68 -26.99
CA TYR J 67 -18.96 32.34 -25.64
C TYR J 67 -19.98 31.22 -25.71
N ILE J 68 -19.95 30.33 -24.73
CA ILE J 68 -20.94 29.26 -24.64
C ILE J 68 -21.78 29.53 -23.41
N VAL J 69 -23.09 29.40 -23.54
CA VAL J 69 -24.01 29.45 -22.41
C VAL J 69 -24.61 28.05 -22.32
N LEU J 70 -23.99 27.22 -21.48
CA LEU J 70 -24.37 25.83 -21.33
C LEU J 70 -25.48 25.76 -20.28
N PHE J 71 -26.68 25.39 -20.70
CA PHE J 71 -27.89 25.65 -19.95
C PHE J 71 -28.60 24.34 -19.62
N PHE J 72 -28.28 23.79 -18.46
CA PHE J 72 -28.86 22.54 -17.99
C PHE J 72 -30.27 22.78 -17.47
N TYR J 73 -31.25 22.11 -18.07
CA TYR J 73 -32.56 21.93 -17.49
C TYR J 73 -32.71 20.46 -17.07
N PRO J 74 -33.53 20.14 -16.04
CA PRO J 74 -33.43 18.82 -15.41
C PRO J 74 -33.88 17.61 -16.22
N MET J 75 -35.12 17.61 -16.73
CA MET J 75 -35.59 16.52 -17.55
C MET J 75 -36.69 17.00 -18.49
N ASP J 76 -37.02 16.15 -19.48
CA ASP J 76 -38.04 16.41 -20.49
C ASP J 76 -39.42 16.09 -19.99
N PHE J 77 -40.42 16.63 -20.71
CA PHE J 77 -41.84 16.29 -20.59
C PHE J 77 -42.40 16.52 -19.20
N THR J 78 -41.84 17.48 -18.47
CA THR J 78 -42.23 17.68 -17.09
C THR J 78 -43.64 18.24 -17.00
N PHE J 79 -44.23 18.11 -15.81
CA PHE J 79 -45.60 18.57 -15.61
C PHE J 79 -45.66 20.09 -15.57
N VAL J 80 -44.59 20.72 -15.09
CA VAL J 80 -44.49 22.17 -15.17
C VAL J 80 -44.25 22.59 -16.60
N CYS J 81 -44.71 23.80 -16.93
CA CYS J 81 -44.51 24.32 -18.28
C CYS J 81 -43.04 24.71 -18.46
N PRO J 82 -42.44 24.35 -19.60
CA PRO J 82 -41.02 24.67 -19.80
C PRO J 82 -40.78 26.15 -20.03
N THR J 83 -40.83 26.94 -18.97
CA THR J 83 -40.83 28.39 -19.13
C THR J 83 -39.45 28.92 -19.49
N GLU J 84 -38.40 28.39 -18.85
CA GLU J 84 -37.07 28.99 -19.01
C GLU J 84 -36.44 28.62 -20.35
N ILE J 85 -36.65 27.40 -20.84
CA ILE J 85 -36.07 27.03 -22.13
C ILE J 85 -36.81 27.66 -23.31
N ILE J 86 -38.13 27.82 -23.22
CA ILE J 86 -38.84 28.62 -24.20
C ILE J 86 -38.42 30.09 -24.10
N ALA J 87 -38.16 30.56 -22.88
CA ALA J 87 -37.70 31.94 -22.70
C ALA J 87 -36.27 32.15 -23.19
N PHE J 88 -35.48 31.08 -23.33
CA PHE J 88 -34.18 31.26 -23.98
C PHE J 88 -34.29 31.11 -25.49
N SER J 89 -35.14 30.19 -25.97
CA SER J 89 -35.26 29.96 -27.39
C SER J 89 -35.93 31.13 -28.09
N ASP J 90 -36.85 31.82 -27.40
CA ASP J 90 -37.48 32.99 -28.01
C ASP J 90 -36.53 34.18 -28.01
N ARG J 91 -35.60 34.23 -27.06
CA ARG J 91 -34.63 35.30 -26.93
C ARG J 91 -33.28 34.91 -27.52
N HIS J 92 -33.27 34.04 -28.53
CA HIS J 92 -32.02 33.55 -29.10
C HIS J 92 -31.28 34.60 -29.90
N ALA J 93 -32.00 35.62 -30.40
CA ALA J 93 -31.36 36.71 -31.13
C ALA J 93 -30.45 37.52 -30.21
N ASP J 94 -30.85 37.68 -28.95
CA ASP J 94 -30.04 38.39 -27.97
C ASP J 94 -28.76 37.63 -27.62
N PHE J 95 -28.71 36.34 -27.92
CA PHE J 95 -27.47 35.58 -27.75
C PHE J 95 -26.69 35.50 -29.05
N GLU J 96 -27.36 35.58 -30.20
CA GLU J 96 -26.64 35.67 -31.46
C GLU J 96 -25.94 37.02 -31.60
N LYS J 97 -26.50 38.07 -31.00
CA LYS J 97 -25.88 39.38 -31.04
C LYS J 97 -24.66 39.52 -30.13
N LEU J 98 -24.58 38.73 -29.06
CA LEU J 98 -23.45 38.82 -28.12
C LEU J 98 -22.40 37.75 -28.38
N ASN J 99 -22.41 37.13 -29.56
CA ASN J 99 -21.40 36.19 -30.04
C ASN J 99 -21.31 34.97 -29.12
N THR J 100 -22.46 34.42 -28.80
CA THR J 100 -22.54 33.29 -27.89
C THR J 100 -23.57 32.31 -28.39
N GLN J 101 -23.48 31.09 -27.88
CA GLN J 101 -24.44 30.05 -28.25
C GLN J 101 -24.97 29.40 -26.99
N VAL J 102 -26.29 29.37 -26.86
CA VAL J 102 -26.95 28.73 -25.73
C VAL J 102 -27.19 27.26 -26.08
N VAL J 103 -26.54 26.37 -25.36
CA VAL J 103 -26.64 24.94 -25.57
C VAL J 103 -27.46 24.39 -24.42
N ALA J 104 -28.75 24.19 -24.61
CA ALA J 104 -29.60 23.62 -23.57
C ALA J 104 -29.34 22.14 -23.44
N VAL J 105 -28.93 21.70 -22.26
CA VAL J 105 -28.56 20.31 -22.02
C VAL J 105 -29.59 19.70 -21.09
N SER J 106 -29.89 18.43 -21.32
CA SER J 106 -30.58 17.63 -20.32
C SER J 106 -29.95 16.24 -20.35
N CYS J 107 -30.19 15.47 -19.30
CA CYS J 107 -29.68 14.11 -19.24
C CYS J 107 -30.59 13.11 -19.93
N ASP J 108 -31.51 13.58 -20.74
CA ASP J 108 -32.44 12.74 -21.46
C ASP J 108 -31.87 12.42 -22.83
N SER J 109 -32.40 11.36 -23.45
CA SER J 109 -31.92 10.95 -24.74
C SER J 109 -32.49 11.84 -25.84
N VAL J 110 -31.80 11.85 -26.97
CA VAL J 110 -32.10 12.78 -28.06
C VAL J 110 -33.43 12.48 -28.73
N TYR J 111 -33.96 11.28 -28.54
CA TYR J 111 -35.29 10.97 -29.06
C TYR J 111 -36.38 11.62 -28.22
N SER J 112 -36.16 11.74 -26.91
CA SER J 112 -37.10 12.50 -26.08
C SER J 112 -37.02 13.99 -26.36
N HIS J 113 -35.80 14.50 -26.60
CA HIS J 113 -35.61 15.89 -26.98
C HIS J 113 -36.31 16.21 -28.28
N LEU J 114 -36.10 15.36 -29.29
CA LEU J 114 -36.80 15.51 -30.57
C LEU J 114 -38.30 15.30 -30.40
N ALA J 115 -38.71 14.54 -29.39
CA ALA J 115 -40.11 14.27 -29.16
C ALA J 115 -40.84 15.48 -28.58
N TRP J 116 -40.22 16.19 -27.64
CA TRP J 116 -40.95 17.29 -27.02
C TRP J 116 -40.56 18.63 -27.60
N VAL J 117 -39.56 18.70 -28.47
CA VAL J 117 -39.50 19.82 -29.40
C VAL J 117 -40.65 19.70 -30.40
N ASN J 118 -40.93 18.48 -30.87
CA ASN J 118 -42.03 18.26 -31.81
C ASN J 118 -43.40 18.18 -31.11
N THR J 119 -43.44 18.24 -29.80
CA THR J 119 -44.73 18.36 -29.13
C THR J 119 -45.20 19.80 -29.20
N PRO J 120 -46.46 20.05 -29.60
CA PRO J 120 -46.95 21.42 -29.68
C PRO J 120 -47.01 22.09 -28.32
N ARG J 121 -46.78 23.40 -28.32
CA ARG J 121 -46.52 24.15 -27.09
C ARG J 121 -47.77 24.26 -26.21
N LYS J 122 -48.96 24.18 -26.79
CA LYS J 122 -50.18 24.17 -26.00
C LYS J 122 -50.42 22.84 -25.29
N LYS J 123 -49.71 21.77 -25.68
CA LYS J 123 -49.78 20.49 -25.02
C LYS J 123 -48.66 20.29 -24.01
N GLY J 124 -48.16 21.38 -23.43
CA GLY J 124 -47.06 21.31 -22.49
C GLY J 124 -45.70 21.14 -23.10
N GLY J 125 -45.58 21.23 -24.42
CA GLY J 125 -44.34 20.98 -25.11
C GLY J 125 -43.60 22.25 -25.47
N LEU J 126 -42.52 22.08 -26.22
CA LEU J 126 -41.67 23.21 -26.57
C LEU J 126 -42.21 23.95 -27.79
N GLY J 127 -42.45 23.23 -28.89
CA GLY J 127 -42.91 23.88 -30.09
C GLY J 127 -41.74 24.32 -30.96
N GLU J 128 -41.59 25.63 -31.15
CA GLU J 128 -40.41 26.15 -31.83
C GLU J 128 -39.25 26.18 -30.85
N MET J 129 -38.14 25.55 -31.20
CA MET J 129 -36.97 25.50 -30.33
C MET J 129 -35.75 25.91 -31.16
N HIS J 130 -35.11 27.02 -30.79
CA HIS J 130 -34.10 27.66 -31.62
C HIS J 130 -32.71 27.61 -31.00
N ILE J 131 -32.45 26.60 -30.19
CA ILE J 131 -31.12 26.39 -29.58
C ILE J 131 -30.82 24.91 -29.61
N PRO J 132 -29.53 24.53 -29.56
CA PRO J 132 -29.18 23.09 -29.49
C PRO J 132 -29.66 22.44 -28.20
N VAL J 133 -30.60 21.51 -28.33
CA VAL J 133 -31.13 20.77 -27.20
C VAL J 133 -30.25 19.53 -27.07
N LEU J 134 -29.18 19.64 -26.29
CA LEU J 134 -28.16 18.60 -26.25
C LEU J 134 -28.54 17.45 -25.32
N ALA J 135 -28.35 16.22 -25.79
CA ALA J 135 -28.70 15.02 -25.07
C ALA J 135 -27.50 14.45 -24.34
N ASP J 136 -27.50 14.58 -23.03
CA ASP J 136 -26.46 14.03 -22.19
C ASP J 136 -26.96 12.72 -21.58
N LYS J 137 -27.25 11.75 -22.45
CA LYS J 137 -27.89 10.52 -21.98
C LYS J 137 -26.94 9.69 -21.13
N SER J 138 -25.65 9.71 -21.43
CA SER J 138 -24.66 9.06 -20.59
C SER J 138 -24.33 9.85 -19.34
N MET J 139 -24.85 11.09 -19.22
CA MET J 139 -24.70 11.98 -18.07
C MET J 139 -23.24 12.31 -17.81
N GLU J 140 -22.45 12.40 -18.87
CA GLU J 140 -21.04 12.77 -18.81
C GLU J 140 -20.83 14.26 -18.85
N ILE J 141 -21.71 15.00 -19.52
CA ILE J 141 -21.62 16.45 -19.54
C ILE J 141 -22.12 17.03 -18.23
N ALA J 142 -23.23 16.50 -17.72
CA ALA J 142 -23.75 16.96 -16.43
C ALA J 142 -22.88 16.56 -15.27
N ARG J 143 -22.10 15.49 -15.41
CA ARG J 143 -21.17 15.13 -14.35
C ARG J 143 -19.95 16.03 -14.36
N ASP J 144 -19.46 16.34 -15.55
CA ASP J 144 -18.30 17.22 -15.71
C ASP J 144 -18.61 18.66 -15.34
N TYR J 145 -19.85 19.07 -15.42
CA TYR J 145 -20.26 20.41 -15.01
C TYR J 145 -20.83 20.47 -13.62
N GLY J 146 -20.69 19.39 -12.83
CA GLY J 146 -21.09 19.38 -11.45
C GLY J 146 -22.56 19.55 -11.17
N VAL J 147 -23.41 19.51 -12.19
CA VAL J 147 -24.85 19.69 -11.99
C VAL J 147 -25.60 18.38 -12.00
N LEU J 148 -24.93 17.24 -12.20
CA LEU J 148 -25.61 15.95 -12.19
C LEU J 148 -26.06 15.60 -10.79
N ILE J 149 -27.34 15.30 -10.65
CA ILE J 149 -27.88 14.75 -9.41
C ILE J 149 -27.77 13.24 -9.59
N GLU J 150 -26.73 12.65 -9.00
CA GLU J 150 -26.34 11.28 -9.33
C GLU J 150 -27.36 10.26 -8.85
N GLU J 151 -28.07 10.59 -7.77
CA GLU J 151 -29.07 9.68 -7.22
C GLU J 151 -30.29 9.58 -8.13
N SER J 152 -30.65 10.64 -8.83
CA SER J 152 -31.84 10.64 -9.67
C SER J 152 -31.52 10.75 -11.15
N GLY J 153 -30.25 10.93 -11.50
CA GLY J 153 -29.86 10.89 -12.89
C GLY J 153 -30.25 12.08 -13.71
N ILE J 154 -30.58 13.20 -13.07
CA ILE J 154 -30.95 14.40 -13.80
C ILE J 154 -29.95 15.50 -13.49
N ALA J 155 -30.07 16.62 -14.18
CA ALA J 155 -29.17 17.74 -14.00
C ALA J 155 -29.81 18.79 -13.11
N LEU J 156 -28.98 19.48 -12.32
CA LEU J 156 -29.41 20.69 -11.66
C LEU J 156 -29.71 21.77 -12.69
N ARG J 157 -30.58 22.71 -12.33
CA ARG J 157 -30.81 23.85 -13.20
C ARG J 157 -29.56 24.72 -13.22
N GLY J 158 -28.79 24.61 -14.28
CA GLY J 158 -27.46 25.18 -14.32
C GLY J 158 -27.30 26.08 -15.51
N LEU J 159 -26.45 27.10 -15.37
CA LEU J 159 -26.12 27.96 -16.49
C LEU J 159 -24.65 28.30 -16.35
N PHE J 160 -23.88 27.99 -17.38
CA PHE J 160 -22.43 28.11 -17.36
C PHE J 160 -21.99 28.94 -18.55
N ILE J 161 -21.25 30.01 -18.30
CA ILE J 161 -20.76 30.85 -19.38
C ILE J 161 -19.28 30.58 -19.59
N ILE J 162 -18.99 29.89 -20.68
CA ILE J 162 -17.64 29.54 -21.09
C ILE J 162 -17.10 30.67 -21.97
N ASP J 163 -15.91 31.16 -21.63
CA ASP J 163 -15.20 32.11 -22.48
C ASP J 163 -14.83 31.45 -23.81
N LYS J 164 -14.68 32.28 -24.84
CA LYS J 164 -14.29 31.77 -26.15
C LYS J 164 -12.81 31.39 -26.23
N LYS J 165 -12.05 31.57 -25.15
CA LYS J 165 -10.80 30.86 -24.93
C LYS J 165 -11.02 29.45 -24.42
N GLY J 166 -12.26 29.06 -24.14
CA GLY J 166 -12.58 27.73 -23.67
C GLY J 166 -12.67 27.58 -22.17
N ILE J 167 -12.28 28.58 -21.41
CA ILE J 167 -12.32 28.53 -19.95
C ILE J 167 -13.70 28.94 -19.48
N LEU J 168 -14.09 28.41 -18.32
CA LEU J 168 -15.35 28.81 -17.71
C LEU J 168 -15.18 30.19 -17.09
N ARG J 169 -16.28 30.92 -16.95
CA ARG J 169 -16.16 32.23 -16.33
C ARG J 169 -17.28 32.47 -15.34
N HIS J 170 -18.39 31.78 -15.54
CA HIS J 170 -19.61 32.00 -14.78
C HIS J 170 -20.32 30.68 -14.57
N SER J 171 -20.91 30.53 -13.40
CA SER J 171 -21.45 29.25 -12.96
C SER J 171 -22.67 29.58 -12.11
N THR J 172 -23.85 29.59 -12.73
CA THR J 172 -25.11 29.78 -12.01
C THR J 172 -25.77 28.41 -11.90
N ILE J 173 -25.82 27.86 -10.69
CA ILE J 173 -26.43 26.57 -10.47
C ILE J 173 -27.58 26.76 -9.51
N ASN J 174 -28.77 26.39 -9.95
CA ASN J 174 -29.96 26.40 -9.12
C ASN J 174 -30.33 24.98 -8.75
N ASP J 175 -30.90 24.82 -7.57
CA ASP J 175 -31.58 23.58 -7.27
C ASP J 175 -32.91 23.56 -8.04
N LEU J 176 -33.42 22.35 -8.27
CA LEU J 176 -34.51 22.01 -9.19
C LEU J 176 -35.78 22.89 -9.23
N PRO J 177 -36.25 23.54 -8.12
CA PRO J 177 -37.37 24.47 -8.29
C PRO J 177 -37.14 25.69 -9.16
N VAL J 178 -36.13 26.50 -8.84
CA VAL J 178 -36.05 27.87 -9.34
C VAL J 178 -35.39 27.90 -10.70
N GLY J 179 -36.11 28.40 -11.69
CA GLY J 179 -35.58 28.45 -13.03
C GLY J 179 -34.70 29.66 -13.26
N ARG J 180 -33.89 29.55 -14.32
CA ARG J 180 -33.00 30.63 -14.71
C ARG J 180 -33.76 31.72 -15.44
N ASN J 181 -33.18 32.91 -15.44
CA ASN J 181 -33.73 34.07 -16.10
C ASN J 181 -32.84 34.45 -17.27
N VAL J 182 -33.44 35.06 -18.29
CA VAL J 182 -32.69 35.35 -19.50
C VAL J 182 -32.02 36.72 -19.43
N ASP J 183 -32.62 37.71 -18.76
CA ASP J 183 -31.95 39.00 -18.62
C ASP J 183 -30.76 38.91 -17.70
N GLU J 184 -30.78 37.98 -16.74
CA GLU J 184 -29.62 37.74 -15.89
C GLU J 184 -28.46 37.19 -16.70
N ALA J 185 -28.75 36.21 -17.56
CA ALA J 185 -27.72 35.59 -18.40
C ALA J 185 -27.19 36.59 -19.42
N LEU J 186 -28.06 37.44 -19.96
CA LEU J 186 -27.62 38.45 -20.91
C LEU J 186 -26.77 39.52 -20.23
N ARG J 187 -27.12 39.92 -19.00
CA ARG J 187 -26.32 40.91 -18.28
C ARG J 187 -24.94 40.38 -17.97
N VAL J 188 -24.86 39.15 -17.43
CA VAL J 188 -23.58 38.58 -17.07
C VAL J 188 -22.75 38.30 -18.32
N LEU J 189 -23.42 37.79 -19.36
CA LEU J 189 -22.81 37.44 -20.63
C LEU J 189 -22.11 38.62 -21.21
N GLU J 190 -22.88 39.68 -21.47
CA GLU J 190 -22.35 40.92 -21.99
C GLU J 190 -21.14 41.29 -21.16
N ALA J 191 -21.41 41.68 -19.92
CA ALA J 191 -20.42 42.05 -18.93
C ALA J 191 -19.13 41.29 -19.09
N PHE J 192 -19.21 40.01 -19.38
CA PHE J 192 -18.02 39.23 -19.60
C PHE J 192 -17.46 39.70 -20.94
N GLN J 193 -18.36 40.09 -21.85
CA GLN J 193 -17.95 40.56 -23.16
C GLN J 193 -17.20 41.89 -23.07
N TYR J 194 -17.79 42.86 -22.36
CA TYR J 194 -17.15 44.16 -22.14
C TYR J 194 -15.86 44.04 -21.34
N ALA J 195 -15.80 43.12 -20.38
CA ALA J 195 -14.59 42.98 -19.58
C ALA J 195 -13.49 42.24 -20.31
N ASP J 196 -13.86 41.33 -21.22
CA ASP J 196 -12.86 40.68 -22.05
C ASP J 196 -12.38 41.59 -23.16
N GLU J 197 -13.21 42.55 -23.57
CA GLU J 197 -12.73 43.61 -24.45
C GLU J 197 -11.76 44.52 -23.73
N ASN J 198 -12.23 45.24 -22.70
CA ASN J 198 -11.41 46.23 -22.03
C ASN J 198 -10.73 45.73 -20.77
N GLY J 199 -11.50 45.34 -19.75
CA GLY J 199 -10.94 44.96 -18.47
C GLY J 199 -11.97 44.58 -17.44
#